data_8THA
# 
_entry.id   8THA 
# 
_audit_conform.dict_name       mmcif_pdbx.dic 
_audit_conform.dict_version    5.377 
_audit_conform.dict_location   http://mmcif.pdb.org/dictionaries/ascii/mmcif_pdbx.dic 
# 
loop_
_database_2.database_id 
_database_2.database_code 
_database_2.pdbx_database_accession 
_database_2.pdbx_DOI 
PDB   8THA         pdb_00008tha 10.2210/pdb8tha/pdb 
WWPDB D_1000275809 ?            ?                   
# 
_pdbx_database_status.status_code                     REL 
_pdbx_database_status.status_code_sf                  REL 
_pdbx_database_status.status_code_mr                  ? 
_pdbx_database_status.entry_id                        8THA 
_pdbx_database_status.recvd_initial_deposition_date   2023-07-14 
_pdbx_database_status.SG_entry                        N 
_pdbx_database_status.deposit_site                    RCSB 
_pdbx_database_status.process_site                    RCSB 
_pdbx_database_status.status_code_cs                  ? 
_pdbx_database_status.status_code_nmr_data            ? 
_pdbx_database_status.methods_development_category    ? 
_pdbx_database_status.pdb_format_compatible           Y 
# 
loop_
_audit_author.name 
_audit_author.pdbx_ordinal 
_audit_author.identifier_ORCID 
'Smith, C.P.'        1 0009-0007-0142-893X 
'Wilson, E.W.'       2 0000-0001-5009-2685 
'Pedroza Romo, M.J.' 3 0000-0002-7441-3874 
'Averett, J.C.'      4 0000-0002-2287-1590 
'Moody, J.D.'        5 0000-0003-2266-5348 
# 
_citation.abstract                  ? 
_citation.abstract_id_CAS           ? 
_citation.book_id_ISBN              ? 
_citation.book_publisher            ? 
_citation.book_publisher_city       ? 
_citation.book_title                ? 
_citation.coordinate_linkage        ? 
_citation.country                   ? 
_citation.database_id_Medline       ? 
_citation.details                   ? 
_citation.id                        primary 
_citation.journal_abbrev            'To Be Published' 
_citation.journal_id_ASTM           ? 
_citation.journal_id_CSD            0353 
_citation.journal_id_ISSN           ? 
_citation.journal_full              ? 
_citation.journal_issue             ? 
_citation.journal_volume            ? 
_citation.language                  ? 
_citation.page_first                ? 
_citation.page_last                 ? 
_citation.title                     '1TEL, non-compressed, double-helical crystal form' 
_citation.year                      ? 
_citation.database_id_CSD           ? 
_citation.pdbx_database_id_DOI      ? 
_citation.pdbx_database_id_PubMed   ? 
_citation.pdbx_database_id_patent   ? 
_citation.unpublished_flag          ? 
# 
loop_
_citation_author.citation_id 
_citation_author.name 
_citation_author.ordinal 
_citation_author.identifier_ORCID 
primary 'Smith, C.P.'        1 0009-0007-0142-893X 
primary 'Wilson, E.W.'       2 0000-0001-5009-2685 
primary 'Pedroza Romo, M.J.' 3 0000-0002-7441-3874 
primary 'Averett, J.C.'      4 0000-0002-2287-1590 
primary 'Moody, J.D.'        5 ?                   
# 
_cell.angle_alpha                  90.000 
_cell.angle_alpha_esd              ? 
_cell.angle_beta                   90.000 
_cell.angle_beta_esd               ? 
_cell.angle_gamma                  120.000 
_cell.angle_gamma_esd              ? 
_cell.entry_id                     8THA 
_cell.details                      ? 
_cell.formula_units_Z              ? 
_cell.length_a                     69.163 
_cell.length_a_esd                 ? 
_cell.length_b                     69.163 
_cell.length_b_esd                 ? 
_cell.length_c                     29.131 
_cell.length_c_esd                 ? 
_cell.volume                       120679.547 
_cell.volume_esd                   ? 
_cell.Z_PDB                        6 
_cell.reciprocal_angle_alpha       ? 
_cell.reciprocal_angle_beta        ? 
_cell.reciprocal_angle_gamma       ? 
_cell.reciprocal_angle_alpha_esd   ? 
_cell.reciprocal_angle_beta_esd    ? 
_cell.reciprocal_angle_gamma_esd   ? 
_cell.reciprocal_length_a          ? 
_cell.reciprocal_length_b          ? 
_cell.reciprocal_length_c          ? 
_cell.reciprocal_length_a_esd      ? 
_cell.reciprocal_length_b_esd      ? 
_cell.reciprocal_length_c_esd      ? 
_cell.pdbx_unique_axis             ? 
_cell.pdbx_esd_method              ? 
# 
_symmetry.entry_id                         8THA 
_symmetry.cell_setting                     ? 
_symmetry.Int_Tables_number                172 
_symmetry.space_group_name_Hall            'P 64' 
_symmetry.space_group_name_H-M             'P 64' 
_symmetry.pdbx_full_space_group_name_H-M   ? 
# 
loop_
_entity.id 
_entity.type 
_entity.src_method 
_entity.pdbx_description 
_entity.formula_weight 
_entity.pdbx_number_of_molecules 
_entity.pdbx_ec 
_entity.pdbx_mutation 
_entity.pdbx_fragment 
_entity.details 
1 polymer man 'Transcription factor ETV6,Activated CDC42 kinase 1' 18886.555 1  ? V112E,R80S ? ? 
2 water   nat water                                                18.015    65 ? ?          ? ? 
# 
_entity_poly.entity_id                      1 
_entity_poly.type                           'polypeptide(L)' 
_entity_poly.nstd_linkage                   no 
_entity_poly.nstd_monomer                   no 
_entity_poly.pdbx_seq_one_letter_code       
;SIRLPAHLRLQPIYWSRDDVAQWLKWAENEFSLSPIDSNTFEMNGKALLLLTKEDFRYRSPHSGDELYELLQHILKQREA
GRPADKIQMAMVHGVTTEECQAALQCHGWSVQRAAQYLKVEQLFGLGLRPRGECHKVLEMFDWNLEQAGCHLLGSWGPAH
HKR
;
_entity_poly.pdbx_seq_one_letter_code_can   
;SIRLPAHLRLQPIYWSRDDVAQWLKWAENEFSLSPIDSNTFEMNGKALLLLTKEDFRYRSPHSGDELYELLQHILKQREA
GRPADKIQMAMVHGVTTEECQAALQCHGWSVQRAAQYLKVEQLFGLGLRPRGECHKVLEMFDWNLEQAGCHLLGSWGPAH
HKR
;
_entity_poly.pdbx_strand_id                 A 
_entity_poly.pdbx_target_identifier         ? 
# 
loop_
_entity_poly_seq.entity_id 
_entity_poly_seq.num 
_entity_poly_seq.mon_id 
_entity_poly_seq.hetero 
1 1   SER n 
1 2   ILE n 
1 3   ARG n 
1 4   LEU n 
1 5   PRO n 
1 6   ALA n 
1 7   HIS n 
1 8   LEU n 
1 9   ARG n 
1 10  LEU n 
1 11  GLN n 
1 12  PRO n 
1 13  ILE n 
1 14  TYR n 
1 15  TRP n 
1 16  SER n 
1 17  ARG n 
1 18  ASP n 
1 19  ASP n 
1 20  VAL n 
1 21  ALA n 
1 22  GLN n 
1 23  TRP n 
1 24  LEU n 
1 25  LYS n 
1 26  TRP n 
1 27  ALA n 
1 28  GLU n 
1 29  ASN n 
1 30  GLU n 
1 31  PHE n 
1 32  SER n 
1 33  LEU n 
1 34  SER n 
1 35  PRO n 
1 36  ILE n 
1 37  ASP n 
1 38  SER n 
1 39  ASN n 
1 40  THR n 
1 41  PHE n 
1 42  GLU n 
1 43  MET n 
1 44  ASN n 
1 45  GLY n 
1 46  LYS n 
1 47  ALA n 
1 48  LEU n 
1 49  LEU n 
1 50  LEU n 
1 51  LEU n 
1 52  THR n 
1 53  LYS n 
1 54  GLU n 
1 55  ASP n 
1 56  PHE n 
1 57  ARG n 
1 58  TYR n 
1 59  ARG n 
1 60  SER n 
1 61  PRO n 
1 62  HIS n 
1 63  SER n 
1 64  GLY n 
1 65  ASP n 
1 66  GLU n 
1 67  LEU n 
1 68  TYR n 
1 69  GLU n 
1 70  LEU n 
1 71  LEU n 
1 72  GLN n 
1 73  HIS n 
1 74  ILE n 
1 75  LEU n 
1 76  LYS n 
1 77  GLN n 
1 78  ARG n 
1 79  GLU n 
1 80  ALA n 
1 81  GLY n 
1 82  ARG n 
1 83  PRO n 
1 84  ALA n 
1 85  ASP n 
1 86  LYS n 
1 87  ILE n 
1 88  GLN n 
1 89  MET n 
1 90  ALA n 
1 91  MET n 
1 92  VAL n 
1 93  HIS n 
1 94  GLY n 
1 95  VAL n 
1 96  THR n 
1 97  THR n 
1 98  GLU n 
1 99  GLU n 
1 100 CYS n 
1 101 GLN n 
1 102 ALA n 
1 103 ALA n 
1 104 LEU n 
1 105 GLN n 
1 106 CYS n 
1 107 HIS n 
1 108 GLY n 
1 109 TRP n 
1 110 SER n 
1 111 VAL n 
1 112 GLN n 
1 113 ARG n 
1 114 ALA n 
1 115 ALA n 
1 116 GLN n 
1 117 TYR n 
1 118 LEU n 
1 119 LYS n 
1 120 VAL n 
1 121 GLU n 
1 122 GLN n 
1 123 LEU n 
1 124 PHE n 
1 125 GLY n 
1 126 LEU n 
1 127 GLY n 
1 128 LEU n 
1 129 ARG n 
1 130 PRO n 
1 131 ARG n 
1 132 GLY n 
1 133 GLU n 
1 134 CYS n 
1 135 HIS n 
1 136 LYS n 
1 137 VAL n 
1 138 LEU n 
1 139 GLU n 
1 140 MET n 
1 141 PHE n 
1 142 ASP n 
1 143 TRP n 
1 144 ASN n 
1 145 LEU n 
1 146 GLU n 
1 147 GLN n 
1 148 ALA n 
1 149 GLY n 
1 150 CYS n 
1 151 HIS n 
1 152 LEU n 
1 153 LEU n 
1 154 GLY n 
1 155 SER n 
1 156 TRP n 
1 157 GLY n 
1 158 PRO n 
1 159 ALA n 
1 160 HIS n 
1 161 HIS n 
1 162 LYS n 
1 163 ARG n 
# 
loop_
_entity_src_gen.entity_id 
_entity_src_gen.pdbx_src_id 
_entity_src_gen.pdbx_alt_source_flag 
_entity_src_gen.pdbx_seq_type 
_entity_src_gen.pdbx_beg_seq_num 
_entity_src_gen.pdbx_end_seq_num 
_entity_src_gen.gene_src_common_name 
_entity_src_gen.gene_src_genus 
_entity_src_gen.pdbx_gene_src_gene 
_entity_src_gen.gene_src_species 
_entity_src_gen.gene_src_strain 
_entity_src_gen.gene_src_tissue 
_entity_src_gen.gene_src_tissue_fraction 
_entity_src_gen.gene_src_details 
_entity_src_gen.pdbx_gene_src_fragment 
_entity_src_gen.pdbx_gene_src_scientific_name 
_entity_src_gen.pdbx_gene_src_ncbi_taxonomy_id 
_entity_src_gen.pdbx_gene_src_variant 
_entity_src_gen.pdbx_gene_src_cell_line 
_entity_src_gen.pdbx_gene_src_atcc 
_entity_src_gen.pdbx_gene_src_organ 
_entity_src_gen.pdbx_gene_src_organelle 
_entity_src_gen.pdbx_gene_src_cell 
_entity_src_gen.pdbx_gene_src_cellular_location 
_entity_src_gen.host_org_common_name 
_entity_src_gen.pdbx_host_org_scientific_name 
_entity_src_gen.pdbx_host_org_ncbi_taxonomy_id 
_entity_src_gen.host_org_genus 
_entity_src_gen.pdbx_host_org_gene 
_entity_src_gen.pdbx_host_org_organ 
_entity_src_gen.host_org_species 
_entity_src_gen.pdbx_host_org_tissue 
_entity_src_gen.pdbx_host_org_tissue_fraction 
_entity_src_gen.pdbx_host_org_strain 
_entity_src_gen.pdbx_host_org_variant 
_entity_src_gen.pdbx_host_org_cell_line 
_entity_src_gen.pdbx_host_org_atcc 
_entity_src_gen.pdbx_host_org_culture_collection 
_entity_src_gen.pdbx_host_org_cell 
_entity_src_gen.pdbx_host_org_organelle 
_entity_src_gen.pdbx_host_org_cellular_location 
_entity_src_gen.pdbx_host_org_vector_type 
_entity_src_gen.pdbx_host_org_vector 
_entity_src_gen.host_org_details 
_entity_src_gen.expression_system_id 
_entity_src_gen.plasmid_name 
_entity_src_gen.plasmid_details 
_entity_src_gen.pdbx_description 
1 1 sample 'Biological sequence' 1  78  human ? ETV6 ? ? ? ? ? ? 'Homo sapiens' 9606 ? ? ? ? ? ? ? ? 'Escherichia coli BL21(DE3)' 
469008 ? ? ? ? ? ? B ? ? ? ? ? ? ? Plasmid ? 'Kanamycin resistant' ? PET42_SUMO ? ? 
1 2 sample 'Biological sequence' 79 163 human ? TNK2 ? ? ? ? ? ? 'Homo sapiens' 9606 ? ? ? ? ? ? ? ? 'Escherichia coli BL21(DE3)' 
469008 ? ? ? ? ? ? B ? ? ? ? ? ? ? Plasmid ? 'Kanamycin resistant' ? PET42_SUMO ? ? 
# 
loop_
_struct_ref.id 
_struct_ref.db_name 
_struct_ref.db_code 
_struct_ref.pdbx_db_accession 
_struct_ref.pdbx_db_isoform 
_struct_ref.entity_id 
_struct_ref.pdbx_seq_one_letter_code 
_struct_ref.pdbx_align_begin 
1 UNP ETV6_HUMAN P41212 ? 1 SIRLPAHLRLQPIYWSRDDVAQWLKWAENEFSLRPIDSNTFEMNGKALLLLTKEDFRYRSPHSGDVLYELLQHILKQR           47  
2 UNP ACK1_HUMAN Q07912 ? 1 
;EAGRPADKIQMAMVHGVTTEECQAALQCHGWSVQRAAQYLKVEQLFGLGLRPRGECHKVLEMFDWNLEQAGCHLLGSWGP
AHHKR
;
954 
# 
loop_
_struct_ref_seq.align_id 
_struct_ref_seq.ref_id 
_struct_ref_seq.pdbx_PDB_id_code 
_struct_ref_seq.pdbx_strand_id 
_struct_ref_seq.seq_align_beg 
_struct_ref_seq.pdbx_seq_align_beg_ins_code 
_struct_ref_seq.seq_align_end 
_struct_ref_seq.pdbx_seq_align_end_ins_code 
_struct_ref_seq.pdbx_db_accession 
_struct_ref_seq.db_align_beg 
_struct_ref_seq.pdbx_db_align_beg_ins_code 
_struct_ref_seq.db_align_end 
_struct_ref_seq.pdbx_db_align_end_ins_code 
_struct_ref_seq.pdbx_auth_seq_align_beg 
_struct_ref_seq.pdbx_auth_seq_align_end 
1 1 8THA A 1  ? 78  ? P41212 47  ? 124  ? 2  79  
2 2 8THA A 79 ? 163 ? Q07912 954 ? 1038 ? 80 164 
# 
loop_
_struct_ref_seq_dif.align_id 
_struct_ref_seq_dif.pdbx_pdb_id_code 
_struct_ref_seq_dif.mon_id 
_struct_ref_seq_dif.pdbx_pdb_strand_id 
_struct_ref_seq_dif.seq_num 
_struct_ref_seq_dif.pdbx_pdb_ins_code 
_struct_ref_seq_dif.pdbx_seq_db_name 
_struct_ref_seq_dif.pdbx_seq_db_accession_code 
_struct_ref_seq_dif.db_mon_id 
_struct_ref_seq_dif.pdbx_seq_db_seq_num 
_struct_ref_seq_dif.details 
_struct_ref_seq_dif.pdbx_auth_seq_num 
_struct_ref_seq_dif.pdbx_ordinal 
1 8THA SER A 34 ? UNP P41212 ARG 80  'engineered mutation' 35 1 
1 8THA GLU A 66 ? UNP P41212 VAL 112 'engineered mutation' 67 2 
# 
loop_
_chem_comp.id 
_chem_comp.type 
_chem_comp.mon_nstd_flag 
_chem_comp.name 
_chem_comp.pdbx_synonyms 
_chem_comp.formula 
_chem_comp.formula_weight 
ALA 'L-peptide linking' y ALANINE         ? 'C3 H7 N O2'     89.093  
ARG 'L-peptide linking' y ARGININE        ? 'C6 H15 N4 O2 1' 175.209 
ASN 'L-peptide linking' y ASPARAGINE      ? 'C4 H8 N2 O3'    132.118 
ASP 'L-peptide linking' y 'ASPARTIC ACID' ? 'C4 H7 N O4'     133.103 
CYS 'L-peptide linking' y CYSTEINE        ? 'C3 H7 N O2 S'   121.158 
GLN 'L-peptide linking' y GLUTAMINE       ? 'C5 H10 N2 O3'   146.144 
GLU 'L-peptide linking' y 'GLUTAMIC ACID' ? 'C5 H9 N O4'     147.129 
GLY 'peptide linking'   y GLYCINE         ? 'C2 H5 N O2'     75.067  
HIS 'L-peptide linking' y HISTIDINE       ? 'C6 H10 N3 O2 1' 156.162 
HOH non-polymer         . WATER           ? 'H2 O'           18.015  
ILE 'L-peptide linking' y ISOLEUCINE      ? 'C6 H13 N O2'    131.173 
LEU 'L-peptide linking' y LEUCINE         ? 'C6 H13 N O2'    131.173 
LYS 'L-peptide linking' y LYSINE          ? 'C6 H15 N2 O2 1' 147.195 
MET 'L-peptide linking' y METHIONINE      ? 'C5 H11 N O2 S'  149.211 
PHE 'L-peptide linking' y PHENYLALANINE   ? 'C9 H11 N O2'    165.189 
PRO 'L-peptide linking' y PROLINE         ? 'C5 H9 N O2'     115.130 
SER 'L-peptide linking' y SERINE          ? 'C3 H7 N O3'     105.093 
THR 'L-peptide linking' y THREONINE       ? 'C4 H9 N O3'     119.119 
TRP 'L-peptide linking' y TRYPTOPHAN      ? 'C11 H12 N2 O2'  204.225 
TYR 'L-peptide linking' y TYROSINE        ? 'C9 H11 N O3'    181.189 
VAL 'L-peptide linking' y VALINE          ? 'C5 H11 N O2'    117.146 
# 
_exptl.absorpt_coefficient_mu     ? 
_exptl.absorpt_correction_T_max   ? 
_exptl.absorpt_correction_T_min   ? 
_exptl.absorpt_correction_type    ? 
_exptl.absorpt_process_details    ? 
_exptl.entry_id                   8THA 
_exptl.crystals_number            1 
_exptl.details                    ? 
_exptl.method                     'X-RAY DIFFRACTION' 
_exptl.method_details             ? 
# 
_exptl_crystal.colour                       ? 
_exptl_crystal.density_diffrn               ? 
_exptl_crystal.density_Matthews             1.06 
_exptl_crystal.density_method               ? 
_exptl_crystal.density_percent_sol          43.40 
_exptl_crystal.description                  'Narrow rods' 
_exptl_crystal.F_000                        ? 
_exptl_crystal.id                           1 
_exptl_crystal.preparation                  ? 
_exptl_crystal.size_max                     ? 
_exptl_crystal.size_mid                     ? 
_exptl_crystal.size_min                     ? 
_exptl_crystal.size_rad                     ? 
_exptl_crystal.colour_lustre                ? 
_exptl_crystal.colour_modifier              ? 
_exptl_crystal.colour_primary               ? 
_exptl_crystal.density_meas                 ? 
_exptl_crystal.density_meas_esd             ? 
_exptl_crystal.density_meas_gt              ? 
_exptl_crystal.density_meas_lt              ? 
_exptl_crystal.density_meas_temp            ? 
_exptl_crystal.density_meas_temp_esd        ? 
_exptl_crystal.density_meas_temp_gt         ? 
_exptl_crystal.density_meas_temp_lt         ? 
_exptl_crystal.pdbx_crystal_image_url       ? 
_exptl_crystal.pdbx_crystal_image_format    ? 
_exptl_crystal.pdbx_mosaicity               ? 
_exptl_crystal.pdbx_mosaicity_esd           ? 
_exptl_crystal.pdbx_mosaic_method           ? 
_exptl_crystal.pdbx_mosaic_block_size       ? 
_exptl_crystal.pdbx_mosaic_block_size_esd   ? 
# 
_exptl_crystal_grow.apparatus       ? 
_exptl_crystal_grow.atmosphere      ? 
_exptl_crystal_grow.crystal_id      1 
_exptl_crystal_grow.details         ? 
_exptl_crystal_grow.method          'VAPOR DIFFUSION, SITTING DROP' 
_exptl_crystal_grow.method_ref      ? 
_exptl_crystal_grow.pH              7.0 
_exptl_crystal_grow.pressure        ? 
_exptl_crystal_grow.pressure_esd    ? 
_exptl_crystal_grow.seeding         ? 
_exptl_crystal_grow.seeding_ref     ? 
_exptl_crystal_grow.temp_details    'Room Temperature' 
_exptl_crystal_grow.temp_esd        ? 
_exptl_crystal_grow.time            ? 
_exptl_crystal_grow.pdbx_details    '0.5 M Bis-Tris, 0.35 M Mg-Formate, 5 mg/mL protein' 
_exptl_crystal_grow.pdbx_pH_range   ? 
_exptl_crystal_grow.temp            293 
# 
_diffrn.ambient_environment              ? 
_diffrn.ambient_temp                     100 
_diffrn.ambient_temp_details             ? 
_diffrn.ambient_temp_esd                 ? 
_diffrn.crystal_id                       1 
_diffrn.crystal_support                  ? 
_diffrn.crystal_treatment                ? 
_diffrn.details                          ? 
_diffrn.id                               1 
_diffrn.ambient_pressure                 ? 
_diffrn.ambient_pressure_esd             ? 
_diffrn.ambient_pressure_gt              ? 
_diffrn.ambient_pressure_lt              ? 
_diffrn.ambient_temp_gt                  ? 
_diffrn.ambient_temp_lt                  ? 
_diffrn.pdbx_serial_crystal_experiment   N 
# 
_diffrn_detector.details                      'Mirror: Rh coated flat bent M0, toroidal focusing post-monochromator M1' 
_diffrn_detector.detector                     PIXEL 
_diffrn_detector.diffrn_id                    1 
_diffrn_detector.type                         'DECTRIS PILATUS 6M' 
_diffrn_detector.area_resol_mean              ? 
_diffrn_detector.dtime                        ? 
_diffrn_detector.pdbx_frames_total            ? 
_diffrn_detector.pdbx_collection_time_total   ? 
_diffrn_detector.pdbx_collection_date         2021-10-24 
_diffrn_detector.pdbx_frequency               ? 
_diffrn_detector.id                           ? 
_diffrn_detector.number_of_axes               ? 
# 
_diffrn_radiation.collimation                      ? 
_diffrn_radiation.diffrn_id                        1 
_diffrn_radiation.filter_edge                      ? 
_diffrn_radiation.inhomogeneity                    ? 
_diffrn_radiation.monochromator                    'Si(111) and Si(220) double crystal' 
_diffrn_radiation.polarisn_norm                    ? 
_diffrn_radiation.polarisn_ratio                   ? 
_diffrn_radiation.probe                            ? 
_diffrn_radiation.type                             ? 
_diffrn_radiation.xray_symbol                      ? 
_diffrn_radiation.wavelength_id                    1 
_diffrn_radiation.pdbx_monochromatic_or_laue_m_l   M 
_diffrn_radiation.pdbx_wavelength_list             ? 
_diffrn_radiation.pdbx_wavelength                  ? 
_diffrn_radiation.pdbx_diffrn_protocol             'SINGLE WAVELENGTH' 
_diffrn_radiation.pdbx_analyzer                    ? 
_diffrn_radiation.pdbx_scattering_type             x-ray 
# 
_diffrn_radiation_wavelength.id           1 
_diffrn_radiation_wavelength.wavelength   0.979460 
_diffrn_radiation_wavelength.wt           1.0 
# 
_diffrn_source.current                     ? 
_diffrn_source.details                     ? 
_diffrn_source.diffrn_id                   1 
_diffrn_source.power                       ? 
_diffrn_source.size                        ? 
_diffrn_source.source                      SYNCHROTRON 
_diffrn_source.target                      ? 
_diffrn_source.type                        'SSRL BEAMLINE BL9-2' 
_diffrn_source.voltage                     ? 
_diffrn_source.take-off_angle              ? 
_diffrn_source.pdbx_wavelength_list        0.979460 
_diffrn_source.pdbx_wavelength             ? 
_diffrn_source.pdbx_synchrotron_beamline   BL9-2 
_diffrn_source.pdbx_synchrotron_site       SSRL 
# 
_reflns.B_iso_Wilson_estimate                          22.64 
_reflns.entry_id                                       8THA 
_reflns.data_reduction_details                         ? 
_reflns.data_reduction_method                          ? 
_reflns.d_resolution_high                              1.68 
_reflns.d_resolution_low                               29.95 
_reflns.details                                        ? 
_reflns.limit_h_max                                    ? 
_reflns.limit_h_min                                    ? 
_reflns.limit_k_max                                    ? 
_reflns.limit_k_min                                    ? 
_reflns.limit_l_max                                    ? 
_reflns.limit_l_min                                    ? 
_reflns.number_all                                     ? 
_reflns.number_obs                                     8707 
_reflns.observed_criterion                             ? 
_reflns.observed_criterion_F_max                       ? 
_reflns.observed_criterion_F_min                       ? 
_reflns.observed_criterion_I_max                       ? 
_reflns.observed_criterion_I_min                       ? 
_reflns.observed_criterion_sigma_F                     ? 
_reflns.observed_criterion_sigma_I                     ? 
_reflns.percent_possible_obs                           93.81 
_reflns.R_free_details                                 ? 
_reflns.Rmerge_F_all                                   ? 
_reflns.Rmerge_F_obs                                   ? 
_reflns.Friedel_coverage                               ? 
_reflns.number_gt                                      ? 
_reflns.threshold_expression                           ? 
_reflns.pdbx_redundancy                                17.1 
_reflns.pdbx_netI_over_av_sigmaI                       ? 
_reflns.pdbx_netI_over_sigmaI                          25.74 
_reflns.pdbx_res_netI_over_av_sigmaI_2                 ? 
_reflns.pdbx_res_netI_over_sigmaI_2                    ? 
_reflns.pdbx_chi_squared                               ? 
_reflns.pdbx_scaling_rejects                           ? 
_reflns.pdbx_d_res_high_opt                            ? 
_reflns.pdbx_d_res_low_opt                             ? 
_reflns.pdbx_d_res_opt_method                          ? 
_reflns.phase_calculation_details                      ? 
_reflns.pdbx_Rrim_I_all                                0.08215 
_reflns.pdbx_Rpim_I_all                                0.01954 
_reflns.pdbx_d_opt                                     ? 
_reflns.pdbx_number_measured_all                       ? 
_reflns.pdbx_diffrn_id                                 1 
_reflns.pdbx_ordinal                                   1 
_reflns.pdbx_CC_half                                   1 
_reflns.pdbx_CC_star                                   1 
_reflns.pdbx_R_split                                   ? 
_reflns.pdbx_Rmerge_I_obs                              0.07972 
_reflns.pdbx_Rmerge_I_all                              ? 
_reflns.pdbx_Rsym_value                                ? 
_reflns.pdbx_CC_split_method                           ? 
_reflns.pdbx_aniso_diffraction_limit_axis_1_ortho[1]   ? 
_reflns.pdbx_aniso_diffraction_limit_axis_1_ortho[2]   ? 
_reflns.pdbx_aniso_diffraction_limit_axis_1_ortho[3]   ? 
_reflns.pdbx_aniso_diffraction_limit_axis_2_ortho[1]   ? 
_reflns.pdbx_aniso_diffraction_limit_axis_2_ortho[2]   ? 
_reflns.pdbx_aniso_diffraction_limit_axis_2_ortho[3]   ? 
_reflns.pdbx_aniso_diffraction_limit_axis_3_ortho[1]   ? 
_reflns.pdbx_aniso_diffraction_limit_axis_3_ortho[2]   ? 
_reflns.pdbx_aniso_diffraction_limit_axis_3_ortho[3]   ? 
_reflns.pdbx_aniso_diffraction_limit_1                 ? 
_reflns.pdbx_aniso_diffraction_limit_2                 ? 
_reflns.pdbx_aniso_diffraction_limit_3                 ? 
_reflns.pdbx_aniso_B_tensor_eigenvector_1_ortho[1]     ? 
_reflns.pdbx_aniso_B_tensor_eigenvector_1_ortho[2]     ? 
_reflns.pdbx_aniso_B_tensor_eigenvector_1_ortho[3]     ? 
_reflns.pdbx_aniso_B_tensor_eigenvector_2_ortho[1]     ? 
_reflns.pdbx_aniso_B_tensor_eigenvector_2_ortho[2]     ? 
_reflns.pdbx_aniso_B_tensor_eigenvector_2_ortho[3]     ? 
_reflns.pdbx_aniso_B_tensor_eigenvector_3_ortho[1]     ? 
_reflns.pdbx_aniso_B_tensor_eigenvector_3_ortho[2]     ? 
_reflns.pdbx_aniso_B_tensor_eigenvector_3_ortho[3]     ? 
_reflns.pdbx_aniso_B_tensor_eigenvalue_1               ? 
_reflns.pdbx_aniso_B_tensor_eigenvalue_2               ? 
_reflns.pdbx_aniso_B_tensor_eigenvalue_3               ? 
_reflns.pdbx_orthogonalization_convention              ? 
_reflns.pdbx_percent_possible_ellipsoidal              ? 
_reflns.pdbx_percent_possible_spherical                ? 
_reflns.pdbx_percent_possible_ellipsoidal_anomalous    ? 
_reflns.pdbx_percent_possible_spherical_anomalous      ? 
_reflns.pdbx_redundancy_anomalous                      ? 
_reflns.pdbx_CC_half_anomalous                         ? 
_reflns.pdbx_absDiff_over_sigma_anomalous              ? 
_reflns.pdbx_percent_possible_anomalous                ? 
_reflns.pdbx_observed_signal_threshold                 ? 
_reflns.pdbx_signal_type                               ? 
_reflns.pdbx_signal_details                            ? 
_reflns.pdbx_signal_software_id                        ? 
# 
_reflns_shell.d_res_high                                    1.68 
_reflns_shell.d_res_low                                     1.74 
_reflns_shell.meanI_over_sigI_all                           ? 
_reflns_shell.meanI_over_sigI_obs                           2.01 
_reflns_shell.number_measured_all                           ? 
_reflns_shell.number_measured_obs                           ? 
_reflns_shell.number_possible                               ? 
_reflns_shell.number_unique_all                             ? 
_reflns_shell.number_unique_obs                             613 
_reflns_shell.percent_possible_obs                          ? 
_reflns_shell.Rmerge_F_all                                  ? 
_reflns_shell.Rmerge_F_obs                                  ? 
_reflns_shell.meanI_over_sigI_gt                            ? 
_reflns_shell.meanI_over_uI_all                             ? 
_reflns_shell.meanI_over_uI_gt                              ? 
_reflns_shell.number_measured_gt                            ? 
_reflns_shell.number_unique_gt                              ? 
_reflns_shell.percent_possible_gt                           ? 
_reflns_shell.Rmerge_F_gt                                   ? 
_reflns_shell.Rmerge_I_gt                                   ? 
_reflns_shell.pdbx_redundancy                               ? 
_reflns_shell.pdbx_chi_squared                              ? 
_reflns_shell.pdbx_netI_over_sigmaI_all                     ? 
_reflns_shell.pdbx_netI_over_sigmaI_obs                     ? 
_reflns_shell.pdbx_Rrim_I_all                               1.573 
_reflns_shell.pdbx_Rpim_I_all                               0.3905 
_reflns_shell.pdbx_rejects                                  ? 
_reflns_shell.pdbx_ordinal                                  1 
_reflns_shell.pdbx_diffrn_id                                1 
_reflns_shell.pdbx_CC_half                                  0.694 
_reflns_shell.pdbx_CC_star                                  0.905 
_reflns_shell.pdbx_R_split                                  ? 
_reflns_shell.percent_possible_all                          ? 
_reflns_shell.Rmerge_I_all                                  ? 
_reflns_shell.Rmerge_I_obs                                  1.521 
_reflns_shell.pdbx_Rsym_value                               ? 
_reflns_shell.pdbx_percent_possible_ellipsoidal             ? 
_reflns_shell.pdbx_percent_possible_spherical               ? 
_reflns_shell.pdbx_percent_possible_ellipsoidal_anomalous   ? 
_reflns_shell.pdbx_percent_possible_spherical_anomalous     ? 
_reflns_shell.pdbx_redundancy_anomalous                     ? 
_reflns_shell.pdbx_CC_half_anomalous                        ? 
_reflns_shell.pdbx_absDiff_over_sigma_anomalous             ? 
_reflns_shell.pdbx_percent_possible_anomalous               ? 
# 
_refine.aniso_B[1][1]                            ? 
_refine.aniso_B[1][2]                            ? 
_refine.aniso_B[1][3]                            ? 
_refine.aniso_B[2][2]                            ? 
_refine.aniso_B[2][3]                            ? 
_refine.aniso_B[3][3]                            ? 
_refine.B_iso_max                                ? 
_refine.B_iso_mean                               28.49 
_refine.B_iso_min                                ? 
_refine.correlation_coeff_Fo_to_Fc               ? 
_refine.correlation_coeff_Fo_to_Fc_free          ? 
_refine.details                                  ? 
_refine.diff_density_max                         ? 
_refine.diff_density_max_esd                     ? 
_refine.diff_density_min                         ? 
_refine.diff_density_min_esd                     ? 
_refine.diff_density_rms                         ? 
_refine.diff_density_rms_esd                     ? 
_refine.entry_id                                 8THA 
_refine.pdbx_refine_id                           'X-RAY DIFFRACTION' 
_refine.ls_abs_structure_details                 ? 
_refine.ls_abs_structure_Flack                   ? 
_refine.ls_abs_structure_Flack_esd               ? 
_refine.ls_abs_structure_Rogers                  ? 
_refine.ls_abs_structure_Rogers_esd              ? 
_refine.ls_d_res_high                            1.68 
_refine.ls_d_res_low                             29.95 
_refine.ls_extinction_coef                       ? 
_refine.ls_extinction_coef_esd                   ? 
_refine.ls_extinction_expression                 ? 
_refine.ls_extinction_method                     ? 
_refine.ls_goodness_of_fit_all                   ? 
_refine.ls_goodness_of_fit_all_esd               ? 
_refine.ls_goodness_of_fit_obs                   ? 
_refine.ls_goodness_of_fit_obs_esd               ? 
_refine.ls_hydrogen_treatment                    ? 
_refine.ls_matrix_type                           ? 
_refine.ls_number_constraints                    ? 
_refine.ls_number_parameters                     ? 
_refine.ls_number_reflns_all                     ? 
_refine.ls_number_reflns_obs                     8707 
_refine.ls_number_reflns_R_free                  455 
_refine.ls_number_reflns_R_work                  8288 
_refine.ls_number_restraints                     ? 
_refine.ls_percent_reflns_obs                    93.87 
_refine.ls_percent_reflns_R_free                 5.23 
_refine.ls_R_factor_all                          ? 
_refine.ls_R_factor_obs                          ? 
_refine.ls_R_factor_R_free                       0.2148 
_refine.ls_R_factor_R_free_error                 ? 
_refine.ls_R_factor_R_free_error_details         ? 
_refine.ls_R_factor_R_work                       0.1824 
_refine.ls_R_Fsqd_factor_obs                     ? 
_refine.ls_R_I_factor_obs                        ? 
_refine.ls_redundancy_reflns_all                 ? 
_refine.ls_redundancy_reflns_obs                 ? 
_refine.ls_restrained_S_all                      ? 
_refine.ls_restrained_S_obs                      ? 
_refine.ls_shift_over_esd_max                    ? 
_refine.ls_shift_over_esd_mean                   ? 
_refine.ls_structure_factor_coef                 ? 
_refine.ls_weighting_details                     ? 
_refine.ls_weighting_scheme                      ? 
_refine.ls_wR_factor_all                         ? 
_refine.ls_wR_factor_obs                         ? 
_refine.ls_wR_factor_R_free                      ? 
_refine.ls_wR_factor_R_work                      ? 
_refine.occupancy_max                            ? 
_refine.occupancy_min                            ? 
_refine.solvent_model_details                    'FLAT BULK SOLVENT MODEL' 
_refine.solvent_model_param_bsol                 ? 
_refine.solvent_model_param_ksol                 ? 
_refine.pdbx_R_complete                          ? 
_refine.ls_R_factor_gt                           ? 
_refine.ls_goodness_of_fit_gt                    ? 
_refine.ls_goodness_of_fit_ref                   ? 
_refine.ls_shift_over_su_max                     ? 
_refine.ls_shift_over_su_max_lt                  ? 
_refine.ls_shift_over_su_mean                    ? 
_refine.ls_shift_over_su_mean_lt                 ? 
_refine.pdbx_ls_sigma_I                          ? 
_refine.pdbx_ls_sigma_F                          ? 
_refine.pdbx_ls_sigma_Fsqd                       ? 
_refine.pdbx_data_cutoff_high_absF               ? 
_refine.pdbx_data_cutoff_high_rms_absF           ? 
_refine.pdbx_data_cutoff_low_absF                ? 
_refine.pdbx_isotropic_thermal_model             ? 
_refine.pdbx_ls_cross_valid_method               'FREE R-VALUE' 
_refine.pdbx_method_to_determine_struct          'MOLECULAR REPLACEMENT' 
_refine.pdbx_starting_model                      ? 
_refine.pdbx_stereochemistry_target_values       'GeoStd + Monomer Library + CDL v1.2' 
_refine.pdbx_R_Free_selection_details            ? 
_refine.pdbx_stereochem_target_val_spec_case     ? 
_refine.pdbx_overall_ESU_R                       ? 
_refine.pdbx_overall_ESU_R_Free                  ? 
_refine.pdbx_solvent_vdw_probe_radii             1.1000 
_refine.pdbx_solvent_ion_probe_radii             ? 
_refine.pdbx_solvent_shrinkage_radii             0.9000 
_refine.pdbx_real_space_R                        ? 
_refine.pdbx_density_correlation                 ? 
_refine.pdbx_pd_number_of_powder_patterns        ? 
_refine.pdbx_pd_number_of_points                 ? 
_refine.pdbx_pd_meas_number_of_points            ? 
_refine.pdbx_pd_proc_ls_prof_R_factor            ? 
_refine.pdbx_pd_proc_ls_prof_wR_factor           ? 
_refine.pdbx_pd_Marquardt_correlation_coeff      ? 
_refine.pdbx_pd_Fsqrd_R_factor                   ? 
_refine.pdbx_pd_ls_matrix_band_width             ? 
_refine.pdbx_overall_phase_error                 25.4049 
_refine.pdbx_overall_SU_R_free_Cruickshank_DPI   ? 
_refine.pdbx_overall_SU_R_free_Blow_DPI          ? 
_refine.pdbx_overall_SU_R_Blow_DPI               ? 
_refine.pdbx_TLS_residual_ADP_flag               ? 
_refine.pdbx_diffrn_id                           1 
_refine.overall_SU_B                             ? 
_refine.overall_SU_ML                            0.2016 
_refine.overall_SU_R_Cruickshank_DPI             ? 
_refine.overall_SU_R_free                        ? 
_refine.overall_FOM_free_R_set                   ? 
_refine.overall_FOM_work_R_set                   ? 
_refine.pdbx_average_fsc_overall                 ? 
_refine.pdbx_average_fsc_work                    ? 
_refine.pdbx_average_fsc_free                    ? 
# 
_refine_hist.pdbx_refine_id                   'X-RAY DIFFRACTION' 
_refine_hist.cycle_id                         LAST 
_refine_hist.details                          ? 
_refine_hist.d_res_high                       1.68 
_refine_hist.d_res_low                        29.95 
_refine_hist.number_atoms_solvent             65 
_refine_hist.number_atoms_total               690 
_refine_hist.number_reflns_all                ? 
_refine_hist.number_reflns_obs                ? 
_refine_hist.number_reflns_R_free             ? 
_refine_hist.number_reflns_R_work             ? 
_refine_hist.R_factor_all                     ? 
_refine_hist.R_factor_obs                     ? 
_refine_hist.R_factor_R_free                  ? 
_refine_hist.R_factor_R_work                  ? 
_refine_hist.pdbx_number_residues_total       ? 
_refine_hist.pdbx_B_iso_mean_ligand           ? 
_refine_hist.pdbx_B_iso_mean_solvent          ? 
_refine_hist.pdbx_number_atoms_protein        625 
_refine_hist.pdbx_number_atoms_nucleic_acid   0 
_refine_hist.pdbx_number_atoms_ligand         0 
_refine_hist.pdbx_number_atoms_lipid          ? 
_refine_hist.pdbx_number_atoms_carb           ? 
_refine_hist.pdbx_pseudo_atom_details         ? 
# 
loop_
_refine_ls_restr.pdbx_refine_id 
_refine_ls_restr.criterion 
_refine_ls_restr.dev_ideal 
_refine_ls_restr.dev_ideal_target 
_refine_ls_restr.number 
_refine_ls_restr.rejects 
_refine_ls_restr.type 
_refine_ls_restr.weight 
_refine_ls_restr.pdbx_restraint_function 
'X-RAY DIFFRACTION' ? 0.0106  ? 665 ? f_bond_d           ? ? 
'X-RAY DIFFRACTION' ? 1.1239  ? 904 ? f_angle_d          ? ? 
'X-RAY DIFFRACTION' ? 0.0591  ? 95  ? f_chiral_restr     ? ? 
'X-RAY DIFFRACTION' ? 0.0097  ? 115 ? f_plane_restr      ? ? 
'X-RAY DIFFRACTION' ? 12.6786 ? 240 ? f_dihedral_angle_d ? ? 
# 
loop_
_refine_ls_shell.pdbx_refine_id 
_refine_ls_shell.d_res_high 
_refine_ls_shell.d_res_low 
_refine_ls_shell.number_reflns_all 
_refine_ls_shell.number_reflns_obs 
_refine_ls_shell.number_reflns_R_free 
_refine_ls_shell.number_reflns_R_work 
_refine_ls_shell.percent_reflns_obs 
_refine_ls_shell.percent_reflns_R_free 
_refine_ls_shell.R_factor_all 
_refine_ls_shell.R_factor_obs 
_refine_ls_shell.R_factor_R_free_error 
_refine_ls_shell.R_factor_R_work 
_refine_ls_shell.redundancy_reflns_all 
_refine_ls_shell.redundancy_reflns_obs 
_refine_ls_shell.wR_factor_all 
_refine_ls_shell.wR_factor_obs 
_refine_ls_shell.wR_factor_R_free 
_refine_ls_shell.wR_factor_R_work 
_refine_ls_shell.pdbx_R_complete 
_refine_ls_shell.pdbx_total_number_of_bins_used 
_refine_ls_shell.pdbx_phase_error 
_refine_ls_shell.pdbx_fsc_work 
_refine_ls_shell.pdbx_fsc_free 
_refine_ls_shell.R_factor_R_free 
'X-RAY DIFFRACTION' 1.68 1.74  . . 153 2611 89.48 . . . . 0.2633 . . . . . . . . . . . 0.2858 
'X-RAY DIFFRACTION' 1.92 2.42  . . 168 2907 99.97 . . . . 0.1977 . . . . . . . . . . . 0.2317 
'X-RAY DIFFRACTION' 2.42 29.95 . . 134 2770 92.22 . . . . 0.1649 . . . . . . . . . . . 0.1945 
# 
_struct.entry_id                     8THA 
_struct.title                        '1TEL, non-compressed, double-helical crystal form' 
_struct.pdbx_model_details           ? 
_struct.pdbx_formula_weight          ? 
_struct.pdbx_formula_weight_method   ? 
_struct.pdbx_model_type_details      ? 
_struct.pdbx_CASP_flag               N 
# 
_struct_keywords.entry_id        8THA 
_struct_keywords.text            'protein crystallization chaperone, polymer-forming, TELSAM, ETV6, TRANSCRIPTION' 
_struct_keywords.pdbx_keywords   TRANSCRIPTION 
# 
loop_
_struct_asym.id 
_struct_asym.pdbx_blank_PDB_chainid_flag 
_struct_asym.pdbx_modified 
_struct_asym.entity_id 
_struct_asym.details 
A N N 1 ? 
B N N 2 ? 
# 
loop_
_struct_conf.conf_type_id 
_struct_conf.id 
_struct_conf.pdbx_PDB_helix_id 
_struct_conf.beg_label_comp_id 
_struct_conf.beg_label_asym_id 
_struct_conf.beg_label_seq_id 
_struct_conf.pdbx_beg_PDB_ins_code 
_struct_conf.end_label_comp_id 
_struct_conf.end_label_asym_id 
_struct_conf.end_label_seq_id 
_struct_conf.pdbx_end_PDB_ins_code 
_struct_conf.beg_auth_comp_id 
_struct_conf.beg_auth_asym_id 
_struct_conf.beg_auth_seq_id 
_struct_conf.end_auth_comp_id 
_struct_conf.end_auth_asym_id 
_struct_conf.end_auth_seq_id 
_struct_conf.pdbx_PDB_helix_class 
_struct_conf.details 
_struct_conf.pdbx_PDB_helix_length 
HELX_P HELX_P1 AA1 PRO A 5  ? ARG A 9  ? PRO A 6  ARG A 10 5 ? 5  
HELX_P HELX_P2 AA2 GLN A 11 ? TRP A 15 ? GLN A 12 TRP A 16 5 ? 5  
HELX_P HELX_P3 AA3 SER A 16 ? SER A 32 ? SER A 17 SER A 33 1 ? 17 
HELX_P HELX_P4 AA4 ASN A 44 ? LEU A 49 ? ASN A 45 LEU A 50 1 ? 6  
HELX_P HELX_P5 AA5 THR A 52 ? SER A 60 ? THR A 53 SER A 61 1 ? 9  
HELX_P HELX_P6 AA6 SER A 63 ? LYS A 76 ? SER A 64 LYS A 77 1 ? 14 
# 
_struct_conf_type.id          HELX_P 
_struct_conf_type.criteria    ? 
_struct_conf_type.reference   ? 
# 
_atom_sites.entry_id                    8THA 
_atom_sites.Cartn_transf_matrix[1][1]   ? 
_atom_sites.Cartn_transf_matrix[1][2]   ? 
_atom_sites.Cartn_transf_matrix[1][3]   ? 
_atom_sites.Cartn_transf_matrix[2][1]   ? 
_atom_sites.Cartn_transf_matrix[2][2]   ? 
_atom_sites.Cartn_transf_matrix[2][3]   ? 
_atom_sites.Cartn_transf_matrix[3][1]   ? 
_atom_sites.Cartn_transf_matrix[3][2]   ? 
_atom_sites.Cartn_transf_matrix[3][3]   ? 
_atom_sites.Cartn_transf_vector[1]      ? 
_atom_sites.Cartn_transf_vector[2]      ? 
_atom_sites.Cartn_transf_vector[3]      ? 
_atom_sites.fract_transf_matrix[1][1]   0.01422267 
_atom_sites.fract_transf_matrix[1][2]   -0.00044018 
_atom_sites.fract_transf_matrix[1][3]   0.00873348 
_atom_sites.fract_transf_matrix[2][1]   0.01005807 
_atom_sites.fract_transf_matrix[2][2]   0.01332276 
_atom_sites.fract_transf_matrix[2][3]   0.00024981 
_atom_sites.fract_transf_matrix[3][1]   -0.01656211 
_atom_sites.fract_transf_matrix[3][2]   0.01198657 
_atom_sites.fract_transf_matrix[3][3]   0.02757590 
_atom_sites.fract_transf_vector[1]      0.336279 
_atom_sites.fract_transf_vector[2]      0.263555 
_atom_sites.fract_transf_vector[3]      -0.018664 
_atom_sites.solution_primary            ? 
_atom_sites.solution_secondary          ? 
_atom_sites.solution_hydrogens          ? 
_atom_sites.special_details             ? 
# 
loop_
_atom_type.symbol 
_atom_type.scat_dispersion_real 
_atom_type.scat_dispersion_imag 
_atom_type.scat_Cromer_Mann_a1 
_atom_type.scat_Cromer_Mann_a2 
_atom_type.scat_Cromer_Mann_a3 
_atom_type.scat_Cromer_Mann_a4 
_atom_type.scat_Cromer_Mann_b1 
_atom_type.scat_Cromer_Mann_b2 
_atom_type.scat_Cromer_Mann_b3 
_atom_type.scat_Cromer_Mann_b4 
_atom_type.scat_Cromer_Mann_c 
_atom_type.scat_source 
_atom_type.scat_dispersion_source 
C ? ? 3.54356 2.42580 ? ? 25.62398 1.50364  ? ? 0.0 
;2-Gaussian fit: Grosse-Kunstleve RW, Sauter NK, Adams PD: Newsletter of the IUCr Commission on Crystallographic Computing 2004, 3, 22-31.
;
? 
N ? ? 4.01032 2.96436 ? ? 19.97189 1.75589  ? ? 0.0 
;2-Gaussian fit: Grosse-Kunstleve RW, Sauter NK, Adams PD: Newsletter of the IUCr Commission on Crystallographic Computing 2004, 3, 22-31.
;
? 
O ? ? 4.49882 3.47563 ? ? 15.80542 1.70748  ? ? 0.0 
;2-Gaussian fit: Grosse-Kunstleve RW, Sauter NK, Adams PD: Newsletter of the IUCr Commission on Crystallographic Computing 2004, 3, 22-31.
;
? 
S ? ? 9.55732 6.39887 ? ? 1.23737  29.19336 ? ? 0.0 
;2-Gaussian fit: Grosse-Kunstleve RW, Sauter NK, Adams PD: Newsletter of the IUCr Commission on Crystallographic Computing 2004, 3, 22-31.
;
? 
# 
loop_
_atom_site.group_PDB 
_atom_site.id 
_atom_site.type_symbol 
_atom_site.label_atom_id 
_atom_site.label_alt_id 
_atom_site.label_comp_id 
_atom_site.label_asym_id 
_atom_site.label_entity_id 
_atom_site.label_seq_id 
_atom_site.pdbx_PDB_ins_code 
_atom_site.Cartn_x 
_atom_site.Cartn_y 
_atom_site.Cartn_z 
_atom_site.occupancy 
_atom_site.B_iso_or_equiv 
_atom_site.pdbx_formal_charge 
_atom_site.auth_seq_id 
_atom_site.auth_comp_id 
_atom_site.auth_asym_id 
_atom_site.auth_atom_id 
_atom_site.pdbx_PDB_model_num 
ATOM   1   N N   . ARG A 1 3  ? 2.80292   1.41339   12.49645  1.000 82.03655 ? 4   ARG A N   1 
ATOM   2   C CA  . ARG A 1 3  ? 4.00703   0.76294   13.00691  1.000 86.10441 ? 4   ARG A CA  1 
ATOM   3   C C   . ARG A 1 3  ? 5.05438   0.59343   11.88966  1.000 80.57925 ? 4   ARG A C   1 
ATOM   4   O O   . ARG A 1 3  ? 5.89469   -0.31884  11.93941  1.000 83.14356 ? 4   ARG A O   1 
ATOM   5   C CB  . ARG A 1 3  ? 3.64686   -0.59088  13.63178  1.000 90.61749 ? 4   ARG A CB  1 
ATOM   6   N N   . LEU A 1 4  ? 5.02541   1.54877   10.89308  1.000 68.11137 ? 5   LEU A N   1 
ATOM   7   C CA  . LEU A 1 4  ? 5.58788   1.45508   9.54999   1.000 56.26399 ? 5   LEU A CA  1 
ATOM   8   C C   . LEU A 1 4  ? 7.08833   1.71260   9.51886   1.000 53.20422 ? 5   LEU A C   1 
ATOM   9   O O   . LEU A 1 4  ? 7.65139   2.31548   10.43277  1.000 55.70366 ? 5   LEU A O   1 
ATOM   10  C CB  . LEU A 1 4  ? 4.90149   2.45803   8.62460   1.000 51.96509 ? 5   LEU A CB  1 
ATOM   11  C CG  . LEU A 1 4  ? 3.42141   2.25654   8.32244   1.000 51.32882 ? 5   LEU A CG  1 
ATOM   12  C CD1 . LEU A 1 4  ? 2.59998   3.30106   9.08050   1.000 58.36123 ? 5   LEU A CD1 1 
ATOM   13  C CD2 . LEU A 1 4  ? 3.16217   2.31218   6.83794   1.000 49.64640 ? 5   LEU A CD2 1 
ATOM   14  N N   . PRO A 1 5  ? 7.75418   1.27259   8.44815   1.000 52.00464 ? 6   PRO A N   1 
ATOM   15  C CA  . PRO A 1 5  ? 9.11791   1.73932   8.17800   1.000 52.23872 ? 6   PRO A CA  1 
ATOM   16  C C   . PRO A 1 5  ? 9.16666   3.25690   8.15013   1.000 53.01001 ? 6   PRO A C   1 
ATOM   17  O O   . PRO A 1 5  ? 8.27177   3.91975   7.62704   1.000 48.48912 ? 6   PRO A O   1 
ATOM   18  C CB  . PRO A 1 5  ? 9.43182   1.15601   6.79886   1.000 51.71698 ? 6   PRO A CB  1 
ATOM   19  C CG  . PRO A 1 5  ? 8.55579   -0.04769  6.68763   1.000 49.99573 ? 6   PRO A CG  1 
ATOM   20  C CD  . PRO A 1 5  ? 7.29906   0.27762   7.45830   1.000 51.15722 ? 6   PRO A CD  1 
ATOM   21  N N   . ALA A 1 6  ? 10.25567  3.80193   8.68305   1.000 54.49773 ? 7   ALA A N   1 
ATOM   22  C CA  . ALA A 1 6  ? 10.25428  5.20805   9.06690   1.000 53.31915 ? 7   ALA A CA  1 
ATOM   23  C C   . ALA A 1 6  ? 9.95217   6.12849   7.89654   1.000 50.71184 ? 7   ALA A C   1 
ATOM   24  O O   . ALA A 1 6  ? 9.36084   7.19680   8.07913   1.000 51.19384 ? 7   ALA A O   1 
ATOM   25  C CB  . ALA A 1 6  ? 11.58833  5.56261   9.69161   1.000 56.00016 ? 7   ALA A CB  1 
ATOM   26  N N   . HIS A 1 7  ? 10.31721  5.72515   6.69022   1.000 48.89418 ? 8   HIS A N   1 
ATOM   27  C CA  . HIS A 1 7  ? 10.08266  6.59764   5.55763   1.000 46.63447 ? 8   HIS A CA  1 
ATOM   28  C C   . HIS A 1 7  ? 8.60502   6.74467   5.21623   1.000 52.68106 ? 8   HIS A C   1 
ATOM   29  O O   . HIS A 1 7  ? 8.25459   7.68677   4.50164   1.000 50.26901 ? 8   HIS A O   1 
ATOM   30  C CB  . HIS A 1 7  ? 10.85277  6.08032   4.34538   1.000 50.32404 ? 8   HIS A CB  1 
ATOM   31  C CG  . HIS A 1 7  ? 11.40953  7.17363   3.48376   1.000 49.80780 ? 8   HIS A CG  1 
ATOM   32  N ND1 . HIS A 1 7  ? 11.03697  7.34049   2.16669   1.000 50.62535 ? 8   HIS A ND1 1 
ATOM   33  C CD2 . HIS A 1 7  ? 12.30867  8.15016   3.75243   1.000 49.11677 ? 8   HIS A CD2 1 
ATOM   34  C CE1 . HIS A 1 7  ? 11.69898  8.36770   1.66217   1.000 49.22802 ? 8   HIS A CE1 1 
ATOM   35  N NE2 . HIS A 1 7  ? 12.46228  8.88899   2.60733   1.000 47.59242 ? 8   HIS A NE2 1 
ATOM   36  N N   . LEU A 1 8  ? 7.77216   5.82007   5.72415   1.000 48.16572 ? 9   LEU A N   1 
ATOM   37  C CA  . LEU A 1 8  ? 6.34961   5.82750   5.39685   1.000 44.15885 ? 9   LEU A CA  1 
ATOM   38  C C   . LEU A 1 8  ? 5.47513   6.58943   6.38657   1.000 44.75430 ? 9   LEU A C   1 
ATOM   39  O O   . LEU A 1 8  ? 4.27019   6.69839   6.18442   1.000 44.26143 ? 9   LEU A O   1 
ATOM   40  C CB  . LEU A 1 8  ? 5.83712   4.38929   5.29345   1.000 42.28240 ? 9   LEU A CB  1 
ATOM   41  C CG  . LEU A 1 8  ? 6.44598   3.54457   4.17645   1.000 42.97426 ? 9   LEU A CG  1 
ATOM   42  C CD1 . LEU A 1 8  ? 6.03275   2.08947   4.31926   1.000 41.06221 ? 9   LEU A CD1 1 
ATOM   43  C CD2 . LEU A 1 8  ? 6.03331   4.09454   2.82188   1.000 41.63031 ? 9   LEU A CD2 1 
ATOM   44  N N   . ARG A 1 9  ? 6.06691   7.12411   7.44197   1.000 35.96238 ? 10  ARG A N   1 
ATOM   45  C CA  . ARG A 1 9  ? 5.26591   7.79129   8.45476   1.000 37.53132 ? 10  ARG A CA  1 
ATOM   46  C C   . ARG A 1 9  ? 4.70593   9.12922   7.96635   1.000 37.44364 ? 10  ARG A C   1 
ATOM   47  O O   . ARG A 1 9  ? 4.01903   9.81647   8.72773   1.000 46.39512 ? 10  ARG A O   1 
ATOM   48  C CB  . ARG A 1 9  ? 6.10682   7.95719   9.72424   1.000 44.16849 ? 10  ARG A CB  1 
ATOM   49  C CG  . ARG A 1 9  ? 6.88021   6.68176   10.04975  1.000 46.82286 ? 10  ARG A CG  1 
ATOM   50  C CD  . ARG A 1 9  ? 6.96880   6.37643   11.53905  1.000 52.64974 ? 10  ARG A CD  1 
ATOM   51  N NE  . ARG A 1 9  ? 7.66381   5.11202   11.75916  1.000 54.28920 ? 10  ARG A NE  1 
ATOM   52  C CZ  . ARG A 1 9  ? 8.93195   5.01835   12.14326  1.000 54.68692 ? 10  ARG A CZ  1 
ATOM   53  N NH1 . ARG A 1 9  ? 9.65540   6.09878   12.40813  1.000 46.49454 ? 10  ARG A NH1 1 
ATOM   54  N NH2 . ARG A 1 9  ? 9.49190   3.81408   12.25487  1.000 53.71336 ? 10  ARG A NH2 1 
ATOM   55  N N   . LEU A 1 10 ? 4.98143   9.51581   6.73137   1.000 32.76013 ? 11  LEU A N   1 
ATOM   56  C CA  . LEU A 1 10 ? 4.32397   10.65274  6.11741   1.000 32.92337 ? 11  LEU A CA  1 
ATOM   57  C C   . LEU A 1 10 ? 2.91982   10.27140  5.66640   1.000 27.13245 ? 11  LEU A C   1 
ATOM   58  O O   . LEU A 1 10 ? 2.58230   9.09236   5.54796   1.000 29.49827 ? 11  LEU A O   1 
ATOM   59  C CB  . LEU A 1 10 ? 5.09814   11.08872  4.89282   1.000 34.88837 ? 11  LEU A CB  1 
ATOM   60  C CG  . LEU A 1 10 ? 6.53061   11.49249  5.07847   1.000 39.07592 ? 11  LEU A CG  1 
ATOM   61  C CD1 . LEU A 1 10 ? 7.07271   11.83528  3.73259   1.000 39.47893 ? 11  LEU A CD1 1 
ATOM   62  C CD2 . LEU A 1 10 ? 6.52475   12.71887  5.93860   1.000 42.99250 ? 11  LEU A CD2 1 
ATOM   63  N N   . GLN A 1 11 ? 2.11446   11.28835  5.37678   1.000 28.95442 ? 12  GLN A N   1 
ATOM   64  C CA  . GLN A 1 11 ? 0.84640   11.04023  4.70560   1.000 27.04951 ? 12  GLN A CA  1 
ATOM   65  C C   . GLN A 1 11 ? 1.09096   10.27461  3.41137   1.000 29.24801 ? 12  GLN A C   1 
ATOM   66  O O   . GLN A 1 11 ? 2.00450   10.63557  2.64791   1.000 26.46608 ? 12  GLN A O   1 
ATOM   67  C CB  . GLN A 1 11 ? 0.13290   12.34826  4.37326   1.000 32.74617 ? 12  GLN A CB  1 
ATOM   68  C CG  . GLN A 1 11 ? -0.57721  13.05034  5.54622   1.000 39.98520 ? 12  GLN A CG  1 
ATOM   69  C CD  . GLN A 1 11 ? -1.32540  14.31005  5.11197   1.000 45.21602 ? 12  GLN A CD  1 
ATOM   70  N N   . PRO A 1 12 ? 0.27325   9.25996   3.09987   1.000 23.20314 ? 13  PRO A N   1 
ATOM   71  C CA  . PRO A 1 12 ? 0.47124   8.49722   1.85608   1.000 22.18672 ? 13  PRO A CA  1 
ATOM   72  C C   . PRO A 1 12 ? 0.51188   9.32987   0.58990   1.000 18.67316 ? 13  PRO A C   1 
ATOM   73  O O   . PRO A 1 12 ? 1.13523   8.90001   -0.38004  1.000 20.48709 ? 13  PRO A O   1 
ATOM   74  C CB  . PRO A 1 12 ? -0.72877  7.53991   1.84899   1.000 22.69830 ? 13  PRO A CB  1 
ATOM   75  C CG  . PRO A 1 12 ? -1.06470  7.35764   3.30868   1.000 24.83606 ? 13  PRO A CG  1 
ATOM   76  C CD  . PRO A 1 12 ? -0.74361  8.64645   3.98200   1.000 26.63806 ? 13  PRO A CD  1 
ATOM   77  N N   . ILE A 1 13 ? -0.14855  10.48475  0.54148   1.000 20.80344 ? 14  ILE A N   1 
ATOM   78  C CA  . ILE A 1 13 ? -0.12274  11.27787  -0.69278  1.000 22.25460 ? 14  ILE A CA  1 
ATOM   79  C C   . ILE A 1 13 ? 1.29771   11.72033  -1.01666  1.000 24.87682 ? 14  ILE A C   1 
ATOM   80  O O   . ILE A 1 13 ? 1.59700   12.13852  -2.15524  1.000 22.89104 ? 14  ILE A O   1 
ATOM   81  C CB  . ILE A 1 13 ? -1.10787  12.46823  -0.58689  1.000 26.62825 ? 14  ILE A CB  1 
ATOM   82  C CG1 . ILE A 1 13 ? -1.40652  13.03184  -1.97975  1.000 25.33846 ? 14  ILE A CG1 1 
ATOM   83  C CG2 . ILE A 1 13 ? -0.55119  13.57373  0.31011   1.000 26.63899 ? 14  ILE A CG2 1 
ATOM   84  C CD1 . ILE A 1 13 ? -2.66435  13.88744  -2.04524  1.000 31.55029 ? 14  ILE A CD1 1 
ATOM   85  N N   . TYR A 1 14 ? 2.18814   11.64110  -0.02916  1.000 21.59148 ? 15  TYR A N   1 
ATOM   86  C CA  . TYR A 1 14 ? 3.57342   12.00620  -0.22477  1.000 24.66371 ? 15  TYR A CA  1 
ATOM   87  C C   . TYR A 1 14 ? 4.49290   10.82265  -0.52367  1.000 24.88883 ? 15  TYR A C   1 
ATOM   88  O O   . TYR A 1 14 ? 5.68277   11.04342  -0.79258  1.000 23.91051 ? 15  TYR A O   1 
ATOM   89  C CB  . TYR A 1 14 ? 4.07101   12.74632  1.01839   1.000 24.68186 ? 15  TYR A CB  1 
ATOM   90  C CG  . TYR A 1 14 ? 3.28703   14.00397  1.26564   1.000 30.22059 ? 15  TYR A CG  1 
ATOM   91  C CD1 . TYR A 1 14 ? 3.00086   14.86726  0.22929   1.000 27.56257 ? 15  TYR A CD1 1 
ATOM   92  C CD2 . TYR A 1 14 ? 2.78802   14.30072  2.52372   1.000 33.30267 ? 15  TYR A CD2 1 
ATOM   93  C CE1 . TYR A 1 14 ? 2.28840   16.03633  0.44969   1.000 32.17220 ? 15  TYR A CE1 1 
ATOM   94  C CE2 . TYR A 1 14 ? 2.06782   15.44423  2.74809   1.000 30.89932 ? 15  TYR A CE2 1 
ATOM   95  C CZ  . TYR A 1 14 ? 1.82677   16.30849  1.71476   1.000 30.94812 ? 15  TYR A CZ  1 
ATOM   96  O OH  . TYR A 1 14 ? 1.09474   17.45239  1.92688   1.000 38.53983 ? 15  TYR A OH  1 
ATOM   97  N N   . TRP A 1 15 ? 4.00173   9.59062   -0.45119  1.000 21.50492 ? 16  TRP A N   1 
ATOM   98  C CA  . TRP A 1 15 ? 4.85346   8.43467   -0.69697  1.000 21.21144 ? 16  TRP A CA  1 
ATOM   99  C C   . TRP A 1 15 ? 5.36430   8.39792   -2.12943  1.000 24.21239 ? 16  TRP A C   1 
ATOM   100 O O   . TRP A 1 15 ? 4.60319   8.61194   -3.08167  1.000 20.42604 ? 16  TRP A O   1 
ATOM   101 C CB  . TRP A 1 15 ? 4.07953   7.14697   -0.43899  1.000 20.49054 ? 16  TRP A CB  1 
ATOM   102 C CG  . TRP A 1 15 ? 3.73221   6.89393   0.97615   1.000 21.48062 ? 16  TRP A CG  1 
ATOM   103 C CD1 . TRP A 1 15 ? 4.05388   7.65929   2.07529   1.000 23.55196 ? 16  TRP A CD1 1 
ATOM   104 C CD2 . TRP A 1 15 ? 3.00166   5.76072   1.47312   1.000 23.02446 ? 16  TRP A CD2 1 
ATOM   105 N NE1 . TRP A 1 15 ? 3.54533   7.06300   3.22659   1.000 24.40132 ? 16  TRP A NE1 1 
ATOM   106 C CE2 . TRP A 1 15 ? 2.91980   5.89263   2.88036   1.000 22.74375 ? 16  TRP A CE2 1 
ATOM   107 C CE3 . TRP A 1 15 ? 2.41393   4.65457   0.85901   1.000 21.54821 ? 16  TRP A CE3 1 
ATOM   108 C CZ2 . TRP A 1 15 ? 2.24166   4.97109   3.67907   1.000 25.72260 ? 16  TRP A CZ2 1 
ATOM   109 C CZ3 . TRP A 1 15 ? 1.76449   3.73029   1.65000   1.000 23.21689 ? 16  TRP A CZ3 1 
ATOM   110 C CH2 . TRP A 1 15 ? 1.68516   3.89054   3.04769   1.000 21.52887 ? 16  TRP A CH2 1 
ATOM   111 N N   . SER A 1 16 ? 6.65313   8.07450   -2.28785  1.000 23.12016 ? 17  SER A N   1 
ATOM   112 C CA  . SER A 1 16 ? 7.18563   7.82781   -3.62102  1.000 23.68126 ? 17  SER A CA  1 
ATOM   113 C C   . SER A 1 16 ? 6.76526   6.44260   -4.11165  1.000 22.70600 ? 17  SER A C   1 
ATOM   114 O O   . SER A 1 16 ? 6.20814   5.62744   -3.36618  1.000 19.71150 ? 17  SER A O   1 
ATOM   115 C CB  . SER A 1 16 ? 8.70408   7.91837   -3.62603  1.000 26.51087 ? 17  SER A CB  1 
ATOM   116 O OG  . SER A 1 16 ? 9.24152   6.81719   -2.89304  1.000 26.52126 ? 17  SER A OG  1 
ATOM   117 N N   . ARG A 1 17 ? 7.04299   6.17924   -5.39142  1.000 22.07406 ? 18  ARG A N   1 
ATOM   118 C CA  . ARG A 1 17 ? 6.84501   4.84017   -5.93535  1.000 20.70666 ? 18  ARG A CA  1 
ATOM   119 C C   . ARG A 1 17 ? 7.66618   3.80476   -5.16388  1.000 20.97895 ? 18  ARG A C   1 
ATOM   120 O O   . ARG A 1 17 ? 7.18611   2.68991   -4.90413  1.000 23.23542 ? 18  ARG A O   1 
ATOM   121 C CB  . ARG A 1 17 ? 7.21054   4.82879   -7.41508  1.000 24.38378 ? 18  ARG A CB  1 
ATOM   122 C CG  . ARG A 1 17 ? 7.06152   3.49762   -8.07868  1.000 26.37922 ? 18  ARG A CG  1 
ATOM   123 C CD  . ARG A 1 17 ? 7.07149   3.66604   -9.57624  1.000 28.28192 ? 18  ARG A CD  1 
ATOM   124 N NE  . ARG A 1 17 ? 7.35938   2.42027   -10.26478 1.000 27.11541 ? 18  ARG A NE  1 
ATOM   125 C CZ  . ARG A 1 17 ? 7.06408   2.19841   -11.53828 1.000 33.49351 ? 18  ARG A CZ  1 
ATOM   126 N NH1 . ARG A 1 17 ? 6.39191   3.08144   -12.25361 1.000 31.94565 ? 18  ARG A NH1 1 
ATOM   127 N NH2 . ARG A 1 17 ? 7.44269   1.05612   -12.10901 1.000 35.77726 ? 18  ARG A NH2 1 
ATOM   128 N N   . ASP A 1 18 ? 8.89615   4.15927   -4.75727  1.000 23.04545 ? 19  ASP A N   1 
ATOM   129 C CA  . ASP A 1 18 ? 9.65630   3.21920   -3.93940  1.000 24.81102 ? 19  ASP A CA  1 
ATOM   130 C C   . ASP A 1 18 ? 9.04283   3.05593   -2.54388  1.000 25.34667 ? 19  ASP A C   1 
ATOM   131 O O   . ASP A 1 18 ? 9.09613   1.95852   -1.96763  1.000 24.37132 ? 19  ASP A O   1 
ATOM   132 C CB  . ASP A 1 18 ? 11.11782  3.65390   -3.83316  1.000 29.35079 ? 19  ASP A CB  1 
ATOM   133 C CG  . ASP A 1 18 ? 11.94211  2.64977   -3.05100  1.000 38.74359 ? 19  ASP A CG  1 
ATOM   134 O OD1 . ASP A 1 18 ? 12.11611  1.51944   -3.57305  1.000 42.75081 ? 19  ASP A OD1 1 
ATOM   135 O OD2 . ASP A 1 18 ? 12.40238  2.97038   -1.92426  1.000 48.93820 ? 19  ASP A OD2 1 
ATOM   136 N N   . ASP A 1 19 ? 8.44809   4.11988   -1.99173  1.000 23.73320 ? 20  ASP A N   1 
ATOM   137 C CA  . ASP A 1 19 ? 7.78542   3.99563   -0.69624  1.000 24.48697 ? 20  ASP A CA  1 
ATOM   138 C C   . ASP A 1 19 ? 6.65389   3.00773   -0.75970  1.000 24.05442 ? 20  ASP A C   1 
ATOM   139 O O   . ASP A 1 19 ? 6.44034   2.23521   0.18480   1.000 22.30096 ? 20  ASP A O   1 
ATOM   140 C CB  . ASP A 1 19 ? 7.22265   5.33918   -0.23646  1.000 23.61163 ? 20  ASP A CB  1 
ATOM   141 C CG  . ASP A 1 19 ? 8.29388   6.31386   0.21977   1.000 30.21693 ? 20  ASP A CG  1 
ATOM   142 O OD1 . ASP A 1 19 ? 9.39220   5.88676   0.69659   1.000 26.18117 ? 20  ASP A OD1 1 
ATOM   143 O OD2 . ASP A 1 19 ? 8.04048   7.54403   0.08432   1.000 26.29189 ? 20  ASP A OD2 1 
ATOM   144 N N   . VAL A 1 20 ? 5.86856   3.06075   -1.84074  1.000 19.27978 ? 21  VAL A N   1 
ATOM   145 C CA  . VAL A 1 20 ? 4.74969   2.12136   -1.99361  1.000 19.37306 ? 21  VAL A CA  1 
ATOM   146 C C   . VAL A 1 20 ? 5.26275   0.68278   -2.00001  1.000 21.99735 ? 21  VAL A C   1 
ATOM   147 O O   . VAL A 1 20 ? 4.69056   -0.19694  -1.34881  1.000 19.62154 ? 21  VAL A O   1 
ATOM   148 C CB  . VAL A 1 20 ? 3.95593   2.43133   -3.27357  1.000 20.31781 ? 21  VAL A CB  1 
ATOM   149 C CG1 . VAL A 1 20 ? 2.89053   1.36316   -3.52258  1.000 19.98339 ? 21  VAL A CG1 1 
ATOM   150 C CG2 . VAL A 1 20 ? 3.32883   3.83151   -3.17705  1.000 17.95673 ? 21  VAL A CG2 1 
ATOM   151 N N   . ALA A 1 21 ? 6.36186   0.43312   -2.73142  1.000 20.64396 ? 22  ALA A N   1 
ATOM   152 C CA  . ALA A 1 21 ? 6.97192   -0.89179  -2.74765  1.000 25.23803 ? 22  ALA A CA  1 
ATOM   153 C C   . ALA A 1 21 ? 7.41640   -1.32503  -1.34753  1.000 25.06061 ? 22  ALA A C   1 
ATOM   154 O O   . ALA A 1 21 ? 7.23786   -2.48941  -0.96357  1.000 22.02321 ? 22  ALA A O   1 
ATOM   155 C CB  . ALA A 1 21 ? 8.15246   -0.90020  -3.71801  1.000 24.91667 ? 22  ALA A CB  1 
ATOM   156 N N   . GLN A 1 22 ? 7.99915   -0.42481  -0.57719  1.000 23.29162 ? 23  GLN A N   1 
ATOM   157 C CA  . GLN A 1 22 ? 8.42291   -0.78865  0.76289   1.000 22.16737 ? 23  GLN A CA  1 
ATOM   158 C C   . GLN A 1 22 ? 7.21310   -1.06851  1.64428   1.000 23.38080 ? 23  GLN A C   1 
ATOM   159 O O   . GLN A 1 22 ? 7.25841   -1.93720  2.50845   1.000 22.10011 ? 23  GLN A O   1 
ATOM   160 C CB  . GLN A 1 22 ? 9.30131   0.31194   1.33241   1.000 25.49887 ? 23  GLN A CB  1 
ATOM   161 C CG  . GLN A 1 22 ? 10.44343  0.65903   0.39234   1.000 26.30649 ? 23  GLN A CG  1 
ATOM   162 N N   . TRP A 1 23 ? 6.13364   -0.33473  1.42889   1.000 20.08081 ? 24  TRP A N   1 
ATOM   163 C CA  . TRP A 1 23 ? 4.89985   -0.56501  2.16852   1.000 18.59588 ? 24  TRP A CA  1 
ATOM   164 C C   . TRP A 1 23 ? 4.38295   -1.98140  1.94841   1.000 21.71788 ? 24  TRP A C   1 
ATOM   165 O O   . TRP A 1 23 ? 4.04008   -2.68042  2.91026   1.000 20.02405 ? 24  TRP A O   1 
ATOM   166 C CB  . TRP A 1 23 ? 3.87492   0.47379   1.73503   1.000 17.96526 ? 24  TRP A CB  1 
ATOM   167 C CG  . TRP A 1 23 ? 2.52210   0.26204   2.26939   1.000 19.82534 ? 24  TRP A CG  1 
ATOM   168 C CD1 . TRP A 1 23 ? 2.13473   0.28560   3.57758   1.000 20.52588 ? 24  TRP A CD1 1 
ATOM   169 C CD2 . TRP A 1 23 ? 1.34315   0.01875   1.49527   1.000 19.91546 ? 24  TRP A CD2 1 
ATOM   170 N NE1 . TRP A 1 23 ? 0.77059   0.04809   3.66943   1.000 19.83273 ? 24  TRP A NE1 1 
ATOM   171 C CE2 . TRP A 1 23 ? 0.26253   -0.10345  2.40066   1.000 18.38602 ? 24  TRP A CE2 1 
ATOM   172 C CE3 . TRP A 1 23 ? 1.09363   -0.11291  0.11795   1.000 17.25785 ? 24  TRP A CE3 1 
ATOM   173 C CZ2 . TRP A 1 23 ? -1.03840  -0.33631  1.97200   1.000 18.01433 ? 24  TRP A CZ2 1 
ATOM   174 C CZ3 . TRP A 1 23 ? -0.20537  -0.34998  -0.29777  1.000 16.44928 ? 24  TRP A CZ3 1 
ATOM   175 C CH2 . TRP A 1 23 ? -1.24896  -0.46412  0.62512   1.000 17.76832 ? 24  TRP A CH2 1 
ATOM   176 N N   . LEU A 1 24 ? 4.36588   -2.43233  0.68765   1.000 20.83060 ? 25  LEU A N   1 
ATOM   177 C CA  . LEU A 1 24 ? 3.92657   -3.79153  0.37475   1.000 20.03195 ? 25  LEU A CA  1 
ATOM   178 C C   . LEU A 1 24 ? 4.79101   -4.82077  1.07990   1.000 24.04587 ? 25  LEU A C   1 
ATOM   179 O O   . LEU A 1 24 ? 4.28216   -5.77250  1.68468   1.000 24.52974 ? 25  LEU A O   1 
ATOM   180 C CB  . LEU A 1 24 ? 3.95594   -4.03352  -1.13443  1.000 22.43184 ? 25  LEU A CB  1 
ATOM   181 C CG  . LEU A 1 24 ? 2.95397   -3.29930  -2.02175  1.000 24.92779 ? 25  LEU A CG  1 
ATOM   182 C CD1 . LEU A 1 24 ? 3.02479   -3.86429  -3.41169  1.000 27.06480 ? 25  LEU A CD1 1 
ATOM   183 C CD2 . LEU A 1 24 ? 1.56588   -3.48655  -1.50678  1.000 26.36011 ? 25  LEU A CD2 1 
ATOM   184 N N   . LYS A 1 25 ? 6.10062   -4.64416  1.01788   1.000 20.76408 ? 26  LYS A N   1 
ATOM   185 C CA  . LYS A 1 25 ? 6.99526   -5.58245  1.67175   1.000 19.54396 ? 26  LYS A CA  1 
ATOM   186 C C   . LYS A 1 25 ? 6.72622   -5.62661  3.16386   1.000 23.42373 ? 26  LYS A C   1 
ATOM   187 O O   . LYS A 1 25 ? 6.68604   -6.69768  3.76090   1.000 22.01381 ? 26  LYS A O   1 
ATOM   188 C CB  . LYS A 1 25 ? 8.45074   -5.20772  1.41080   1.000 22.85431 ? 26  LYS A CB  1 
ATOM   189 C CG  . LYS A 1 25 ? 8.87781   -5.33504  -0.03883  1.000 33.23157 ? 26  LYS A CG  1 
ATOM   190 C CD  . LYS A 1 25 ? 10.34727  -4.98023  -0.20182  1.000 42.72488 ? 26  LYS A CD  1 
ATOM   191 C CE  . LYS A 1 25 ? 10.83658  -5.26682  -1.61081  1.000 48.36634 ? 26  LYS A CE  1 
ATOM   192 N NZ  . LYS A 1 25 ? 12.28733  -4.97572  -1.76605  1.000 50.91509 ? 26  LYS A NZ  1 
ATOM   193 N N   . TRP A 1 26 ? 6.54094   -4.45924  3.76884   1.000 20.38579 ? 27  TRP A N   1 
ATOM   194 C CA  . TRP A 1 26 ? 6.28652   -4.40677  5.19909   1.000 22.10567 ? 27  TRP A CA  1 
ATOM   195 C C   . TRP A 1 26 ? 4.96143   -5.06564  5.53987   1.000 21.05622 ? 27  TRP A C   1 
ATOM   196 O O   . TRP A 1 26 ? 4.87178   -5.84683  6.50279   1.000 22.89124 ? 27  TRP A O   1 
ATOM   197 C CB  . TRP A 1 26 ? 6.28855   -2.95485  5.67587   1.000 24.01629 ? 27  TRP A CB  1 
ATOM   198 C CG  . TRP A 1 26 ? 5.74987   -2.76324  7.05418   1.000 22.42418 ? 27  TRP A CG  1 
ATOM   199 C CD1 . TRP A 1 26 ? 6.42933   -2.91225  8.22788   1.000 27.81741 ? 27  TRP A CD1 1 
ATOM   200 C CD2 . TRP A 1 26 ? 4.42317   -2.34346  7.40813   1.000 26.57627 ? 27  TRP A CD2 1 
ATOM   201 N NE1 . TRP A 1 26 ? 5.60665   -2.64441  9.29045   1.000 26.16929 ? 27  TRP A NE1 1 
ATOM   202 C CE2 . TRP A 1 26 ? 4.37597   -2.26654  8.81528   1.000 28.39127 ? 27  TRP A CE2 1 
ATOM   203 C CE3 . TRP A 1 26 ? 3.26578   -2.03098  6.66805   1.000 24.02844 ? 27  TRP A CE3 1 
ATOM   204 C CZ2 . TRP A 1 26 ? 3.22146   -1.90032  9.50382   1.000 29.84871 ? 27  TRP A CZ2 1 
ATOM   205 C CZ3 . TRP A 1 26 ? 2.12448   -1.64455  7.35076   1.000 22.94632 ? 27  TRP A CZ3 1 
ATOM   206 C CH2 . TRP A 1 26 ? 2.10746   -1.59671  8.75880   1.000 29.00546 ? 27  TRP A CH2 1 
ATOM   207 N N   . ALA A 1 27 ? 3.93045   -4.75621  4.75131   1.000 20.11514 ? 28  ALA A N   1 
ATOM   208 C CA  . ALA A 1 27 ? 2.59750   -5.29436  4.98510   1.000 19.41473 ? 28  ALA A CA  1 
ATOM   209 C C   . ALA A 1 27 ? 2.58018   -6.80692  4.88277   1.000 20.49673 ? 28  ALA A C   1 
ATOM   210 O O   . ALA A 1 27 ? 1.91367   -7.48388  5.66928   1.000 19.18617 ? 28  ALA A O   1 
ATOM   211 C CB  . ALA A 1 27 ? 1.61292   -4.69630  3.97695   1.000 20.34672 ? 28  ALA A CB  1 
ATOM   212 N N   . GLU A 1 28 ? 3.27298   -7.35907  3.89566   1.000 19.23213 ? 29  GLU A N   1 
ATOM   213 C CA  . GLU A 1 28 ? 3.27070   -8.80944  3.74794   1.000 21.78296 ? 29  GLU A CA  1 
ATOM   214 C C   . GLU A 1 28 ? 3.74935   -9.47190  5.03667   1.000 23.53869 ? 29  GLU A C   1 
ATOM   215 O O   . GLU A 1 28 ? 3.15241   -10.43267 5.52650   1.000 22.15350 ? 29  GLU A O   1 
ATOM   216 C CB  . GLU A 1 28 ? 4.16306   -9.20799  2.57367   1.000 26.54955 ? 29  GLU A CB  1 
ATOM   217 C CG  . GLU A 1 28 ? 4.57116   -10.63837 2.54671   1.000 32.03545 ? 29  GLU A CG  1 
ATOM   218 C CD  . GLU A 1 28 ? 5.61651   -10.88366 1.47489   1.000 44.38306 ? 29  GLU A CD  1 
ATOM   219 O OE1 . GLU A 1 28 ? 5.54302   -10.20327 0.42668   1.000 42.39864 ? 29  GLU A OE1 1 
ATOM   220 O OE2 . GLU A 1 28 ? 6.40922   -11.84195 1.61814   1.000 56.32152 ? 29  GLU A OE2 1 
ATOM   221 N N   . ASN A 1 29 ? 4.80132   -8.92641  5.63305   1.000 25.03422 ? 30  ASN A N   1 
ATOM   222 C CA  . ASN A 1 29 ? 5.32412   -9.50319  6.85628   1.000 21.69968 ? 30  ASN A CA  1 
ATOM   223 C C   . ASN A 1 29 ? 4.44666   -9.18057  8.07126   1.000 23.44217 ? 30  ASN A C   1 
ATOM   224 O O   . ASN A 1 29 ? 4.19604   -10.06098 8.91092   1.000 22.79146 ? 30  ASN A O   1 
ATOM   225 C CB  . ASN A 1 29 ? 6.76337   -9.02089  7.05917   1.000 29.83478 ? 30  ASN A CB  1 
ATOM   226 C CG  . ASN A 1 29 ? 7.33923   -9.51239  8.34816   1.000 34.92085 ? 30  ASN A CG  1 
ATOM   227 O OD1 . ASN A 1 29 ? 7.43771   -8.77441  9.33387   1.000 39.38062 ? 30  ASN A OD1 1 
ATOM   228 N ND2 . ASN A 1 29 ? 7.68582   -10.79203 8.37186   1.000 35.55120 ? 30  ASN A ND2 1 
ATOM   229 N N   . GLU A 1 30 ? 3.98383   -7.93256  8.19938   1.000 21.94074 ? 31  GLU A N   1 
ATOM   230 C CA  . GLU A 1 30 ? 3.21666   -7.52946  9.36969   1.000 20.88819 ? 31  GLU A CA  1 
ATOM   231 C C   . GLU A 1 30 ? 1.88339   -8.27510  9.45447   1.000 22.26183 ? 31  GLU A C   1 
ATOM   232 O O   . GLU A 1 30 ? 1.42106   -8.62210  10.55381  1.000 22.20164 ? 31  GLU A O   1 
ATOM   233 C CB  . GLU A 1 30 ? 2.97422   -6.02100  9.32278   1.000 21.57106 ? 31  GLU A CB  1 
ATOM   234 C CG  . GLU A 1 30 ? 2.18009   -5.47605  10.49614  1.000 25.08243 ? 31  GLU A CG  1 
ATOM   235 C CD  . GLU A 1 30 ? 2.95948   -5.53929  11.82703  1.000 31.06312 ? 31  GLU A CD  1 
ATOM   236 O OE1 . GLU A 1 30 ? 4.19600   -5.75641  11.84744  1.000 34.64422 ? 31  GLU A OE1 1 
ATOM   237 O OE2 . GLU A 1 30 ? 2.32935   -5.35028  12.88265  1.000 35.37541 ? 31  GLU A OE2 1 
ATOM   238 N N   . PHE A 1 31 ? 1.26350   -8.54374  8.30762   1.000 19.23035 ? 32  PHE A N   1 
ATOM   239 C CA  . PHE A 1 31 ? -0.08631  -9.10305  8.27657   1.000 20.48905 ? 32  PHE A CA  1 
ATOM   240 C C   . PHE A 1 31 ? -0.12394  -10.51972 7.75437   1.000 19.42744 ? 32  PHE A C   1 
ATOM   241 O O   . PHE A 1 31 ? -1.21564  -11.04673 7.50455   1.000 20.08491 ? 32  PHE A O   1 
ATOM   242 C CB  . PHE A 1 31 ? -0.97352  -8.17509  7.47355   1.000 18.30000 ? 32  PHE A CB  1 
ATOM   243 C CG  . PHE A 1 31 ? -1.07226  -6.82931  8.11147   1.000 20.63247 ? 32  PHE A CG  1 
ATOM   244 C CD1 . PHE A 1 31 ? -1.89125  -6.63758  9.20809   1.000 22.83022 ? 32  PHE A CD1 1 
ATOM   245 C CD2 . PHE A 1 31 ? -0.28664  -5.76870  7.66543   1.000 20.08762 ? 32  PHE A CD2 1 
ATOM   246 C CE1 . PHE A 1 31 ? -1.94986  -5.40091  9.83911   1.000 23.99481 ? 32  PHE A CE1 1 
ATOM   247 C CE2 . PHE A 1 31 ? -0.35822  -4.54076  8.28125   1.000 19.11038 ? 32  PHE A CE2 1 
ATOM   248 C CZ  . PHE A 1 31 ? -1.20718  -4.35733  9.35601   1.000 21.20312 ? 32  PHE A CZ  1 
ATOM   249 N N   . SER A 1 32 ? 1.03895   -11.14270 7.59079   1.000 19.48183 ? 33  SER A N   1 
ATOM   250 C CA  . SER A 1 32 ? 1.13170   -12.53708 7.17952   1.000 20.96595 ? 33  SER A CA  1 
ATOM   251 C C   . SER A 1 32 ? 0.38466   -12.76324 5.87933   1.000 21.71364 ? 33  SER A C   1 
ATOM   252 O O   . SER A 1 32 ? -0.41341  -13.68585 5.74877   1.000 23.35634 ? 33  SER A O   1 
ATOM   253 C CB  . SER A 1 32 ? 0.62573   -13.47983 8.25891   1.000 22.54205 ? 33  SER A CB  1 
ATOM   254 O OG  . SER A 1 32 ? 1.33750   -13.29421 9.46590   1.000 22.63896 ? 33  SER A OG  1 
ATOM   255 N N   . LEU A 1 33 ? 0.69375   -11.93185 4.89817   1.000 20.07558 ? 34  LEU A N   1 
ATOM   256 C CA  . LEU A 1 33 ? -0.01401  -11.97646 3.62855   1.000 22.04720 ? 34  LEU A CA  1 
ATOM   257 C C   . LEU A 1 33 ? 0.70379   -12.90007 2.66605   1.000 26.21897 ? 34  LEU A C   1 
ATOM   258 O O   . LEU A 1 33 ? 1.88386   -13.21260 2.83096   1.000 30.46975 ? 34  LEU A O   1 
ATOM   259 C CB  . LEU A 1 33 ? -0.15245  -10.59553 2.98746   1.000 22.42385 ? 34  LEU A CB  1 
ATOM   260 C CG  . LEU A 1 33 ? -0.75251  -9.46039  3.83413   1.000 20.94226 ? 34  LEU A CG  1 
ATOM   261 C CD1 . LEU A 1 33 ? -0.73602  -8.15795  3.07872   1.000 25.47136 ? 34  LEU A CD1 1 
ATOM   262 C CD2 . LEU A 1 33 ? -2.16478  -9.84298  4.31118   1.000 20.28035 ? 34  LEU A CD2 1 
ATOM   263 N N   . SER A 1 34 ? -0.04956  -13.38700 1.69327   1.000 27.10595 ? 35  SER A N   1 
ATOM   264 C CA  . SER A 1 34 ? 0.55919   -14.11064 0.60574   1.000 29.82324 ? 35  SER A CA  1 
ATOM   265 C C   . SER A 1 34 ? 1.48204   -13.15908 -0.15240  1.000 30.34045 ? 35  SER A C   1 
ATOM   266 O O   . SER A 1 34 ? 1.12508   -12.00532 -0.39651  1.000 34.27925 ? 35  SER A O   1 
ATOM   267 C CB  . SER A 1 34 ? -0.49333  -14.68955 -0.32499  1.000 31.34824 ? 35  SER A CB  1 
ATOM   268 O OG  . SER A 1 34 ? -1.33746  -15.61788 0.36825   1.000 33.26252 ? 35  SER A OG  1 
ATOM   269 N N   . PRO A 1 35 ? 2.68215   -13.60060 -0.53186  1.000 38.15467 ? 36  PRO A N   1 
ATOM   270 C CA  . PRO A 1 35 ? 3.65671   -12.64412 -1.09427  1.000 40.48676 ? 36  PRO A CA  1 
ATOM   271 C C   . PRO A 1 35 ? 3.24396   -12.12765 -2.46296  1.000 38.30859 ? 36  PRO A C   1 
ATOM   272 O O   . PRO A 1 35 ? 2.78474   -12.89536 -3.31132  1.000 41.60615 ? 36  PRO A O   1 
ATOM   273 C CB  . PRO A 1 35 ? 4.91697   -13.49942 -1.14197  1.000 41.15040 ? 36  PRO A CB  1 
ATOM   274 C CG  . PRO A 1 35 ? 4.29320   -14.84851 -1.65096  1.000 45.72374 ? 36  PRO A CG  1 
ATOM   275 C CD  . PRO A 1 35 ? 3.18287   -14.99698 -0.62128  1.000 45.12188 ? 36  PRO A CD  1 
ATOM   276 N N   . ILE A 1 36 ? 3.41083   -10.83007 -2.66410  1.000 36.99414 ? 37  ILE A N   1 
ATOM   277 C CA  . ILE A 1 36 ? 3.17306   -10.23014 -3.96771  1.000 36.97613 ? 37  ILE A CA  1 
ATOM   278 C C   . ILE A 1 36 ? 4.45277   -9.55358  -4.42684  1.000 33.92820 ? 37  ILE A C   1 
ATOM   279 O O   . ILE A 1 36 ? 5.27520   -9.15866  -3.60038  1.000 35.72272 ? 37  ILE A O   1 
ATOM   280 C CB  . ILE A 1 36 ? 1.99950   -9.20934  -3.93988  1.000 37.99383 ? 37  ILE A CB  1 
ATOM   281 N N   . ASP A 1 37 ? 4.62164   -9.43328  -5.74580  1.000 36.21671 ? 38  ASP A N   1 
ATOM   282 C CA  . ASP A 1 37 ? 5.68255   -8.60978  -6.30187  1.000 32.30274 ? 38  ASP A CA  1 
ATOM   283 C C   . ASP A 1 37 ? 5.62985   -7.24405  -5.64124  1.000 32.38131 ? 38  ASP A C   1 
ATOM   284 O O   . ASP A 1 37 ? 4.57265   -6.60485  -5.58554  1.000 30.85522 ? 38  ASP A O   1 
ATOM   285 C CB  . ASP A 1 37 ? 5.53369   -8.50511  -7.82852  1.000 35.07218 ? 38  ASP A CB  1 
ATOM   286 C CG  . ASP A 1 37 ? 6.60960   -7.61329  -8.48868  1.000 37.69697 ? 38  ASP A CG  1 
ATOM   287 O OD1 . ASP A 1 37 ? 7.52031   -7.08674  -7.81083  1.000 37.70243 ? 38  ASP A OD1 1 
ATOM   288 O OD2 . ASP A 1 37 ? 6.54407   -7.44410  -9.72694  1.000 41.64333 ? 38  ASP A OD2 1 
ATOM   289 N N   . SER A 1 38 ? 6.76367   -6.80578  -5.09475  1.000 29.30854 ? 39  SER A N   1 
ATOM   290 C CA  . SER A 1 38 ? 6.74806   -5.51441  -4.43429  1.000 28.18241 ? 39  SER A CA  1 
ATOM   291 C C   . SER A 1 38 ? 6.50397   -4.38302  -5.42373  1.000 26.03097 ? 39  SER A C   1 
ATOM   292 O O   . SER A 1 38 ? 6.24687   -3.26111  -4.98279  1.000 28.70348 ? 39  SER A O   1 
ATOM   293 C CB  . SER A 1 38 ? 8.05223   -5.26011  -3.67565  1.000 32.63829 ? 39  SER A CB  1 
ATOM   294 O OG  . SER A 1 38 ? 9.13928   -5.10301  -4.56247  1.000 37.00913 ? 39  SER A OG  1 
ATOM   295 N N   . ASN A 1 39 ? 6.60104   -4.64613  -6.72870  1.000 24.19084 ? 40  ASN A N   1 
ATOM   296 C CA  . ASN A 1 39 ? 6.31447   -3.64735  -7.75697  1.000 28.36526 ? 40  ASN A CA  1 
ATOM   297 C C   . ASN A 1 39 ? 4.88902   -3.74261  -8.30529  1.000 29.77989 ? 40  ASN A C   1 
ATOM   298 O O   . ASN A 1 39 ? 4.61932   -3.21153  -9.39648  1.000 27.41363 ? 40  ASN A O   1 
ATOM   299 C CB  . ASN A 1 39 ? 7.32701   -3.75253  -8.89820  1.000 32.12932 ? 40  ASN A CB  1 
ATOM   300 C CG  . ASN A 1 39 ? 8.73491   -3.39906  -8.44900  1.000 39.63324 ? 40  ASN A CG  1 
ATOM   301 O OD1 . ASN A 1 39 ? 8.96186   -2.31521  -7.89126  1.000 37.28819 ? 40  ASN A OD1 1 
ATOM   302 N ND2 . ASN A 1 39 ? 9.67215   -4.30063  -8.66188  1.000 38.32302 ? 40  ASN A ND2 1 
ATOM   303 N N   . THR A 1 40 ? 3.98341   -4.40495  -7.56043  1.000 27.36954 ? 41  THR A N   1 
ATOM   304 C CA  . THR A 1 40 ? 2.62835   -4.67757  -8.03296  1.000 24.69903 ? 41  THR A CA  1 
ATOM   305 C C   . THR A 1 40 ? 1.89380   -3.40872  -8.43560  1.000 25.43700 ? 41  THR A C   1 
ATOM   306 O O   . THR A 1 40 ? 1.17131   -3.40684  -9.45294  1.000 29.70445 ? 41  THR A O   1 
ATOM   307 C CB  . THR A 1 40 ? 1.84435   -5.42298  -6.95238  1.000 28.94313 ? 41  THR A CB  1 
ATOM   308 O OG1 . THR A 1 40 ? 2.36013   -6.76749  -6.87232  1.000 30.43110 ? 41  THR A OG1 1 
ATOM   309 C CG2 . THR A 1 40 ? 0.35852   -5.50513  -7.30615  1.000 26.66486 ? 41  THR A CG2 1 
ATOM   310 N N   A PHE A 1 41 ? 2.02210   -2.35535  -7.62634  0.568 22.60879 ? 42  PHE A N   1 
ATOM   311 N N   B PHE A 1 41 ? 2.10048   -2.30373  -7.72121  0.432 22.66827 ? 42  PHE A N   1 
ATOM   312 C CA  A PHE A 1 41 ? 1.38074   -1.05866  -7.85192  0.568 22.90671 ? 42  PHE A CA  1 
ATOM   313 C CA  B PHE A 1 41 ? 1.30969   -1.10977  -8.01304  0.432 22.91928 ? 42  PHE A CA  1 
ATOM   314 C C   A PHE A 1 41 ? 2.45016   -0.10791  -8.38598  0.568 23.12928 ? 42  PHE A C   1 
ATOM   315 C C   B PHE A 1 41 ? 1.95125   -0.16027  -9.03011  0.432 23.66235 ? 42  PHE A C   1 
ATOM   316 O O   A PHE A 1 41 ? 3.04968   0.66242   -7.64497  0.568 21.13251 ? 42  PHE A O   1 
ATOM   317 O O   B PHE A 1 41 ? 1.22375   0.53251   -9.73581  0.432 19.53731 ? 42  PHE A O   1 
ATOM   318 C CB  A PHE A 1 41 ? 0.75888   -0.54321  -6.56102  0.568 21.29018 ? 42  PHE A CB  1 
ATOM   319 C CB  B PHE A 1 41 ? 0.99060   -0.37958  -6.70708  0.432 21.28682 ? 42  PHE A CB  1 
ATOM   320 C CG  A PHE A 1 41 ? -0.34377  -1.42520  -6.01704  0.568 22.22826 ? 42  PHE A CG  1 
ATOM   321 C CG  B PHE A 1 41 ? -0.10214  -1.04206  -5.90526  0.432 22.80905 ? 42  PHE A CG  1 
ATOM   322 C CD1 A PHE A 1 41 ? -0.04830  -2.54484  -5.25082  0.568 23.43938 ? 42  PHE A CD1 1 
ATOM   323 C CD1 B PHE A 1 41 ? -1.42805  -0.91743  -6.28273  0.432 21.84314 ? 42  PHE A CD1 1 
ATOM   324 C CD2 A PHE A 1 41 ? -1.67541  -1.11595  -6.25289  0.568 22.16982 ? 42  PHE A CD2 1 
ATOM   325 C CD2 B PHE A 1 41 ? 0.20473   -1.82441  -4.80576  0.432 21.61414 ? 42  PHE A CD2 1 
ATOM   326 C CE1 A PHE A 1 41 ? -1.07318  -3.36468  -4.73695  0.568 19.73193 ? 42  PHE A CE1 1 
ATOM   327 C CE1 B PHE A 1 41 ? -2.44336  -1.54164  -5.56058  0.432 21.68194 ? 42  PHE A CE1 1 
ATOM   328 C CE2 A PHE A 1 41 ? -2.69714  -1.92283  -5.75520  0.568 21.04505 ? 42  PHE A CE2 1 
ATOM   329 C CE2 B PHE A 1 41 ? -0.80255  -2.45730  -4.07751  0.432 22.77583 ? 42  PHE A CE2 1 
ATOM   330 C CZ  A PHE A 1 41 ? -2.39471  -3.04521  -4.98859  0.568 20.06891 ? 42  PHE A CZ  1 
ATOM   331 C CZ  B PHE A 1 41 ? -2.12427  -2.31584  -4.45230  0.432 20.47897 ? 42  PHE A CZ  1 
ATOM   332 N N   A GLU A 1 42 ? 2.66702   -0.15190  -9.69186  0.568 24.26406 ? 43  GLU A N   1 
ATOM   333 N N   B GLU A 1 42 ? 3.27701   -0.12005  -9.15136  0.432 23.49509 ? 43  GLU A N   1 
ATOM   334 C CA  A GLU A 1 42 ? 3.69785   0.64726   -10.34504 0.568 23.87376 ? 43  GLU A CA  1 
ATOM   335 C CA  B GLU A 1 42 ? 3.96788   0.65377   -10.20311 0.432 23.75563 ? 43  GLU A CA  1 
ATOM   336 C C   A GLU A 1 42 ? 3.34115   2.12846   -10.35288 0.568 23.83062 ? 43  GLU A C   1 
ATOM   337 C C   B GLU A 1 42 ? 3.43692   2.08937   -10.31945 0.432 24.27172 ? 43  GLU A C   1 
ATOM   338 O O   A GLU A 1 42 ? 3.11319   2.70535   -11.42398 0.568 24.20359 ? 43  GLU A O   1 
ATOM   339 O O   B GLU A 1 42 ? 3.14332   2.58216   -11.41333 0.432 24.21801 ? 43  GLU A O   1 
ATOM   340 C CB  A GLU A 1 42 ? 3.90505   0.15043   -11.77233 0.568 26.32553 ? 43  GLU A CB  1 
ATOM   341 C CB  B GLU A 1 42 ? 3.87417   -0.03185  -11.56724 0.432 26.08749 ? 43  GLU A CB  1 
ATOM   342 C CG  A GLU A 1 42 ? 3.34938   -1.23167  -11.99328 0.568 27.85457 ? 43  GLU A CG  1 
ATOM   343 C CG  B GLU A 1 42 ? 3.29394   -1.42050  -11.58598 0.432 27.89357 ? 43  GLU A CG  1 
ATOM   344 C CD  A GLU A 1 42 ? 3.13026   -1.58025  -13.45101 0.568 29.88191 ? 43  GLU A CD  1 
ATOM   345 C CD  B GLU A 1 42 ? 2.99447   -1.89362  -12.99177 0.432 29.01260 ? 43  GLU A CD  1 
ATOM   346 O OE1 A GLU A 1 42 ? 4.02394   -1.28164  -14.30013 0.568 28.40348 ? 43  GLU A OE1 1 
ATOM   347 O OE1 B GLU A 1 42 ? 3.61032   -1.36811  -13.95326 0.432 30.83216 ? 43  GLU A OE1 1 
ATOM   348 O OE2 A GLU A 1 42 ? 2.08039   -2.20313  -13.74732 0.568 28.08343 ? 43  GLU A OE2 1 
ATOM   349 O OE2 B GLU A 1 42 ? 2.11630   -2.76557  -13.13272 0.432 30.22966 ? 43  GLU A OE2 1 
ATOM   350 N N   . MET A 1 43 ? 3.30117   2.75693   -9.17865  1.000 19.33027 ? 44  MET A N   1 
ATOM   351 C CA  . MET A 1 43 ? 2.85827   4.14370   -9.10012  1.000 21.25927 ? 44  MET A CA  1 
ATOM   352 C C   . MET A 1 43 ? 3.22996   4.71226   -7.73974  1.000 21.12634 ? 44  MET A C   1 
ATOM   353 O O   . MET A 1 43 ? 3.58964   3.97237   -6.82118  1.000 20.48211 ? 44  MET A O   1 
ATOM   354 C CB  . MET A 1 43 ? 1.35040   4.27248   -9.32353  1.000 18.55808 ? 44  MET A CB  1 
ATOM   355 C CG  . MET A 1 43 ? 0.54826   3.71690   -8.14591  1.000 18.34928 ? 44  MET A CG  1 
ATOM   356 S SD  . MET A 1 43 ? -1.14903  3.38572   -8.55825  1.000 21.96675 ? 44  MET A SD  1 
ATOM   357 C CE  . MET A 1 43 ? -1.12300  2.24115   -9.98210  1.000 22.50985 ? 44  MET A CE  1 
ATOM   358 N N   . ASN A 1 44 ? 3.08984   6.03848   -7.60118  1.000 18.62934 ? 45  ASN A N   1 
ATOM   359 C CA  . ASN A 1 44 ? 3.42924   6.66430   -6.32368  1.000 19.48057 ? 45  ASN A CA  1 
ATOM   360 C C   . ASN A 1 44 ? 2.18031   6.74225   -5.43956  1.000 20.35317 ? 45  ASN A C   1 
ATOM   361 O O   . ASN A 1 44 ? 1.10707   6.25104   -5.80216  1.000 18.42860 ? 45  ASN A O   1 
ATOM   362 C CB  . ASN A 1 44 ? 4.08677   8.03484   -6.51329  1.000 20.70473 ? 45  ASN A CB  1 
ATOM   363 C CG  . ASN A 1 44 ? 3.17560   9.07486   -7.18148  1.000 19.07386 ? 45  ASN A CG  1 
ATOM   364 O OD1 . ASN A 1 44 ? 1.96120   8.94379   -7.23394  1.000 20.05493 ? 45  ASN A OD1 1 
ATOM   365 N ND2 . ASN A 1 44 ? 3.80252   10.14069  -7.66536  1.000 20.78401 ? 45  ASN A ND2 1 
ATOM   366 N N   . GLY A 1 45 ? 2.32373   7.35231   -4.25299  1.000 20.20737 ? 46  GLY A N   1 
ATOM   367 C CA  . GLY A 1 45 ? 1.21557   7.36282   -3.30107  1.000 17.83038 ? 46  GLY A CA  1 
ATOM   368 C C   . GLY A 1 45 ? 0.00287   8.15546   -3.76399  1.000 18.54701 ? 46  GLY A C   1 
ATOM   369 O O   . GLY A 1 45 ? -1.14820  7.73805   -3.52573  1.000 19.52213 ? 46  GLY A O   1 
ATOM   370 N N   . LYS A 1 46 ? 0.23783   9.27516   -4.43822  1.000 19.65984 ? 47  LYS A N   1 
ATOM   371 C CA  . LYS A 1 46 ? -0.86961  10.08817  -4.94635  1.000 21.75613 ? 47  LYS A CA  1 
ATOM   372 C C   . LYS A 1 46 ? -1.71858  9.26038   -5.87819  1.000 21.55778 ? 47  LYS A C   1 
ATOM   373 O O   . LYS A 1 46 ? -2.94635  9.36351   -5.85251  1.000 21.24378 ? 47  LYS A O   1 
ATOM   374 C CB  . LYS A 1 46 ? -0.38110  11.32238  -5.69609  1.000 25.07303 ? 47  LYS A CB  1 
ATOM   375 C CG  . LYS A 1 46 ? 0.51000   12.27066  -4.93323  1.000 32.87796 ? 47  LYS A CG  1 
ATOM   376 C CD  . LYS A 1 46 ? 1.22874   13.29589  -5.81237  1.000 37.83746 ? 47  LYS A CD  1 
ATOM   377 C CE  . LYS A 1 46 ? 0.29974   14.08179  -6.64597  1.000 37.84911 ? 47  LYS A CE  1 
ATOM   378 N NZ  . LYS A 1 46 ? 0.84646   15.47453  -6.69892  1.000 40.09179 ? 47  LYS A NZ  1 
ATOM   379 N N   . ALA A 1 47 ? -1.07174  8.44446   -6.71974  1.000 17.62872 ? 48  ALA A N   1 
ATOM   380 C CA  . ALA A 1 47 ? -1.79630  7.56755   -7.63518  1.000 19.80135 ? 48  ALA A CA  1 
ATOM   381 C C   . ALA A 1 47 ? -2.51502  6.46316   -6.87847  1.000 18.91028 ? 48  ALA A C   1 
ATOM   382 O O   . ALA A 1 47 ? -3.66145  6.10387   -7.18677  1.000 18.72895 ? 48  ALA A O   1 
ATOM   383 C CB  . ALA A 1 47 ? -0.80543  6.95721   -8.63084  1.000 19.11399 ? 48  ALA A CB  1 
ATOM   384 N N   . LEU A 1 48 ? -1.83291  5.88237   -5.90761  1.000 17.32244 ? 49  LEU A N   1 
ATOM   385 C CA  . LEU A 1 48 ? -2.42618  4.80328   -5.13635  1.000 17.09935 ? 49  LEU A CA  1 
ATOM   386 C C   . LEU A 1 48 ? -3.74199  5.24141   -4.52864  1.000 17.33014 ? 49  LEU A C   1 
ATOM   387 O O   . LEU A 1 48 ? -4.71179  4.47060   -4.50343  1.000 19.58723 ? 49  LEU A O   1 
ATOM   388 C CB  . LEU A 1 48 ? -1.43702  4.38594   -4.05960  1.000 19.00927 ? 49  LEU A CB  1 
ATOM   389 C CG  . LEU A 1 48 ? -1.66448  3.03389   -3.39191  1.000 24.15492 ? 49  LEU A CG  1 
ATOM   390 C CD1 . LEU A 1 48 ? -1.40731  1.90319   -4.36925  1.000 22.76121 ? 49  LEU A CD1 1 
ATOM   391 C CD2 . LEU A 1 48 ? -0.67909  2.90787   -2.19507  1.000 23.10687 ? 49  LEU A CD2 1 
ATOM   392 N N   . LEU A 1 49 ? -3.81778  6.51092   -4.08902  1.000 18.75999 ? 50  LEU A N   1 
ATOM   393 C CA  . LEU A 1 49 ? -5.01778  7.04417   -3.45932  1.000 18.05119 ? 50  LEU A CA  1 
ATOM   394 C C   . LEU A 1 49 ? -6.15359  7.27458   -4.43459  1.000 21.00951 ? 50  LEU A C   1 
ATOM   395 O O   . LEU A 1 49 ? -7.29688  7.46282   -3.99557  1.000 22.61693 ? 50  LEU A O   1 
ATOM   396 C CB  . LEU A 1 49 ? -4.67044  8.34605   -2.73607  1.000 20.73762 ? 50  LEU A CB  1 
ATOM   397 C CG  . LEU A 1 49 ? -3.78842  8.10421   -1.49247  1.000 23.41181 ? 50  LEU A CG  1 
ATOM   398 C CD1 . LEU A 1 49 ? -3.17797  9.41781   -1.02709  1.000 25.09558 ? 50  LEU A CD1 1 
ATOM   399 C CD2 . LEU A 1 49 ? -4.64578  7.47522   -0.39204  1.000 22.94031 ? 50  LEU A CD2 1 
ATOM   400 N N   . LEU A 1 50 ? -5.88947  7.20488   -5.73825  1.000 18.24854 ? 51  LEU A N   1 
ATOM   401 C CA  . LEU A 1 50 ? -6.96125  7.27689   -6.72447  1.000 17.42830 ? 51  LEU A CA  1 
ATOM   402 C C   . LEU A 1 50 ? -7.57293  5.91795   -7.06134  1.000 19.17257 ? 51  LEU A C   1 
ATOM   403 O O   . LEU A 1 50 ? -8.67951  5.89169   -7.62117  1.000 21.90714 ? 51  LEU A O   1 
ATOM   404 C CB  . LEU A 1 50 ? -6.45781  7.91712   -8.00874  1.000 17.43815 ? 51  LEU A CB  1 
ATOM   405 C CG  . LEU A 1 50 ? -6.02644  9.37478   -7.88160  1.000 19.17711 ? 51  LEU A CG  1 
ATOM   406 C CD1 . LEU A 1 50 ? -5.80874  9.96437   -9.26194  1.000 20.80132 ? 51  LEU A CD1 1 
ATOM   407 C CD2 . LEU A 1 50 ? -7.02754  10.13234  -7.10794  1.000 23.92723 ? 51  LEU A CD2 1 
ATOM   408 N N   . LEU A 1 51 ? -6.90320  4.81937   -6.71437  1.000 17.06739 ? 52  LEU A N   1 
ATOM   409 C CA  . LEU A 1 51 ? -7.43541  3.48799   -6.97565  1.000 15.60305 ? 52  LEU A CA  1 
ATOM   410 C C   . LEU A 1 51 ? -8.60589  3.15405   -6.06330  1.000 20.53895 ? 52  LEU A C   1 
ATOM   411 O O   . LEU A 1 51 ? -8.63636  3.52720   -4.88816  1.000 19.76142 ? 52  LEU A O   1 
ATOM   412 C CB  . LEU A 1 51 ? -6.36290  2.42789   -6.78690  1.000 17.31792 ? 52  LEU A CB  1 
ATOM   413 C CG  . LEU A 1 51 ? -5.13388  2.50705   -7.69650  1.000 22.96060 ? 52  LEU A CG  1 
ATOM   414 C CD1 . LEU A 1 51 ? -4.19767  1.31909   -7.43072  1.000 17.93042 ? 52  LEU A CD1 1 
ATOM   415 C CD2 . LEU A 1 51 ? -5.51553  2.66648   -9.18635  1.000 17.78183 ? 52  LEU A CD2 1 
ATOM   416 N N   . THR A 1 52 ? -9.54939  2.39647   -6.59944  1.000 18.10554 ? 53  THR A N   1 
ATOM   417 C CA  . THR A 1 52 ? -10.68176 1.94447   -5.80336  1.000 17.65127 ? 53  THR A CA  1 
ATOM   418 C C   . THR A 1 52 ? -10.34157 0.57280   -5.22564  1.000 18.12954 ? 53  THR A C   1 
ATOM   419 O O   . THR A 1 52 ? -9.36057  -0.07167  -5.60739  1.000 19.11220 ? 53  THR A O   1 
ATOM   420 C CB  . THR A 1 52 ? -11.94230 1.83043   -6.64407  1.000 19.73740 ? 53  THR A CB  1 
ATOM   421 O OG1 . THR A 1 52 ? -11.74661 0.78842   -7.60352  1.000 24.32124 ? 53  THR A OG1 1 
ATOM   422 C CG2 . THR A 1 52 ? -12.23154 3.11417   -7.39073  1.000 20.26816 ? 53  THR A CG2 1 
ATOM   423 N N   . LYS A 1 53 ? -11.18661 0.10599   -4.31528  1.000 18.18836 ? 54  LYS A N   1 
ATOM   424 C CA  . LYS A 1 53 ? -10.93824 -1.21280  -3.72855  1.000 17.54311 ? 54  LYS A CA  1 
ATOM   425 C C   . LYS A 1 53 ? -10.96236 -2.28957  -4.81115  1.000 20.64516 ? 54  LYS A C   1 
ATOM   426 O O   . LYS A 1 53 ? -10.16440 -3.23720  -4.77893  1.000 20.72862 ? 54  LYS A O   1 
ATOM   427 C CB  . LYS A 1 53 ? -11.99325 -1.51908  -2.65805  1.000 17.87915 ? 54  LYS A CB  1 
ATOM   428 C CG  . LYS A 1 53 ? -11.67735 -2.87382  -1.93796  1.000 20.90698 ? 54  LYS A CG  1 
ATOM   429 C CD  . LYS A 1 53 ? -12.79508 -3.29882  -1.03278  1.000 26.94274 ? 54  LYS A CD  1 
ATOM   430 C CE  . LYS A 1 53 ? -13.00132 -2.27630  0.05455   1.000 26.74328 ? 54  LYS A CE  1 
ATOM   431 N NZ  . LYS A 1 53 ? -14.27698 -2.67151  0.78345   1.000 28.62094 ? 54  LYS A NZ  1 
ATOM   432 N N   . GLU A 1 54 ? -11.85302 -2.14905  -5.78310  1.000 19.01181 ? 55  GLU A N   1 
ATOM   433 C CA  . GLU A 1 54 ? -11.90614 -3.10977  -6.87504  1.000 22.57213 ? 55  GLU A CA  1 
ATOM   434 C C   . GLU A 1 54 ? -10.57879 -3.11806  -7.61412  1.000 24.55917 ? 55  GLU A C   1 
ATOM   435 O O   . GLU A 1 54 ? -10.04845 -4.17797  -7.92787  1.000 24.57032 ? 55  GLU A O   1 
ATOM   436 C CB  . GLU A 1 54 ? -13.05973 -2.78501  -7.82234  1.000 26.58319 ? 55  GLU A CB  1 
ATOM   437 C CG  . GLU A 1 54 ? -14.43591 -2.95455  -7.19463  1.000 34.41730 ? 55  GLU A CG  1 
ATOM   438 N N   . ASP A 1 55 ? -10.03709 -1.94027  -7.89783  1.000 18.26731 ? 56  ASP A N   1 
ATOM   439 C CA  . ASP A 1 55 ? -8.71835  -1.87906  -8.52166  1.000 18.32101 ? 56  ASP A CA  1 
ATOM   440 C C   . ASP A 1 55 ? -7.66396  -2.62158  -7.69884  1.000 19.50672 ? 56  ASP A C   1 
ATOM   441 O O   . ASP A 1 55 ? -6.75983  -3.27142  -8.24144  1.000 17.30187 ? 56  ASP A O   1 
ATOM   442 C CB  . ASP A 1 55 ? -8.30351  -0.41383  -8.66790  1.000 16.98949 ? 56  ASP A CB  1 
ATOM   443 C CG  . ASP A 1 55 ? -9.21243  0.38353   -9.58404  1.000 18.71503 ? 56  ASP A CG  1 
ATOM   444 O OD1 . ASP A 1 55 ? -9.91781  -0.16742  -10.47778 1.000 21.91163 ? 56  ASP A OD1 1 
ATOM   445 O OD2 . ASP A 1 55 ? -9.19578  1.63101   -9.41918  1.000 18.76639 ? 56  ASP A OD2 1 
ATOM   446 N N   . PHE A 1 56 ? -7.69778  -2.44909  -6.37997  1.000 17.45416 ? 57  PHE A N   1 
ATOM   447 C CA  . PHE A 1 56 ? -6.74260  -3.16223  -5.53614  1.000 19.51280 ? 57  PHE A CA  1 
ATOM   448 C C   . PHE A 1 56 ? -6.90018  -4.67818  -5.69136  1.000 19.18753 ? 57  PHE A C   1 
ATOM   449 O O   . PHE A 1 56 ? -5.90773  -5.41168  -5.79600  1.000 19.47869 ? 57  PHE A O   1 
ATOM   450 C CB  . PHE A 1 56 ? -6.92858  -2.76614  -4.06850  1.000 17.33909 ? 57  PHE A CB  1 
ATOM   451 C CG  . PHE A 1 56 ? -6.06462  -1.60852  -3.61958  1.000 16.99270 ? 57  PHE A CG  1 
ATOM   452 C CD1 . PHE A 1 56 ? -6.27605  -0.33280  -4.13179  1.000 17.86305 ? 57  PHE A CD1 1 
ATOM   453 C CD2 . PHE A 1 56 ? -5.09420  -1.79394  -2.66236  1.000 18.86196 ? 57  PHE A CD2 1 
ATOM   454 C CE1 . PHE A 1 56 ? -5.49271  0.75572   -3.70250  1.000 18.06893 ? 57  PHE A CE1 1 
ATOM   455 C CE2 . PHE A 1 56 ? -4.30810  -0.71436  -2.20139  1.000 19.82574 ? 57  PHE A CE2 1 
ATOM   456 C CZ  . PHE A 1 56 ? -4.52138  0.55175   -2.72796  1.000 19.09495 ? 57  PHE A CZ  1 
ATOM   457 N N   . ARG A 1 57 ? -8.13837  -5.16550  -5.70160  1.000 19.96328 ? 58  ARG A N   1 
ATOM   458 C CA  . ARG A 1 57 ? -8.34523  -6.60665  -5.85669  1.000 19.79766 ? 58  ARG A CA  1 
ATOM   459 C C   . ARG A 1 57 ? -7.87650  -7.10923  -7.21528  1.000 20.93226 ? 58  ARG A C   1 
ATOM   460 O O   . ARG A 1 57 ? -7.46972  -8.27338  -7.35377  1.000 24.87202 ? 58  ARG A O   1 
ATOM   461 C CB  . ARG A 1 57 ? -9.81516  -6.93355  -5.69367  1.000 24.29900 ? 58  ARG A CB  1 
ATOM   462 C CG  . ARG A 1 57 ? -10.28409 -6.85250  -4.30135  1.000 23.63833 ? 58  ARG A CG  1 
ATOM   463 C CD  . ARG A 1 57 ? -11.52696 -7.70998  -4.23069  1.000 32.17239 ? 58  ARG A CD  1 
ATOM   464 N NE  . ARG A 1 57 ? -12.19437 -7.60239  -2.94546  1.000 31.21111 ? 58  ARG A NE  1 
ATOM   465 C CZ  . ARG A 1 57 ? -13.18596 -6.75966  -2.68612  1.000 35.58124 ? 58  ARG A CZ  1 
ATOM   466 N NH1 . ARG A 1 57 ? -13.70859 -5.98002  -3.64141  1.000 31.51366 ? 58  ARG A NH1 1 
ATOM   467 N NH2 . ARG A 1 57 ? -13.65859 -6.68813  -1.43878  1.000 29.46320 ? 58  ARG A NH2 1 
ATOM   468 N N   . TYR A 1 58 ? -7.96532  -6.25981  -8.24036  1.000 21.78800 ? 59  TYR A N   1 
ATOM   469 C CA  . TYR A 1 58 ? -7.51808  -6.67168  -9.56165  1.000 21.37509 ? 59  TYR A CA  1 
ATOM   470 C C   . TYR A 1 58 ? -6.00371  -6.78678  -9.59424  1.000 23.60789 ? 59  TYR A C   1 
ATOM   471 O O   . TYR A 1 58 ? -5.45805  -7.76384  -10.13148 1.000 24.82354 ? 59  TYR A O   1 
ATOM   472 C CB  . TYR A 1 58 ? -8.01473  -5.67678  -10.61233 1.000 24.21288 ? 59  TYR A CB  1 
ATOM   473 C CG  . TYR A 1 58 ? -7.76583  -6.11877  -12.03218 1.000 30.71969 ? 59  TYR A CG  1 
ATOM   474 C CD1 . TYR A 1 58 ? -6.56712  -5.81232  -12.68159 1.000 29.45022 ? 59  TYR A CD1 1 
ATOM   475 C CD2 . TYR A 1 58 ? -8.72375  -6.85244  -12.72804 1.000 28.17074 ? 59  TYR A CD2 1 
ATOM   476 C CE1 . TYR A 1 58 ? -6.33617  -6.23037  -13.98694 1.000 33.30768 ? 59  TYR A CE1 1 
ATOM   477 C CE2 . TYR A 1 58 ? -8.50320  -7.26416  -14.01874 1.000 31.85369 ? 59  TYR A CE2 1 
ATOM   478 C CZ  . TYR A 1 58 ? -7.31097  -6.95319  -14.64910 1.000 36.14982 ? 59  TYR A CZ  1 
ATOM   479 O OH  . TYR A 1 58 ? -7.10494  -7.37510  -15.94783 1.000 40.17027 ? 59  TYR A OH  1 
ATOM   480 N N   . ARG A 1 59 ? -5.31862  -5.79870  -9.00851  1.000 22.43774 ? 60  ARG A N   1 
ATOM   481 C CA  . ARG A 1 59 ? -3.86222  -5.82200  -8.93034  1.000 22.77306 ? 60  ARG A CA  1 
ATOM   482 C C   . ARG A 1 59 ? -3.37246  -6.95036  -8.03617  1.000 21.13158 ? 60  ARG A C   1 
ATOM   483 O O   . ARG A 1 59 ? -2.34254  -7.57341  -8.32316  1.000 22.37311 ? 60  ARG A O   1 
ATOM   484 C CB  . ARG A 1 59 ? -3.34411  -4.48488  -8.40740  1.000 20.11156 ? 60  ARG A CB  1 
ATOM   485 C CG  . ARG A 1 59 ? -3.54181  -3.28421  -9.34556  1.000 24.07244 ? 60  ARG A CG  1 
ATOM   486 C CD  . ARG A 1 59 ? -2.22414  -2.88161  -9.95535  1.000 26.76827 ? 60  ARG A CD  1 
ATOM   487 N NE  . ARG A 1 59 ? -2.34170  -1.74208  -10.85988 1.000 24.32084 ? 60  ARG A NE  1 
ATOM   488 C CZ  . ARG A 1 59 ? -1.38601  -1.36142  -11.69746 1.000 30.64554 ? 60  ARG A CZ  1 
ATOM   489 N NH1 . ARG A 1 59 ? -0.20439  -1.96360  -11.71942 1.000 27.75936 ? 60  ARG A NH1 1 
ATOM   490 N NH2 . ARG A 1 59 ? -1.62551  -0.36767  -12.54837 1.000 24.16860 ? 60  ARG A NH2 1 
ATOM   491 N N   . SER A 1 60 ? -4.07358  -7.21238  -6.93419  1.000 21.37093 ? 61  SER A N   1 
ATOM   492 C CA  . SER A 1 60 ? -3.70083  -8.29411  -6.02103  1.000 19.64642 ? 61  SER A CA  1 
ATOM   493 C C   . SER A 1 60 ? -4.93989  -9.06235  -5.58353  1.000 18.59690 ? 61  SER A C   1 
ATOM   494 O O   . SER A 1 60 ? -5.57468  -8.72733  -4.57549  1.000 20.34322 ? 61  SER A O   1 
ATOM   495 C CB  . SER A 1 60 ? -2.93931  -7.76143  -4.80927  1.000 20.99517 ? 61  SER A CB  1 
ATOM   496 O OG  . SER A 1 60 ? -2.61213  -8.82958  -3.92191  1.000 21.13535 ? 61  SER A OG  1 
ATOM   497 N N   . PRO A 1 61 ? -5.29852  -10.13022 -6.30323  1.000 22.22715 ? 62  PRO A N   1 
ATOM   498 C CA  . PRO A 1 61 ? -6.44932  -10.94115 -5.87260  1.000 23.14801 ? 62  PRO A CA  1 
ATOM   499 C C   . PRO A 1 61 ? -6.29442  -11.53785 -4.47949  1.000 26.93809 ? 62  PRO A C   1 
ATOM   500 O O   . PRO A 1 61 ? -7.29754  -11.70854 -3.77412  1.000 28.32471 ? 62  PRO A O   1 
ATOM   501 C CB  . PRO A 1 61 ? -6.52651  -12.03186 -6.94864  1.000 29.08668 ? 62  PRO A CB  1 
ATOM   502 C CG  . PRO A 1 61 ? -5.90882  -11.40804 -8.14844  1.000 27.99839 ? 62  PRO A CG  1 
ATOM   503 C CD  . PRO A 1 61 ? -4.78553  -10.55933 -7.61490  1.000 28.13155 ? 62  PRO A CD  1 
ATOM   504 N N   . HIS A 1 62 ? -5.07373  -11.86205 -4.05855  1.000 23.60874 ? 63  HIS A N   1 
ATOM   505 C CA  . HIS A 1 62 ? -4.88271  -12.51419 -2.76655  1.000 23.62147 ? 63  HIS A CA  1 
ATOM   506 C C   . HIS A 1 62 ? -4.84340  -11.54963 -1.59120  1.000 20.51489 ? 63  HIS A C   1 
ATOM   507 O O   . HIS A 1 62 ? -5.11654  -11.97855 -0.46587  1.000 25.32978 ? 63  HIS A O   1 
ATOM   508 C CB  . HIS A 1 62 ? -3.58498  -13.33147 -2.74229  1.000 26.39834 ? 63  HIS A CB  1 
ATOM   509 C CG  . HIS A 1 62 ? -3.59855  -14.52612 -3.64282  1.000 26.25104 ? 63  HIS A CG  1 
ATOM   510 N ND1 . HIS A 1 62 ? -3.36540  -14.44116 -4.99744  1.000 33.01021 ? 63  HIS A ND1 1 
ATOM   511 C CD2 . HIS A 1 62 ? -3.80697  -15.83485 -3.37963  1.000 28.70206 ? 63  HIS A CD2 1 
ATOM   512 C CE1 . HIS A 1 62 ? -3.42943  -15.65107 -5.52579  1.000 30.10716 ? 63  HIS A CE1 1 
ATOM   513 N NE2 . HIS A 1 62 ? -3.69769  -16.51413 -4.56733  1.000 31.27366 ? 63  HIS A NE2 1 
ATOM   514 N N   . SER A 1 63 ? -4.49962  -10.26889 -1.80201  1.000 20.43483 ? 64  SER A N   1 
ATOM   515 C CA  . SER A 1 63 ? -4.37241  -9.36885  -0.65786  1.000 19.45696 ? 64  SER A CA  1 
ATOM   516 C C   . SER A 1 63 ? -4.87475  -7.95339  -0.91880  1.000 20.28368 ? 64  SER A C   1 
ATOM   517 O O   . SER A 1 63 ? -4.72509  -7.08917  -0.03813  1.000 18.68940 ? 64  SER A O   1 
ATOM   518 C CB  . SER A 1 63 ? -2.91464  -9.31681  -0.17467  1.000 25.11472 ? 64  SER A CB  1 
ATOM   519 O OG  . SER A 1 63 ? -2.07260  -8.70640  -1.13804  1.000 26.51296 ? 64  SER A OG  1 
ATOM   520 N N   . GLY A 1 64 ? -5.51212  -7.69512  -2.06243  1.000 20.16200 ? 65  GLY A N   1 
ATOM   521 C CA  . GLY A 1 64 ? -5.90334  -6.33101  -2.38867  1.000 17.27670 ? 65  GLY A CA  1 
ATOM   522 C C   . GLY A 1 64 ? -6.92008  -5.73304  -1.42931  1.000 16.45511 ? 65  GLY A C   1 
ATOM   523 O O   . GLY A 1 64 ? -6.84962  -4.54287  -1.10887  1.000 17.16621 ? 65  GLY A O   1 
ATOM   524 N N   . ASP A 1 65 ? -7.89771  -6.53073  -0.99129  1.000 19.39507 ? 66  ASP A N   1 
ATOM   525 C CA  . ASP A 1 65 ? -8.87468  -6.01918  -0.03149  1.000 17.24154 ? 66  ASP A CA  1 
ATOM   526 C C   . ASP A 1 65 ? -8.18484  -5.58555  1.26243   1.000 17.30891 ? 66  ASP A C   1 
ATOM   527 O O   . ASP A 1 65 ? -8.37618  -4.45747  1.73397   1.000 17.92048 ? 66  ASP A O   1 
ATOM   528 C CB  . ASP A 1 65 ? -9.98361  -7.05299  0.24110   1.000 20.83086 ? 66  ASP A CB  1 
ATOM   529 C CG  . ASP A 1 65 ? -9.46306  -8.43043  0.68192   1.000 22.30920 ? 66  ASP A CG  1 
ATOM   530 O OD1 . ASP A 1 65 ? -8.24524  -8.69287  0.66474   1.000 24.34268 ? 66  ASP A OD1 1 
ATOM   531 O OD2 . ASP A 1 65 ? -10.30709 -9.27751  1.04737   1.000 24.51182 ? 66  ASP A OD2 1 
ATOM   532 N N   . GLU A 1 66 ? -7.36702  -6.46820  1.84101   1.000 16.65849 ? 67  GLU A N   1 
ATOM   533 C CA  . GLU A 1 66 ? -6.58594  -6.09753  3.01916   1.000 15.18319 ? 67  GLU A CA  1 
ATOM   534 C C   . GLU A 1 66 ? -5.72775  -4.85870  2.77701   1.000 16.83561 ? 67  GLU A C   1 
ATOM   535 O O   . GLU A 1 66 ? -5.70543  -3.93499  3.60760   1.000 17.33972 ? 67  GLU A O   1 
ATOM   536 C CB  . GLU A 1 66 ? -5.68141  -7.25961  3.44761   1.000 16.33666 ? 67  GLU A CB  1 
ATOM   537 C CG  . GLU A 1 66 ? -4.82537  -6.85187  4.64346   1.000 20.48300 ? 67  GLU A CG  1 
ATOM   538 C CD  . GLU A 1 66 ? -5.58135  -6.62861  5.93227   1.000 26.17756 ? 67  GLU A CD  1 
ATOM   539 O OE1 . GLU A 1 66 ? -6.76082  -7.03948  6.02988   1.000 25.51487 ? 67  GLU A OE1 1 
ATOM   540 O OE2 . GLU A 1 66 ? -5.00620  -5.94322  6.83749   1.000 28.60950 ? 67  GLU A OE2 1 
ATOM   541 N N   . LEU A 1 67 ? -4.97096  -4.83660  1.66959   1.000 15.91378 ? 68  LEU A N   1 
ATOM   542 C CA  . LEU A 1 67 ? -4.07827  -3.69790  1.43566   1.000 15.79522 ? 68  LEU A CA  1 
ATOM   543 C C   . LEU A 1 67 ? -4.85921  -2.40119  1.34907   1.000 18.71638 ? 68  LEU A C   1 
ATOM   544 O O   . LEU A 1 67 ? -4.41142  -1.37073  1.87718   1.000 17.22564 ? 68  LEU A O   1 
ATOM   545 C CB  . LEU A 1 67 ? -3.24061  -3.90319  0.17690   1.000 16.65226 ? 68  LEU A CB  1 
ATOM   546 C CG  . LEU A 1 67 ? -2.16314  -4.99883  0.32431   1.000 17.96160 ? 68  LEU A CG  1 
ATOM   547 C CD1 . LEU A 1 67 ? -1.50074  -5.27174  -1.03149  1.000 20.33013 ? 68  LEU A CD1 1 
ATOM   548 C CD2 . LEU A 1 67 ? -1.10363  -4.54177  1.32341   1.000 18.65457 ? 68  LEU A CD2 1 
ATOM   549 N N   . TYR A 1 68 ? -6.04460  -2.43917  0.71090   1.000 14.98811 ? 69  TYR A N   1 
ATOM   550 C CA  . TYR A 1 68 ? -6.91288  -1.25954  0.62772   1.000 15.16648 ? 69  TYR A CA  1 
ATOM   551 C C   . TYR A 1 68 ? -7.32481  -0.78654  2.01212   1.000 16.89425 ? 69  TYR A C   1 
ATOM   552 O O   . TYR A 1 68 ? -7.23059  0.41455   2.32964   1.000 16.81122 ? 69  TYR A O   1 
ATOM   553 C CB  . TYR A 1 68 ? -8.17557  -1.56507  -0.20574  1.000 15.78396 ? 69  TYR A CB  1 
ATOM   554 C CG  . TYR A 1 68 ? -9.05497  -0.34438  -0.36074  1.000 18.22974 ? 69  TYR A CG  1 
ATOM   555 C CD1 . TYR A 1 68 ? -8.77203  0.60431   -1.33142  1.000 17.21716 ? 69  TYR A CD1 1 
ATOM   556 C CD2 . TYR A 1 68 ? -10.15131 -0.14657  0.48449   1.000 19.94800 ? 69  TYR A CD2 1 
ATOM   557 C CE1 . TYR A 1 68 ? -9.56503  1.73806   -1.46397  1.000 18.94302 ? 69  TYR A CE1 1 
ATOM   558 C CE2 . TYR A 1 68 ? -10.93982 0.98108   0.36227   1.000 22.20786 ? 69  TYR A CE2 1 
ATOM   559 C CZ  . TYR A 1 68 ? -10.63029 1.91362   -0.61654  1.000 20.55604 ? 69  TYR A CZ  1 
ATOM   560 O OH  . TYR A 1 68 ? -11.41193 3.03259   -0.75326  1.000 22.35130 ? 69  TYR A OH  1 
ATOM   561 N N   . GLU A 1 69 ? -7.82124  -1.70798  2.84025   1.000 16.70340 ? 70  GLU A N   1 
ATOM   562 C CA  . GLU A 1 69 ? -8.23431  -1.32113  4.18671   1.000 18.56181 ? 70  GLU A CA  1 
ATOM   563 C C   . GLU A 1 69 ? -7.04839  -0.87639  5.03057   1.000 17.30104 ? 70  GLU A C   1 
ATOM   564 O O   . GLU A 1 69 ? -7.18840  0.02027   5.88623   1.000 18.74596 ? 70  GLU A O   1 
ATOM   565 C CB  . GLU A 1 69 ? -8.97515  -2.46644  4.87448   1.000 17.71139 ? 70  GLU A CB  1 
ATOM   566 C CG  . GLU A 1 69 ? -10.14755 -3.07554  4.03176   1.000 19.87160 ? 70  GLU A CG  1 
ATOM   567 C CD  . GLU A 1 69 ? -11.34623 -2.14859  3.79400   1.000 25.87980 ? 70  GLU A CD  1 
ATOM   568 O OE1 . GLU A 1 69 ? -11.27919 -0.94209  4.04927   1.000 23.01367 ? 70  GLU A OE1 1 
ATOM   569 O OE2 . GLU A 1 69 ? -12.42146 -2.64578  3.36309   1.000 24.29595 ? 70  GLU A OE2 1 
ATOM   570 N N   . LEU A 1 70 ? -5.89143  -1.50918  4.82660   1.000 15.92087 ? 71  LEU A N   1 
ATOM   571 C CA  . LEU A 1 70 ? -4.68460  -1.05075  5.50154   1.000 14.47186 ? 71  LEU A CA  1 
ATOM   572 C C   . LEU A 1 70 ? -4.37274  0.39726   5.14034   1.000 18.83160 ? 71  LEU A C   1 
ATOM   573 O O   . LEU A 1 70 ? -4.06342  1.22372   6.01754   1.000 18.55725 ? 71  LEU A O   1 
ATOM   574 C CB  . LEU A 1 70 ? -3.51541  -1.95382  5.11865   1.000 13.74893 ? 71  LEU A CB  1 
ATOM   575 C CG  . LEU A 1 70 ? -2.18988  -1.53873  5.73185   1.000 13.10213 ? 71  LEU A CG  1 
ATOM   576 C CD1 . LEU A 1 70 ? -2.30417  -1.51226  7.25134   1.000 19.21223 ? 71  LEU A CD1 1 
ATOM   577 C CD2 . LEU A 1 70 ? -1.09961  -2.51323  5.25170   1.000 19.08110 ? 71  LEU A CD2 1 
ATOM   578 N N   . LEU A 1 71 ? -4.46118  0.73020   3.84329   1.000 16.07037 ? 72  LEU A N   1 
ATOM   579 C CA  . LEU A 1 71 ? -4.24056  2.10897   3.43001   1.000 17.78060 ? 72  LEU A CA  1 
ATOM   580 C C   . LEU A 1 71 ? -5.22933  3.03944   4.10977   1.000 21.46148 ? 72  LEU A C   1 
ATOM   581 O O   . LEU A 1 71 ? -4.85295  4.11852   4.58630   1.000 18.17957 ? 72  LEU A O   1 
ATOM   582 C CB  . LEU A 1 71 ? -4.32219  2.20539   1.90873   1.000 16.96369 ? 72  LEU A CB  1 
ATOM   583 C CG  . LEU A 1 71 ? -4.06975  3.60402   1.36029   1.000 19.85047 ? 72  LEU A CG  1 
ATOM   584 C CD1 . LEU A 1 71 ? -2.65206  4.08503   1.69767   1.000 20.26992 ? 72  LEU A CD1 1 
ATOM   585 C CD2 . LEU A 1 71 ? -4.30354  3.60331   -0.14917  1.000 23.66090 ? 72  LEU A CD2 1 
ATOM   586 N N   . GLN A 1 72 ? -6.50893  2.63685   4.18846   1.000 19.83215 ? 73  GLN A N   1 
ATOM   587 C CA  . GLN A 1 72 ? -7.48823  3.43127   4.92557   1.000 19.49420 ? 73  GLN A CA  1 
ATOM   588 C C   . GLN A 1 72 ? -7.09442  3.61293   6.38151   1.000 22.31083 ? 73  GLN A C   1 
ATOM   589 O O   . GLN A 1 72 ? -7.23355  4.70598   6.95316   1.000 24.45723 ? 73  GLN A O   1 
ATOM   590 C CB  . GLN A 1 72 ? -8.86832  2.76505   4.86554   1.000 22.85615 ? 73  GLN A CB  1 
ATOM   591 C CG  . GLN A 1 72 ? -9.34258  2.51994   3.48347   1.000 19.25298 ? 73  GLN A CG  1 
ATOM   592 C CD  . GLN A 1 72 ? -9.06427  3.68400   2.57449   1.000 20.55709 ? 73  GLN A CD  1 
ATOM   593 O OE1 . GLN A 1 72 ? -9.52022  4.83455   2.81136   1.000 24.31870 ? 73  GLN A OE1 1 
ATOM   594 N NE2 . GLN A 1 72 ? -8.34904  3.40963   1.50874   1.000 23.35120 ? 73  GLN A NE2 1 
ATOM   595 N N   . HIS A 1 73 ? -6.65291  2.53464   7.01580   1.000 19.02575 ? 74  HIS A N   1 
ATOM   596 C CA  . HIS A 1 73 ? -6.25649  2.60152   8.40619   1.000 22.14714 ? 74  HIS A CA  1 
ATOM   597 C C   . HIS A 1 73 ? -5.09965  3.58071   8.58324   1.000 23.97642 ? 74  HIS A C   1 
ATOM   598 O O   . HIS A 1 73 ? -5.05371  4.35614   9.55348   1.000 25.49712 ? 74  HIS A O   1 
ATOM   599 C CB  . HIS A 1 73 ? -5.86803  1.18999   8.83229   1.000 27.84467 ? 74  HIS A CB  1 
ATOM   600 C CG  . HIS A 1 73 ? -5.51855  1.04309   10.28119  1.000 34.04545 ? 74  HIS A CG  1 
ATOM   601 N ND1 . HIS A 1 73 ? -6.46801  1.00180   11.28123  1.000 36.98377 ? 74  HIS A ND1 1 
ATOM   602 C CD2 . HIS A 1 73 ? -4.31809  0.84471   10.88800  1.000 35.11538 ? 74  HIS A CD2 1 
ATOM   603 C CE1 . HIS A 1 73 ? -5.86672  0.81173   12.44575  1.000 39.74041 ? 74  HIS A CE1 1 
ATOM   604 N NE2 . HIS A 1 73 ? -4.56216  0.72677   12.23546  1.000 40.38107 ? 74  HIS A NE2 1 
ATOM   605 N N   . ILE A 1 74 ? -4.15084  3.54980   7.65030   1.000 23.17381 ? 75  ILE A N   1 
ATOM   606 C CA  . ILE A 1 74 ? -3.01486  4.46787   7.71690   1.000 22.28090 ? 75  ILE A CA  1 
ATOM   607 C C   . ILE A 1 74 ? -3.47745  5.90858   7.58215   1.000 24.89626 ? 75  ILE A C   1 
ATOM   608 O O   . ILE A 1 74 ? -2.95461  6.82473   8.24485   1.000 25.93994 ? 75  ILE A O   1 
ATOM   609 C CB  . ILE A 1 74 ? -1.99432  4.07719   6.64233   1.000 22.74302 ? 75  ILE A CB  1 
ATOM   610 C CG1 . ILE A 1 74 ? -1.39189  2.74379   7.05220   1.000 22.40274 ? 75  ILE A CG1 1 
ATOM   611 C CG2 . ILE A 1 74 ? -0.92711  5.15296   6.48082   1.000 25.39810 ? 75  ILE A CG2 1 
ATOM   612 C CD1 . ILE A 1 74 ? -0.46491  2.17519   6.06849   1.000 26.13778 ? 75  ILE A CD1 1 
ATOM   613 N N   . LEU A 1 75 ? -4.47294  6.13488   6.72405   1.000 25.04161 ? 76  LEU A N   1 
ATOM   614 C CA  . LEU A 1 75 ? -4.99811  7.48296   6.56459   1.000 26.08946 ? 76  LEU A CA  1 
ATOM   615 C C   . LEU A 1 75 ? -5.68032  7.99449   7.82096   1.000 29.66260 ? 76  LEU A C   1 
ATOM   616 O O   . LEU A 1 75 ? -5.83548  9.21044   7.96356   1.000 33.74036 ? 76  LEU A O   1 
ATOM   617 C CB  . LEU A 1 75 ? -5.97660  7.51926   5.39722   1.000 21.93571 ? 76  LEU A CB  1 
ATOM   618 C CG  . LEU A 1 75 ? -5.30285  7.38191   4.04035   1.000 22.39454 ? 76  LEU A CG  1 
ATOM   619 C CD1 . LEU A 1 75 ? -6.35485  7.00736   2.95014   1.000 29.17061 ? 76  LEU A CD1 1 
ATOM   620 C CD2 . LEU A 1 75 ? -4.50823  8.61895   3.64627   1.000 29.64454 ? 76  LEU A CD2 1 
ATOM   621 N N   . LYS A 1 76 ? -6.09148  7.11974   8.74099   1.000 26.91183 ? 77  LYS A N   1 
ATOM   622 C CA  . LYS A 1 76 ? -6.63182  7.60802   10.00304  1.000 30.06474 ? 77  LYS A CA  1 
ATOM   623 C C   . LYS A 1 76 ? -5.55276  8.11136   10.95393  1.000 35.23918 ? 77  LYS A C   1 
ATOM   624 O O   . LYS A 1 76 ? -5.88946  8.65027   12.01003  1.000 30.45695 ? 77  LYS A O   1 
ATOM   625 C CB  . LYS A 1 76 ? -7.42045  6.53882   10.76097  1.000 31.78593 ? 77  LYS A CB  1 
ATOM   626 C CG  . LYS A 1 76 ? -8.64304  5.99005   10.05857  1.000 32.36665 ? 77  LYS A CG  1 
ATOM   627 C CD  . LYS A 1 76 ? -9.22474  4.77618   10.80201  1.000 32.65976 ? 77  LYS A CD  1 
ATOM   628 C CE  . LYS A 1 76 ? -10.31836 4.11786   9.94708   1.000 38.47466 ? 77  LYS A CE  1 
ATOM   629 N NZ  . LYS A 1 76 ? -10.96506 2.95918   10.63247  1.000 42.48077 ? 77  LYS A NZ  1 
ATOM   630 N N   . GLN A 1 77 ? -4.27816  7.91350   10.62035  1.000 34.00274 ? 78  GLN A N   1 
ATOM   631 C CA  . GLN A 1 77 ? -3.21714  8.23270   11.55953  1.000 34.98050 ? 78  GLN A CA  1 
ATOM   632 C C   . GLN A 1 77 ? -2.92599  9.73512   11.60293  1.000 46.65165 ? 78  GLN A C   1 
ATOM   633 O O   . GLN A 1 77 ? -2.83323  10.31877  12.69585  1.000 51.30227 ? 78  GLN A O   1 
ATOM   634 C CB  . GLN A 1 77 ? -1.96585  7.42115   11.20983  1.000 39.49795 ? 78  GLN A CB  1 
ATOM   635 C CG  . GLN A 1 77 ? -2.16841  5.88588   11.28994  1.000 35.34403 ? 78  GLN A CG  1 
ATOM   636 N N   . ARG A 1 78 ? -2.79079  10.39156  10.44647  1.000 52.86470 ? 79  ARG A N   1 
ATOM   637 C CA  . ARG A 1 78 ? -2.32824  11.78062  10.43669  1.000 63.01672 ? 79  ARG A CA  1 
ATOM   638 C C   . ARG A 1 78 ? -3.41703  12.73832  9.94906   1.000 60.10422 ? 79  ARG A C   1 
ATOM   639 O O   . ARG A 1 78 ? -4.26803  12.37629  9.11978   1.000 55.41121 ? 79  ARG A O   1 
ATOM   640 C CB  . ARG A 1 78 ? -1.08122  11.91950  9.56050   1.000 68.30066 ? 79  ARG A CB  1 
ATOM   641 N N   . GLU A 1 79 ? -3.38042  13.96486  10.49354  1.000 61.95400 ? 80  GLU A N   1 
ATOM   642 C CA  . GLU A 1 79 ? -4.32419  15.04804  10.17292  1.000 61.24876 ? 80  GLU A CA  1 
ATOM   643 C C   . GLU A 1 79 ? -3.97450  15.71874  8.84282   1.000 63.00358 ? 80  GLU A C   1 
ATOM   644 O O   . GLU A 1 79 ? -3.26136  15.14322  8.01626   1.000 64.32106 ? 80  GLU A O   1 
ATOM   645 C CB  . GLU A 1 79 ? -4.34421  16.08721  11.29514  1.000 71.03113 ? 80  GLU A CB  1 
HETATM 646 O O   . HOH B 2 .  ? -13.22056 3.99372   0.62578   1.000 40.31335 ? 201 HOH A O   1 
HETATM 647 O O   . HOH B 2 .  ? 5.58822   -2.79421  12.34086  1.000 51.07218 ? 202 HOH A O   1 
HETATM 648 O O   . HOH B 2 .  ? -12.70423 -9.13487  0.13570   1.000 26.33183 ? 203 HOH A O   1 
HETATM 649 O O   . HOH B 2 .  ? -9.84717  -11.95879 -4.12483  1.000 40.39710 ? 204 HOH A O   1 
HETATM 650 O O   . HOH B 2 .  ? 11.76338  7.19869   -2.40942  1.000 38.23451 ? 205 HOH A O   1 
HETATM 651 O O   . HOH B 2 .  ? 1.11497   -4.58511  -14.71837 1.000 37.76296 ? 206 HOH A O   1 
HETATM 652 O O   . HOH B 2 .  ? 4.06346   -12.70018 8.97638   1.000 29.53185 ? 207 HOH A O   1 
HETATM 653 O O   . HOH B 2 .  ? 7.17894   12.19903  -2.70177  1.000 37.66034 ? 208 HOH A O   1 
HETATM 654 O O   . HOH B 2 .  ? 0.53295   -9.21761  -0.72277  1.000 32.81703 ? 209 HOH A O   1 
HETATM 655 O O   . HOH B 2 .  ? 10.64093  3.68750   1.61331   1.000 42.12303 ? 210 HOH A O   1 
HETATM 656 O O   . HOH B 2 .  ? 2.16084   2.39122   -13.93459 1.000 25.16466 ? 211 HOH A O   1 
HETATM 657 O O   . HOH B 2 .  ? 1.99220   -8.74696  -8.72382  1.000 42.95746 ? 212 HOH A O   1 
HETATM 658 O O   . HOH B 2 .  ? 9.62981   -2.64426  3.68236   1.000 29.63054 ? 213 HOH A O   1 
HETATM 659 O O   . HOH B 2 .  ? 2.43921   13.80971  6.39791   1.000 35.52634 ? 214 HOH A O   1 
HETATM 660 O O   . HOH B 2 .  ? -0.99436  -7.25991  -10.68841 1.000 37.30086 ? 215 HOH A O   1 
HETATM 661 O O   . HOH B 2 .  ? 10.00205  -8.25096  -7.74999  1.000 50.95916 ? 216 HOH A O   1 
HETATM 662 O O   . HOH B 2 .  ? 0.94495   -5.48827  -11.23236 1.000 34.44243 ? 217 HOH A O   1 
HETATM 663 O O   . HOH B 2 .  ? 3.01643   10.66699  -4.01673  1.000 22.32588 ? 218 HOH A O   1 
HETATM 664 O O   . HOH B 2 .  ? -4.30863  11.55005  -4.86129  1.000 27.98032 ? 219 HOH A O   1 
HETATM 665 O O   . HOH B 2 .  ? -6.81167  3.93854   -2.78719  1.000 20.23091 ? 220 HOH A O   1 
HETATM 666 O O   . HOH B 2 .  ? -14.15512 0.67276   -8.98487  1.000 32.78938 ? 221 HOH A O   1 
HETATM 667 O O   . HOH B 2 .  ? -11.12284 7.22791   -7.64159  1.000 32.84443 ? 222 HOH A O   1 
HETATM 668 O O   . HOH B 2 .  ? 9.09643   -8.34614  -4.83913  1.000 36.13646 ? 223 HOH A O   1 
HETATM 669 O O   . HOH B 2 .  ? 5.63660   0.74315   -6.50479  1.000 25.39326 ? 224 HOH A O   1 
HETATM 670 O O   . HOH B 2 .  ? -7.78347  5.30015   -0.52193  1.000 28.46590 ? 225 HOH A O   1 
HETATM 671 O O   . HOH B 2 .  ? -6.45182  -9.89603  -11.72110 1.000 40.68351 ? 226 HOH A O   1 
HETATM 672 O O   . HOH B 2 .  ? 4.12925   -1.56621  -5.83614  1.000 20.11922 ? 227 HOH A O   1 
HETATM 673 O O   . HOH B 2 .  ? 3.04552   -10.89894 -7.60643  1.000 42.25425 ? 228 HOH A O   1 
HETATM 674 O O   . HOH B 2 .  ? -5.07932  3.85422   12.35802  1.000 31.69197 ? 229 HOH A O   1 
HETATM 675 O O   . HOH B 2 .  ? 10.62094  -2.47097  -5.56732  1.000 42.53461 ? 230 HOH A O   1 
HETATM 676 O O   . HOH B 2 .  ? 0.96532   -15.55446 11.19833  1.000 22.37498 ? 231 HOH A O   1 
HETATM 677 O O   . HOH B 2 .  ? -9.81723  6.89551   0.82464   1.000 44.38901 ? 232 HOH A O   1 
HETATM 678 O O   . HOH B 2 .  ? 2.78506   14.55268  -3.24296  1.000 39.39902 ? 233 HOH A O   1 
HETATM 679 O O   . HOH B 2 .  ? 8.56550   -0.47231  10.76447  1.000 49.29242 ? 234 HOH A O   1 
HETATM 680 O O   . HOH B 2 .  ? -13.29781 1.78915   -3.19653  1.000 27.41244 ? 235 HOH A O   1 
HETATM 681 O O   . HOH B 2 .  ? -2.33376  11.14658  2.36969   1.000 30.57863 ? 236 HOH A O   1 
HETATM 682 O O   . HOH B 2 .  ? -16.81064 -3.21802  -0.58287  1.000 38.82911 ? 237 HOH A O   1 
HETATM 683 O O   . HOH B 2 .  ? -9.58015  -9.99184  -8.50297  1.000 35.25247 ? 238 HOH A O   1 
HETATM 684 O O   . HOH B 2 .  ? -11.68762 -6.44873  -8.88882  1.000 36.70888 ? 239 HOH A O   1 
HETATM 685 O O   . HOH B 2 .  ? -8.51618  7.55820   -1.29122  1.000 39.33810 ? 240 HOH A O   1 
HETATM 686 O O   . HOH B 2 .  ? 7.18702   0.07007   -8.23881  1.000 34.55358 ? 241 HOH A O   1 
HETATM 687 O O   . HOH B 2 .  ? -9.09664  0.58984   9.90394   1.000 36.87623 ? 242 HOH A O   1 
HETATM 688 O O   . HOH B 2 .  ? -1.42461  9.29329   7.46334   1.000 36.05312 ? 243 HOH A O   1 
HETATM 689 O O   . HOH B 2 .  ? -2.37342  -11.52119 -5.38458  1.000 24.73774 ? 244 HOH A O   1 
HETATM 690 O O   . HOH B 2 .  ? -8.44452  -9.20493  -2.49762  1.000 28.16457 ? 245 HOH A O   1 
HETATM 691 O O   . HOH B 2 .  ? -13.59063 -6.22132  -6.68237  1.000 37.33344 ? 246 HOH A O   1 
HETATM 692 O O   . HOH B 2 .  ? 10.61699  6.21862   -6.23471  1.000 27.64541 ? 247 HOH A O   1 
HETATM 693 O O   . HOH B 2 .  ? -14.42614 -0.47078  -5.32058  1.000 27.35734 ? 248 HOH A O   1 
HETATM 694 O O   . HOH B 2 .  ? -4.49156  -6.05086  -17.03151 1.000 40.31414 ? 249 HOH A O   1 
HETATM 695 O O   . HOH B 2 .  ? -10.63080 -10.31576 -1.92242  1.000 30.78895 ? 250 HOH A O   1 
HETATM 696 O O   . HOH B 2 .  ? -3.08565  -7.61026  -12.45939 1.000 45.45836 ? 251 HOH A O   1 
HETATM 697 O O   . HOH B 2 .  ? 4.70413   12.39942  -5.37072  1.000 35.45088 ? 252 HOH A O   1 
HETATM 698 O O   . HOH B 2 .  ? 0.79448   8.43681   8.43645   1.000 44.14755 ? 253 HOH A O   1 
HETATM 699 O O   . HOH B 2 .  ? -0.52442  0.45626   11.18546  1.000 52.00104 ? 254 HOH A O   1 
HETATM 700 O O   . HOH B 2 .  ? -14.56356 0.88040   -1.00729  1.000 37.45740 ? 255 HOH A O   1 
HETATM 701 O O   . HOH B 2 .  ? 6.94825   11.05613  -5.37350  1.000 35.76776 ? 256 HOH A O   1 
HETATM 702 O O   . HOH B 2 .  ? 8.05863   -11.68995 -6.53478  1.000 44.19372 ? 257 HOH A O   1 
HETATM 703 O O   . HOH B 2 .  ? -13.70703 6.55353   -0.82265  1.000 46.72437 ? 258 HOH A O   1 
HETATM 704 O O   . HOH B 2 .  ? 5.23920   -15.99643 -4.78396  1.000 44.82988 ? 259 HOH A O   1 
HETATM 705 O O   . HOH B 2 .  ? 11.95795  -8.12176  -5.84219  1.000 51.61213 ? 260 HOH A O   1 
HETATM 706 O O   . HOH B 2 .  ? 14.77435  5.24378   1.26950   1.000 45.64506 ? 261 HOH A O   1 
HETATM 707 O O   . HOH B 2 .  ? -6.56463  11.77253  -3.28298  1.000 35.68864 ? 262 HOH A O   1 
HETATM 708 O O   . HOH B 2 .  ? -18.72266 -2.30767  0.98395   1.000 45.20665 ? 263 HOH A O   1 
HETATM 709 O O   . HOH B 2 .  ? -15.54915 2.00037   -5.01521  1.000 40.93934 ? 264 HOH A O   1 
HETATM 710 O O   . HOH B 2 .  ? 11.46340  1.87335   2.62945   1.000 43.99590 ? 265 HOH A O   1 
# 
loop_
_atom_site_anisotrop.id 
_atom_site_anisotrop.type_symbol 
_atom_site_anisotrop.pdbx_label_atom_id 
_atom_site_anisotrop.pdbx_label_alt_id 
_atom_site_anisotrop.pdbx_label_comp_id 
_atom_site_anisotrop.pdbx_label_asym_id 
_atom_site_anisotrop.pdbx_label_seq_id 
_atom_site_anisotrop.pdbx_PDB_ins_code 
_atom_site_anisotrop.U[1][1] 
_atom_site_anisotrop.U[2][2] 
_atom_site_anisotrop.U[3][3] 
_atom_site_anisotrop.U[1][2] 
_atom_site_anisotrop.U[1][3] 
_atom_site_anisotrop.U[2][3] 
_atom_site_anisotrop.pdbx_auth_seq_id 
_atom_site_anisotrop.pdbx_auth_comp_id 
_atom_site_anisotrop.pdbx_auth_asym_id 
_atom_site_anisotrop.pdbx_auth_atom_id 
1   N N   . ARG A 3  ? 1.15033 1.26657 0.70011 -0.33882 -0.20314 0.03293  4  ARG A N   
2   C CA  . ARG A 3  ? 1.19736 1.30064 0.77357 -0.35524 -0.24462 0.07859  4  ARG A CA  
3   C C   . ARG A 3  ? 1.11352 1.16506 0.78307 -0.34414 -0.25924 0.07203  4  ARG A C   
4   O O   . ARG A 3  ? 1.13126 1.16882 0.85900 -0.35527 -0.28915 0.11151  4  ARG A O   
5   C CB  . ARG A 3  ? 1.24019 1.37289 0.82997 -0.38026 -0.25084 0.14686  4  ARG A CB  
6   N N   . LEU A 4  ? 0.95870 0.98691 0.64231 -0.32129 -0.23936 0.02096  5  LEU A N   
7   C CA  . LEU A 4  ? 0.79002 0.78933 0.55842 -0.30563 -0.23513 0.00753  5  LEU A CA  
8   C C   . LEU A 4  ? 0.74757 0.72170 0.55224 -0.30822 -0.26886 0.01025  5  LEU A C   
9   O O   . LEU A 4  ? 0.79411 0.76497 0.55741 -0.31015 -0.28634 0.00876  5  LEU A O   
10  C CB  . LEU A 4  ? 0.74127 0.73512 0.49805 -0.28201 -0.20074 -0.03954 5  LEU A CB  
11  C CG  . LEU A 4  ? 0.73151 0.74876 0.46998 -0.27285 -0.16414 -0.05306 5  LEU A CG  
12  C CD1 . LEU A 4  ? 0.84543 0.87775 0.49428 -0.27067 -0.15167 -0.08337 5  LEU A CD1 
13  C CD2 . LEU A 4  ? 0.69318 0.70486 0.48831 -0.24780 -0.13972 -0.07769 5  LEU A CD2 
14  N N   . PRO A 5  ? 0.70647 0.66983 0.59964 -0.29353 -0.26591 0.01040  6  PRO A N   
15  C CA  . PRO A 5  ? 0.70082 0.64815 0.63586 -0.27958 -0.27571 0.00383  6  PRO A CA  
16  C C   . PRO A 5  ? 0.72750 0.66312 0.62351 -0.27015 -0.26429 -0.02821 6  PRO A C   
17  O O   . PRO A 5  ? 0.67825 0.61503 0.54909 -0.26098 -0.23885 -0.05253 6  PRO A O   
18  C CB  . PRO A 5  ? 0.66110 0.61953 0.68438 -0.25883 -0.25857 -0.00329 6  PRO A CB  
19  C CG  . PRO A 5  ? 0.62608 0.59914 0.67438 -0.26341 -0.25598 0.01110  6  PRO A CG  
20  C CD  . PRO A 5  ? 0.66786 0.64396 0.63192 -0.28505 -0.25131 0.01325  6  PRO A CD  
21  N N   . ALA A 6  ? 0.74861 0.67220 0.64986 -0.27063 -0.28476 -0.02903 7  ALA A N   
22  C CA  . ALA A 6  ? 0.74929 0.66261 0.61397 -0.26515 -0.28395 -0.05829 7  ALA A CA  
23  C C   . ALA A 6  ? 0.71130 0.61572 0.59979 -0.25118 -0.25742 -0.08096 7  ALA A C   
24  O O   . ALA A 6  ? 0.73158 0.62827 0.58528 -0.24430 -0.25023 -0.10760 7  ALA A O   
25  C CB  . ALA A 6  ? 0.77882 0.68340 0.66553 -0.26771 -0.31150 -0.05708 7  ALA A CB  
26  N N   . HIS A 7  ? 0.66589 0.57662 0.61524 -0.24529 -0.24377 -0.07155 8  HIS A N   
27  C CA  . HIS A 7  ? 0.63221 0.53865 0.60105 -0.23639 -0.22289 -0.08568 8  HIS A CA  
28  C C   . HIS A 7  ? 0.72356 0.63189 0.64619 -0.22912 -0.20044 -0.10255 8  HIS A C   
29  O O   . HIS A 7  ? 0.69758 0.59419 0.61823 -0.22249 -0.18758 -0.11648 8  HIS A O   
30  C CB  . HIS A 7  ? 0.64677 0.57577 0.68955 -0.23176 -0.21404 -0.07255 8  HIS A CB  
31  C CG  . HIS A 7  ? 0.62996 0.55427 0.70825 -0.23257 -0.20813 -0.07309 8  HIS A CG  
32  N ND1 . HIS A 7  ? 0.62491 0.56921 0.72941 -0.22875 -0.19021 -0.07196 8  HIS A ND1 
33  C CD2 . HIS A 7  ? 0.62117 0.52605 0.71899 -0.23938 -0.22044 -0.07094 8  HIS A CD2 
34  C CE1 . HIS A 7  ? 0.59750 0.53646 0.73648 -0.23236 -0.18827 -0.06178 8  HIS A CE1 
35  N NE2 . HIS A 7  ? 0.58661 0.49666 0.72503 -0.24164 -0.20901 -0.06255 8  HIS A NE2 
36  N N   . LEU A 8  ? 0.67306 0.59571 0.56129 -0.23195 -0.19664 -0.09885 9  LEU A N   
37  C CA  . LEU A 8  ? 0.63224 0.56456 0.48103 -0.22269 -0.17017 -0.11658 9  LEU A CA  
38  C C   . LEU A 8  ? 0.66349 0.59280 0.44417 -0.21638 -0.16555 -0.13729 9  LEU A C   
39  O O   . LEU A 8  ? 0.66268 0.60346 0.41560 -0.20185 -0.14066 -0.15398 9  LEU A O   
40  C CB  . LEU A 8  ? 0.59465 0.55206 0.45983 -0.22799 -0.16441 -0.10194 9  LEU A CB  
41  C CG  . LEU A 8  ? 0.56865 0.54515 0.51903 -0.21868 -0.16206 -0.09189 9  LEU A CG  
42  C CD1 . LEU A 8  ? 0.52672 0.52321 0.51025 -0.22306 -0.16546 -0.07708 9  LEU A CD1 
43  C CD2 . LEU A 8  ? 0.54000 0.53264 0.50912 -0.19231 -0.13113 -0.11230 9  LEU A CD2 
44  N N   . ARG A 9  ? 0.57840 0.35140 0.43661 -0.09998 -0.11682 -0.03242 10 ARG A N   
45  C CA  . ARG A 9  ? 0.64449 0.35288 0.42865 -0.08774 -0.10796 -0.04815 10 ARG A CA  
46  C C   . ARG A 9  ? 0.66485 0.33397 0.42386 -0.07796 -0.09734 -0.05501 10 ARG A C   
47  O O   . ARG A 9  ? 0.81662 0.43099 0.51519 -0.06437 -0.08640 -0.06446 10 ARG A O   
48  C CB  . ARG A 9  ? 0.75203 0.43160 0.49457 -0.10882 -0.13357 -0.03880 10 ARG A CB  
49  C CG  . ARG A 9  ? 0.75521 0.48572 0.53812 -0.12205 -0.14722 -0.02390 10 ARG A CG  
50  C CD  . ARG A 9  ? 0.85717 0.55555 0.58773 -0.12865 -0.15750 -0.02393 10 ARG A CD  
51  N NE  . ARG A 9  ? 0.84316 0.59804 0.62155 -0.13939 -0.16849 -0.00669 10 ARG A NE  
52  C CZ  . ARG A 9  ? 0.83432 0.61075 0.63278 -0.16510 -0.19480 0.02156  10 ARG A CZ  
53  N NH1 . ARG A 9  ? 0.75274 0.49320 0.52064 -0.18663 -0.21713 0.03472  10 ARG A NH1 
54  N NH2 . ARG A 9  ? 0.78466 0.62006 0.63613 -0.16877 -0.19840 0.04085  10 ARG A NH2 
55  N N   . LEU A 10 ? 0.58180 0.27744 0.38548 -0.08351 -0.09926 -0.04800 11 LEU A N   
56  C CA  . LEU A 10 ? 0.59863 0.26431 0.38799 -0.07162 -0.08595 -0.05357 11 LEU A CA  
57  C C   . LEU A 10 ? 0.51953 0.19404 0.31734 -0.03992 -0.05164 -0.06364 11 LEU A C   
58  O O   . LEU A 10 ? 0.52790 0.23991 0.35299 -0.03083 -0.04113 -0.06513 11 LEU A O   
59  C CB  . LEU A 10 ? 0.59547 0.29408 0.43605 -0.08856 -0.09945 -0.03885 11 LEU A CB  
60  C CG  . LEU A 10 ? 0.64266 0.35000 0.49205 -0.11827 -0.13214 -0.01851 11 LEU A CG  
61  C CD1 . LEU A 10 ? 0.61347 0.36487 0.52168 -0.12649 -0.13641 -0.00102 11 LEU A CD1 
62  C CD2 . LEU A 10 ? 0.74053 0.37453 0.51846 -0.12463 -0.14399 -0.02359 11 LEU A CD2 
63  N N   . GLN A 11 ? 0.55923 0.20346 0.33744 -0.02291 -0.03428 -0.06602 12 GLN A N   
64  C CA  . GLN A 11 ? 0.52001 0.18640 0.32135 0.00569  -0.00280 -0.06509 12 GLN A CA  
65  C C   . GLN A 11 ? 0.49882 0.23931 0.37316 -0.00156 -0.00416 -0.05574 12 GLN A C   
66  O O   . GLN A 11 ? 0.44813 0.20626 0.35121 -0.02133 -0.02168 -0.04852 12 GLN A O   
67  C CB  . GLN A 11 ? 0.60845 0.24315 0.39260 0.02158  0.01306  -0.06140 12 GLN A CB  
68  C CG  . GLN A 11 ? 0.73845 0.32135 0.45945 0.04069  0.02820  -0.06397 12 GLN A CG  
69  C CD  . GLN A 11 ? 0.81836 0.37296 0.52669 0.05891  0.04702  -0.05737 12 GLN A CD  
70  N N   . PRO A 12 ? 0.39360 0.18600 0.30201 0.01368  0.01410  -0.05127 13 PRO A N   
71  C CA  . PRO A 12 ? 0.33818 0.19827 0.30654 0.00651  0.01299  -0.04258 13 PRO A CA  
72  C C   . PRO A 12 ? 0.27989 0.15510 0.27450 0.00300  0.01374  -0.03379 13 PRO A C   
73  O O   . PRO A 12 ? 0.27670 0.19392 0.30779 -0.00756 0.00748  -0.02786 13 PRO A O   
74  C CB  . PRO A 12 ? 0.32920 0.22106 0.31218 0.02278  0.03127  -0.03794 13 PRO A CB  
75  C CG  . PRO A 12 ? 0.38211 0.23830 0.32323 0.03396  0.03678  -0.04429 13 PRO A CG  
76  C CD  . PRO A 12 ? 0.44564 0.23311 0.33337 0.03492  0.03304  -0.05251 13 PRO A CD  
77  N N   . ILE A 13 ? 0.32433 0.16596 0.30015 0.01425  0.02401  -0.03094 14 ILE A N   
78  C CA  . ILE A 13 ? 0.32691 0.18697 0.33170 0.01041  0.02435  -0.01984 14 ILE A CA  
79  C C   . ILE A 13 ? 0.35797 0.21518 0.37205 -0.01324 0.00073  -0.01812 14 ILE A C   
80  O O   . ILE A 13 ? 0.31184 0.19881 0.35911 -0.01997 -0.00178 -0.00643 14 ILE A O   
81  C CB  . ILE A 13 ? 0.40329 0.22289 0.38556 0.03019  0.04231  -0.01403 14 ILE A CB  
82  C CG1 . ILE A 13 ? 0.36047 0.21769 0.38459 0.02950  0.04704  0.00277  14 ILE A CG1 
83  C CG2 . ILE A 13 ? 0.45081 0.18616 0.37519 0.02627  0.03243  -0.02481 14 ILE A CG2 
84  C CD1 . ILE A 13 ? 0.44602 0.28692 0.46582 0.05474  0.07166  0.01736  14 ILE A CD1 
85  N N   . TYR A 14 ? 0.33593 0.16137 0.32308 -0.02738 -0.01798 -0.02503 15 TYR A N   
86  C CA  . TYR A 14 ? 0.36839 0.19811 0.37061 -0.05306 -0.04397 -0.01485 15 TYR A CA  
87  C C   . TYR A 14 ? 0.33700 0.22727 0.38139 -0.06132 -0.05000 -0.00551 15 TYR A C   
88  O O   . TYR A 14 ? 0.30956 0.21928 0.37965 -0.08015 -0.06861 0.01195  15 TYR A O   
89  C CB  . TYR A 14 ? 0.41305 0.16725 0.35748 -0.06941 -0.06667 -0.02147 15 TYR A CB  
90  C CG  . TYR A 14 ? 0.52521 0.20490 0.41814 -0.05847 -0.05825 -0.03002 15 TYR A CG  
91  C CD1 . TYR A 14 ? 0.48087 0.16829 0.39809 -0.05378 -0.05041 -0.02009 15 TYR A CD1 
92  C CD2 . TYR A 14 ? 0.60321 0.22910 0.43306 -0.04567 -0.05032 -0.04390 15 TYR A CD2 
93  C CE1 . TYR A 14 ? 0.57583 0.19753 0.44904 -0.03951 -0.03855 -0.02495 15 TYR A CE1 
94  C CE2 . TYR A 14 ? 0.60339 0.17777 0.39287 -0.02906 -0.03590 -0.04787 15 TYR A CE2 
95  C CZ  . TYR A 14 ? 0.59694 0.16946 0.40949 -0.02552 -0.02966 -0.03884 15 TYR A CZ  
96  O OH  . TYR A 14 ? 0.72229 0.24474 0.49731 -0.00688 -0.01353 -0.04069 15 TYR A OH  
97  N N   . TRP A 15 ? 0.28226 0.20055 0.33428 -0.04738 -0.03469 -0.01288 16 TRP A N   
98  C CA  . TRP A 15 ? 0.25216 0.21696 0.33682 -0.05035 -0.03602 -0.00426 16 TRP A CA  
99  C C   . TRP A 15 ? 0.26114 0.27222 0.38659 -0.04901 -0.02903 0.01116  16 TRP A C   
100 O O   . TRP A 15 ? 0.20855 0.22939 0.33816 -0.03995 -0.01554 0.00881  16 TRP A O   
101 C CB  . TRP A 15 ? 0.24113 0.21726 0.32016 -0.03528 -0.02022 -0.01602 16 TRP A CB  
102 C CG  . TRP A 15 ? 0.27628 0.21903 0.32086 -0.03412 -0.02441 -0.02692 16 TRP A CG  
103 C CD1 . TRP A 15 ? 0.33057 0.22631 0.33798 -0.04519 -0.04091 -0.03017 16 TRP A CD1 
104 C CD2 . TRP A 15 ? 0.29575 0.24536 0.33371 -0.02228 -0.01298 -0.03486 16 TRP A CD2 
105 N NE1 . TRP A 15 ? 0.35889 0.23344 0.33481 -0.03780 -0.03722 -0.04051 16 TRP A NE1 
106 C CE2 . TRP A 15 ? 0.31731 0.22942 0.31743 -0.02375 -0.02023 -0.04174 16 TRP A CE2 
107 C CE3 . TRP A 15 ? 0.26147 0.24027 0.31699 -0.01280 0.00049  -0.03565 16 TRP A CE3 
108 C CZ2 . TRP A 15 ? 0.35918 0.27136 0.34681 -0.01316 -0.01148 -0.04714 16 TRP A CZ2 
109 C CZ3 . TRP A 15 ? 0.28711 0.26339 0.33165 -0.00589 0.00553  -0.04049 16 TRP A CZ3 
110 C CH2 . TRP A 15 ? 0.28490 0.23294 0.30016 -0.00486 0.00079  -0.04501 16 TRP A CH2 
111 N N   . SER A 16 ? 0.22661 0.26939 0.38245 -0.05669 -0.03677 0.03079  17 SER A N   
112 C CA  . SER A 16 ? 0.20734 0.29514 0.39729 -0.04852 -0.02327 0.04746  17 SER A CA  
113 C C   . SER A 16 ? 0.19279 0.29394 0.37599 -0.02902 -0.00032 0.03670  17 SER A C   
114 O O   . SER A 16 ? 0.16754 0.25113 0.33028 -0.02461 0.00204  0.02075  17 SER A O   
115 C CB  . SER A 16 ? 0.21862 0.34095 0.44771 -0.05874 -0.03482 0.07989  17 SER A CB  
116 O OG  . SER A 16 ? 0.21270 0.34678 0.44819 -0.05473 -0.03364 0.08471  17 SER A OG  
117 N N   . ARG A 17 ? 0.17209 0.29937 0.36725 -0.01781 0.01625  0.04648  18 ARG A N   
118 C CA  . ARG A 17 ? 0.16072 0.28792 0.33811 -0.00049 0.03693  0.03782  18 ARG A CA  
119 C C   . ARG A 17 ? 0.15898 0.29212 0.34600 0.00677  0.04044  0.04510  18 ARG A C   
120 O O   . ARG A 17 ? 0.20212 0.31550 0.36521 0.01517  0.04879  0.02954  18 ARG A O   
121 C CB  . ARG A 17 ? 0.20047 0.34677 0.37924 0.01161  0.05504  0.04980  18 ARG A CB  
122 C CG  . ARG A 17 ? 0.24310 0.37246 0.38673 0.02960  0.07677  0.03976  18 ARG A CG  
123 C CD  . ARG A 17 ? 0.27186 0.40553 0.39720 0.03874  0.09249  0.04537  18 ARG A CD  
124 N NE  . ARG A 17 ? 0.27870 0.38849 0.36305 0.06049  0.11740  0.04150  18 ARG A NE  
125 C CZ  . ARG A 17 ? 0.38170 0.47089 0.42000 0.06813  0.13133  0.03624  18 ARG A CZ  
126 N NH1 . ARG A 17 ? 0.36076 0.45817 0.39486 0.05386  0.12107  0.03526  18 ARG A NH1 
127 N NH2 . ARG A 17 ? 0.43868 0.49244 0.42826 0.09064  0.15587  0.03235  18 ARG A NH2 
128 N N   . ASP A 18 ? 0.16304 0.32476 0.38782 0.00139  0.03178  0.07269  19 ASP A N   
129 C CA  . ASP A 18 ? 0.17658 0.34949 0.41663 0.00687  0.03333  0.08511  19 ASP A CA  
130 C C   . ASP A 18 ? 0.19962 0.34394 0.41949 -0.00683 0.01470  0.06570  19 ASP A C   
131 O O   . ASP A 18 ? 0.19000 0.33047 0.40552 0.00180  0.02126  0.06255  19 ASP A O   
132 C CB  . ASP A 18 ? 0.21518 0.41526 0.48475 0.00127  0.02297  0.12145  19 ASP A CB  
133 C CG  . ASP A 18 ? 0.32667 0.53701 0.60839 0.00794  0.02524  0.13853  19 ASP A CG  
134 O OD1 . ASP A 18 ? 0.38127 0.58945 0.65362 0.03346  0.05237  0.13909  19 ASP A OD1 
135 O OD2 . ASP A 18 ? 0.45063 0.66446 0.74433 -0.01256 -0.00036 0.15134  19 ASP A OD2 
136 N N   . ASP A 19 ? 0.19269 0.31294 0.39612 -0.02543 -0.00590 0.05352  20 ASP A N   
137 C CA  . ASP A 19 ? 0.22276 0.31045 0.39718 -0.03359 -0.01855 0.03496  20 ASP A CA  
138 C C   . ASP A 19 ? 0.23082 0.30263 0.38052 -0.01882 -0.00188 0.01203  20 ASP A C   
139 O O   . ASP A 19 ? 0.21546 0.27748 0.35439 -0.01752 -0.00380 0.00536  20 ASP A O   
140 C CB  . ASP A 19 ? 0.23219 0.28438 0.38057 -0.04877 -0.03577 0.02450  20 ASP A CB  
141 C CG  . ASP A 19 ? 0.31274 0.36322 0.47215 -0.07265 -0.06297 0.04583  20 ASP A CG  
142 O OD1 . ASP A 19 ? 0.24443 0.32076 0.42958 -0.08246 -0.07530 0.06946  20 ASP A OD1 
143 O OD2 . ASP A 19 ? 0.27786 0.30020 0.42091 -0.08344 -0.07384 0.04253  20 ASP A OD2 
144 N N   . VAL A 20 ? 0.17466 0.24353 0.31435 -0.01090 0.01126  0.00227  21 VAL A N   
145 C CA  . VAL A 20 ? 0.18860 0.24251 0.30497 -0.00293 0.02162  -0.01432 21 VAL A CA  
146 C C   . VAL A 20 ? 0.22109 0.27696 0.33774 0.00800  0.03263  -0.01214 21 VAL A C   
147 O O   . VAL A 20 ? 0.20025 0.24191 0.30337 0.00932  0.03232  -0.02128 21 VAL A O   
148 C CB  . VAL A 20 ? 0.20443 0.25742 0.31013 -0.00149 0.02922  -0.01883 21 VAL A CB  
149 C CG1 . VAL A 20 ? 0.21347 0.25109 0.29472 0.00038  0.03409  -0.02984 21 VAL A CG1 
150 C CG2 . VAL A 20 ? 0.17547 0.22430 0.28250 -0.00900 0.02109  -0.01887 21 VAL A CG2 
151 N N   . ALA A 21 ? 0.19292 0.26589 0.32556 0.01835  0.04469  0.00323  22 ALA A N   
152 C CA  . ALA A 21 ? 0.25246 0.32242 0.38405 0.03459  0.06052  0.00913  22 ALA A CA  
153 C C   . ALA A 21 ? 0.24094 0.31982 0.39143 0.03064  0.05035  0.01716  22 ALA A C   
154 O O   . ALA A 21 ? 0.21145 0.27474 0.35058 0.03882  0.05736  0.01175  22 ALA A O   
155 C CB  . ALA A 21 ? 0.23523 0.32682 0.38467 0.05158  0.07985  0.03171  22 ALA A CB  
156 N N   . GLN A 22 ? 0.20338 0.30304 0.37857 0.01603  0.03178  0.03120  23 GLN A N   
157 C CA  . GLN A 22 ? 0.18287 0.28943 0.36996 0.00831  0.01834  0.04047  23 GLN A CA  
158 C C   . GLN A 22 ? 0.21888 0.29582 0.37366 0.00276  0.01091  0.01605  23 GLN A C   
159 O O   . GLN A 22 ? 0.20268 0.27881 0.35822 0.00467  0.00959  0.01797  23 GLN A O   
160 C CB  . GLN A 22 ? 0.21077 0.33730 0.42078 -0.01228 -0.00562 0.06208  23 GLN A CB  
161 C CG  . GLN A 22 ? 0.19480 0.35970 0.44501 -0.00723 0.00166  0.09343  23 GLN A CG  
162 N N   . TRP A 23 ? 0.19199 0.24876 0.32222 -0.00234 0.00776  -0.00231 24 TRP A N   
163 C CA  . TRP A 23 ? 0.18905 0.22429 0.29322 -0.00336 0.00536  -0.01879 24 TRP A CA  
164 C C   . TRP A 23 ? 0.23214 0.26186 0.33117 0.00645  0.01715  -0.02412 24 TRP A C   
165 O O   . TRP A 23 ? 0.21387 0.23899 0.30797 0.00650  0.01404  -0.02544 24 TRP A O   
166 C CB  . TRP A 23 ? 0.19122 0.21298 0.27838 -0.00575 0.00540  -0.02924 24 TRP A CB  
167 C CG  . TRP A 23 ? 0.22560 0.23417 0.29351 -0.00232 0.00830  -0.03807 24 TRP A CG  
168 C CD1 . TRP A 23 ? 0.24433 0.24026 0.29530 -0.00171 0.00408  -0.04008 24 TRP A CD1 
169 C CD2 . TRP A 23 ? 0.22752 0.23738 0.29180 0.00066  0.01591  -0.04069 24 TRP A CD2 
170 N NE1 . TRP A 23 ? 0.23870 0.23326 0.28159 0.00524  0.01226  -0.04119 24 TRP A NE1 
171 C CE2 . TRP A 23 ? 0.21314 0.21834 0.26712 0.00435  0.01719  -0.03978 24 TRP A CE2 
172 C CE3 . TRP A 23 ? 0.19147 0.20621 0.25803 -0.00077 0.02057  -0.04055 24 TRP A CE3 
173 C CZ2 . TRP A 23 ? 0.20509 0.21825 0.26112 0.00505  0.02131  -0.03355 24 TRP A CZ2 
174 C CZ3 . TRP A 23 ? 0.18276 0.19866 0.24356 -0.00379 0.02106  -0.03799 24 TRP A CZ3 
175 C CH2 . TRP A 23 ? 0.19853 0.21750 0.25910 -0.00165 0.02064  -0.03208 24 TRP A CH2 
176 N N   . LEU A 24 ? 0.22389 0.24883 0.31875 0.01383  0.02969  -0.02627 25 LEU A N   
177 C CA  . LEU A 24 ? 0.22634 0.23064 0.30415 0.02009  0.03814  -0.03209 25 LEU A CA  
178 C C   . LEU A 24 ? 0.27185 0.27879 0.36300 0.02921  0.04332  -0.02221 25 LEU A C   
179 O O   . LEU A 24 ? 0.28506 0.27870 0.36825 0.02874  0.04128  -0.02536 25 LEU A O   
180 C CB  . LEU A 24 ? 0.26985 0.25602 0.32644 0.02626  0.05046  -0.03632 25 LEU A CB  
181 C CG  . LEU A 24 ? 0.30868 0.28999 0.34846 0.01575  0.04498  -0.04381 25 LEU A CG  
182 C CD1 . LEU A 24 ? 0.35694 0.30938 0.36203 0.02072  0.05588  -0.04864 25 LEU A CD1 
183 C CD2 . LEU A 24 ? 0.33108 0.30724 0.36324 0.00333  0.03253  -0.04763 25 LEU A CD2 
184 N N   . LYS A 25 ? 0.21463 0.24317 0.33113 0.03731  0.04974  -0.00517 26 LYS A N   
185 C CA  . LYS A 25 ? 0.18882 0.22759 0.32617 0.04763  0.05616  0.01171  26 LYS A CA  
186 C C   . LYS A 25 ? 0.23207 0.28070 0.37722 0.03475  0.03799  0.01311  26 LYS A C   
187 O O   . LYS A 25 ? 0.21574 0.25812 0.36256 0.04011  0.04106  0.01645  26 LYS A O   
188 C CB  . LYS A 25 ? 0.20673 0.28054 0.38109 0.05636  0.06376  0.04002  26 LYS A CB  
189 C CG  . LYS A 25 ? 0.34396 0.40915 0.50954 0.07673  0.08901  0.04412  26 LYS A CG  
190 C CD  . LYS A 25 ? 0.43718 0.54381 0.64236 0.08414  0.09496  0.08010  26 LYS A CD  
191 C CE  . LYS A 25 ? 0.52363 0.61157 0.70250 0.10389  0.11920  0.08473  26 LYS A CE  
192 N NZ  . LYS A 25 ? 0.53253 0.65711 0.74491 0.10961  0.12406  0.12437  26 LYS A NZ  
193 N N   . TRP A 26 ? 0.19081 0.24899 0.33476 0.01861  0.01987  0.01072  27 TRP A N   
194 C CA  . TRP A 26 ? 0.21432 0.27346 0.35212 0.00756  0.00384  0.01105  27 TRP A CA  
195 C C   . TRP A 26 ? 0.21502 0.25459 0.33044 0.01017  0.00695  -0.00426 27 TRP A C   
196 O O   . TRP A 26 ? 0.23665 0.27888 0.35423 0.01041  0.00381  0.00098  27 TRP A O   
197 C CB  . TRP A 26 ? 0.24479 0.29964 0.36807 -0.00847 -0.01409 0.00836  27 TRP A CB  
198 C CG  . TRP A 26 ? 0.23935 0.27831 0.33436 -0.01689 -0.02697 0.00235  27 TRP A CG  
199 C CD1 . TRP A 26 ? 0.30577 0.35102 0.40014 -0.02786 -0.04285 0.01575  27 TRP A CD1 
200 C CD2 . TRP A 26 ? 0.31203 0.32585 0.37190 -0.01354 -0.02357 -0.01499 27 TRP A CD2 
201 N NE1 . TRP A 26 ? 0.30743 0.32665 0.36024 -0.03060 -0.04853 0.00396  27 TRP A NE1 
202 C CE2 . TRP A 26 ? 0.34843 0.34909 0.38122 -0.01952 -0.03462 -0.01366 27 TRP A CE2 
203 C CE3 . TRP A 26 ? 0.28644 0.29029 0.33624 -0.00525 -0.01141 -0.02708 27 TRP A CE3 
204 C CZ2 . TRP A 26 ? 0.38820 0.36389 0.38202 -0.01222 -0.02880 -0.02439 27 TRP A CZ2 
205 C CZ3 . TRP A 26 ? 0.28818 0.27472 0.30895 0.00042  -0.00728 -0.03343 27 TRP A CZ3 
206 C CH2 . TRP A 26 ? 0.37948 0.35106 0.37153 -0.00046 -0.01341 -0.03233 27 TRP A CH2 
207 N N   . ALA A 27 ? 0.21384 0.23858 0.31187 0.01074  0.01181  -0.01825 28 ALA A N   
208 C CA  . ALA A 27 ? 0.21335 0.22722 0.29711 0.01025  0.01231  -0.02477 28 ALA A CA  
209 C C   . ALA A 27 ? 0.22942 0.23304 0.31632 0.01462  0.01735  -0.02151 28 ALA A C   
210 O O   . ALA A 27 ? 0.21309 0.21667 0.29923 0.01258  0.01335  -0.01784 28 ALA A O   
211 C CB  . ALA A 27 ? 0.23161 0.23805 0.30342 0.00754  0.01469  -0.03245 28 ALA A CB  
212 N N   . GLU A 28 ? 0.21815 0.20818 0.30440 0.02222  0.02775  -0.02164 29 GLU A N   
213 C CA  . GLU A 28 ? 0.26184 0.22613 0.33968 0.02831  0.03438  -0.02013 29 GLU A CA  
214 C C   . GLU A 28 ? 0.27127 0.25193 0.37116 0.03171  0.03204  -0.00687 29 GLU A C   
215 O O   . GLU A 28 ? 0.25911 0.22754 0.35508 0.02910  0.02842  -0.00485 29 GLU A O   
216 C CB  . GLU A 28 ? 0.33393 0.27467 0.40015 0.04325  0.05233  -0.02045 29 GLU A CB  
217 C CG  . GLU A 28 ? 0.41788 0.32570 0.47363 0.05687  0.06502  -0.01575 29 GLU A CG  
218 C CD  . GLU A 28 ? 0.58593 0.47182 0.62860 0.07999  0.09029  -0.01171 29 GLU A CD  
219 O OE1 . GLU A 28 ? 0.57022 0.44795 0.59279 0.07972  0.09447  -0.02037 29 GLU A OE1 
220 O OE2 . GLU A 28 ? 0.74043 0.61175 0.78776 0.10042  0.10827  0.00095  29 GLU A OE2 
221 N N   . ASN A 29 ? 0.27204 0.28280 0.39635 0.03415  0.03067  0.00557  30 ASN A N   
222 C CA  . ASN A 29 ? 0.21623 0.24645 0.36182 0.03469  0.02583  0.02194  30 ASN A CA  
223 C C   . ASN A 29 ? 0.23846 0.27786 0.37437 0.02245  0.01061  0.01880  30 ASN A C   
224 O O   . ASN A 29 ? 0.22737 0.26977 0.36883 0.02279  0.00821  0.02669  30 ASN A O   
225 C CB  . ASN A 29 ? 0.29865 0.36068 0.47425 0.03663  0.02498  0.04296  30 ASN A CB  
226 C CG  . ASN A 29 ? 0.34702 0.43424 0.54557 0.03282  0.01566  0.06426  30 ASN A CG  
227 O OD1 . ASN A 29 ? 0.39913 0.50281 0.59435 0.01642  -0.00402 0.06890  30 ASN A OD1 
228 N ND2 . ASN A 29 ? 0.35056 0.43429 0.56593 0.04768  0.02940  0.07741  30 ASN A ND2 
229 N N   . GLU A 30 ? 0.22449 0.26577 0.34339 0.01426  0.00274  0.00925  31 GLU A N   
230 C CA  . GLU A 30 ? 0.21663 0.26005 0.31699 0.00891  -0.00577 0.00783  31 GLU A CA  
231 C C   . GLU A 30 ? 0.23723 0.27555 0.33306 0.01186  -0.00128 0.00690  31 GLU A C   
232 O O   . GLU A 30 ? 0.23488 0.28164 0.32702 0.01236  -0.00407 0.01501  31 GLU A O   
233 C CB  . GLU A 30 ? 0.23673 0.27060 0.31227 0.00437  -0.01001 -0.00252 31 GLU A CB  
234 C CG  . GLU A 30 ? 0.29545 0.31943 0.33815 0.00506  -0.01270 -0.00468 31 GLU A CG  
235 C CD  . GLU A 30 ? 0.37514 0.40041 0.40471 -0.00272 -0.02602 0.00444  31 GLU A CD  
236 O OE1 . GLU A 30 ? 0.40873 0.44783 0.45976 -0.01200 -0.03670 0.01558  31 GLU A OE1 
237 O OE2 . GLU A 30 ? 0.44490 0.45826 0.44094 0.00071  -0.02561 0.00398  31 GLU A OE2 
238 N N   . PHE A 31 ? 0.20327 0.22874 0.29866 0.01178  0.00371  0.00069  32 PHE A N   
239 C CA  . PHE A 31 ? 0.22038 0.24417 0.31395 0.00829  0.00237  0.00572  32 PHE A CA  
240 C C   . PHE A 31 ? 0.21221 0.21573 0.31022 0.00459  0.00083  0.00911  32 PHE A C   
241 O O   . PHE A 31 ? 0.22332 0.22064 0.31917 -0.00465 -0.00569 0.01587  32 PHE A O   
242 C CB  . PHE A 31 ? 0.19602 0.21914 0.28016 0.00545  0.00365  0.00102  32 PHE A CB  
243 C CG  . PHE A 31 ? 0.22659 0.25856 0.29879 0.01199  0.00747  -0.00134 32 PHE A CG  
244 C CD1 . PHE A 31 ? 0.25309 0.29628 0.31806 0.01911  0.01141  0.00938  32 PHE A CD1 
245 C CD2 . PHE A 31 ? 0.22546 0.24907 0.28870 0.01224  0.00799  -0.01278 32 PHE A CD2 
246 C CE1 . PHE A 31 ? 0.27955 0.31430 0.31785 0.02832  0.01771  0.00506  32 PHE A CE1 
247 C CE2 . PHE A 31 ? 0.22240 0.23957 0.26414 0.01666  0.00963  -0.01623 32 PHE A CE2 
248 C CZ  . PHE A 31 ? 0.25469 0.27201 0.27891 0.02573  0.01552  -0.00904 32 PHE A CZ  
249 N N   . SER A 32 ? 0.21552 0.20623 0.31846 0.01148  0.00647  0.00806  33 SER A N   
250 C CA  . SER A 32 ? 0.24709 0.20469 0.34483 0.01251  0.00872  0.01060  33 SER A CA  
251 C C   . SER A 32 ? 0.27939 0.19791 0.34773 0.00265  0.00503  0.00064  33 SER A C   
252 O O   . SER A 32 ? 0.31290 0.20543 0.36911 -0.00946 -0.00526 0.00546  33 SER A O   
253 C CB  . SER A 32 ? 0.25946 0.22600 0.37104 0.00842  0.00134  0.02562  33 SER A CB  
254 O OG  . SER A 32 ? 0.24245 0.24269 0.37504 0.01542  0.00278  0.03579  33 SER A OG  
255 N N   . LEU A 33 ? 0.26525 0.17756 0.31997 0.00538  0.01108  -0.01115 34 LEU A N   
256 C CA  . LEU A 33 ? 0.31302 0.19005 0.33462 -0.00668 0.00526  -0.02004 34 LEU A CA  
257 C C   . LEU A 33 ? 0.39845 0.21517 0.38257 0.00231  0.01659  -0.02952 34 LEU A C   
258 O O   . LEU A 33 ? 0.45075 0.26389 0.44307 0.02348  0.03477  -0.02756 34 LEU A O   
259 C CB  . LEU A 33 ? 0.31052 0.20914 0.33234 -0.00839 0.00640  -0.02657 34 LEU A CB  
260 C CG  . LEU A 33 ? 0.26664 0.21393 0.31512 -0.01046 0.00189  -0.01908 34 LEU A CG  
261 C CD1 . LEU A 33 ? 0.32145 0.27952 0.36683 -0.00992 0.00520  -0.02586 34 LEU A CD1 
262 C CD2 . LEU A 33 ? 0.25154 0.21128 0.30774 -0.02392 -0.01108 -0.00344 34 LEU A CD2 
263 N N   . SER A 34 ? 0.44141 0.20744 0.38105 -0.01403 0.00552  -0.03631 35 SER A N   
264 C CA  . SER A 34 ? 0.51869 0.21186 0.40260 -0.00401 0.01855  -0.04921 35 SER A CA  
265 C C   . SER A 34 ? 0.52098 0.22827 0.40355 0.01547  0.03951  -0.05655 35 SER A C   
266 O O   . SER A 34 ? 0.55190 0.29935 0.45121 0.00653  0.03256  -0.05726 35 SER A O   
267 C CB  . SER A 34 ? 0.57283 0.21419 0.40407 -0.03102 -0.00352 -0.05383 35 SER A CB  
268 O OG  . SER A 34 ? 0.59823 0.23009 0.43550 -0.05105 -0.02478 -0.04160 35 SER A OG  
269 N N   . PRO A 35 ? 0.62928 0.31918 0.50125 0.04259  0.06429  -0.05602 36 PRO A N   
270 C CA  . PRO A 35 ? 0.64257 0.36575 0.52999 0.06103  0.08309  -0.05330 36 PRO A CA  
271 C C   . PRO A 35 ? 0.63566 0.33870 0.48118 0.05131  0.07892  -0.06424 36 PRO A C   
272 O O   . PRO A 35 ? 0.71308 0.36378 0.50399 0.04232  0.07270  -0.07162 36 PRO A O   
273 C CB  . PRO A 35 ? 0.65342 0.36864 0.54147 0.08817  0.10697  -0.04122 36 PRO A CB  
274 C CG  . PRO A 35 ? 0.75582 0.39856 0.58291 0.07972  0.10028  -0.05164 36 PRO A CG  
275 C CD  . PRO A 35 ? 0.74030 0.38762 0.58651 0.05572  0.07463  -0.05319 36 PRO A CD  
276 N N   . ILE A 36 ? 0.59713 0.34085 0.46762 0.05215  0.08166  -0.06346 37 ILE A N   
277 C CA  . ILE A 36 ? 0.61224 0.34366 0.44902 0.04608  0.08073  -0.07047 37 ILE A CA  
278 C C   . ILE A 36 ? 0.55586 0.31894 0.41432 0.07028  0.10410  -0.05996 37 ILE A C   
279 O O   . ILE A 36 ? 0.54548 0.35496 0.45686 0.08276  0.11257  -0.04608 37 ILE A O   
280 C CB  . ILE A 36 ? 0.61561 0.36706 0.46092 0.01967  0.05928  -0.07589 37 ILE A CB  
281 N N   . ASP A 37 ? 0.60626 0.34544 0.42437 0.07477  0.11250  -0.06262 38 ASP A N   
282 C CA  . ASP A 37 ? 0.53776 0.31140 0.37819 0.09364  0.13165  -0.04943 38 ASP A CA  
283 C C   . ASP A 37 ? 0.49892 0.33373 0.39769 0.08593  0.12354  -0.04452 38 ASP A C   
284 O O   . ASP A 37 ? 0.48027 0.31662 0.37546 0.06542  0.10718  -0.05667 38 ASP A O   
285 C CB  . ASP A 37 ? 0.60395 0.34085 0.38778 0.09399  0.13719  -0.05567 38 ASP A CB  
286 C CG  . ASP A 37 ? 0.61666 0.39110 0.42455 0.11364  0.15714  -0.03874 38 ASP A CG  
287 O OD1 . ASP A 37 ? 0.57778 0.40754 0.44720 0.12472  0.16454  -0.01921 38 ASP A OD1 
288 O OD2 . ASP A 37 ? 0.69015 0.43816 0.45395 0.11605  0.16341  -0.04215 38 ASP A OD2 
289 N N   . SER A 38 ? 0.42549 0.30983 0.37826 0.09997  0.13350  -0.02341 39 SER A N   
290 C CA  . SER A 38 ? 0.37565 0.31348 0.38168 0.08993  0.12307  -0.01688 39 SER A CA  
291 C C   . SER A 38 ? 0.34595 0.29657 0.34652 0.08256  0.12059  -0.01897 39 SER A C   
292 O O   . SER A 38 ? 0.35631 0.34337 0.39093 0.06541  0.10199  -0.01605 39 SER A O   
293 C CB  . SER A 38 ? 0.39593 0.38459 0.45958 0.09877  0.12608  0.01169  39 SER A CB  
294 O OG  . SER A 38 ? 0.44571 0.44752 0.51296 0.11372  0.14148  0.03240  39 SER A OG  
295 N N   . ASN A 39 ? 0.34807 0.26768 0.30339 0.09265  0.13474  -0.02229 40 ASN A N   
296 C CA  . ASN A 39 ? 0.40174 0.32989 0.34612 0.08748  0.13576  -0.02407 40 ASN A CA  
297 C C   . ASN A 39 ? 0.44908 0.33902 0.34340 0.06395  0.11729  -0.04534 40 ASN A C   
298 O O   . ASN A 39 ? 0.42949 0.31411 0.29800 0.05918  0.11784  -0.04675 40 ASN A O   
299 C CB  . ASN A 39 ? 0.45570 0.38098 0.38409 0.10758  0.15518  -0.00884 40 ASN A CB  
300 C CG  . ASN A 39 ? 0.51339 0.49045 0.50204 0.12125  0.16304  0.02243  40 ASN A CG  
301 O OD1 . ASN A 39 ? 0.44844 0.47647 0.49187 0.11025  0.15081  0.03544  40 ASN A OD1 
302 N ND2 . ASN A 39 ? 0.50593 0.46718 0.48299 0.14259  0.18115  0.03757  40 ASN A ND2 
303 N N   . THR A 40 ? 0.42897 0.29764 0.31332 0.04764  0.09934  -0.05678 41 THR A N   
304 C CA  . THR A 40 ? 0.42096 0.25581 0.26167 0.02226  0.07854  -0.06873 41 THR A CA  
305 C C   . THR A 40 ? 0.41017 0.28311 0.27322 0.00403  0.06319  -0.06290 41 THR A C   
306 O O   . THR A 40 ? 0.48637 0.33539 0.30688 -0.01163 0.05350  -0.06584 41 THR A O   
307 C CB  . THR A 40 ? 0.47506 0.30105 0.32359 0.00796  0.06093  -0.07226 41 THR A CB  
308 O OG1 . THR A 40 ? 0.52421 0.29741 0.33462 0.02227  0.07406  -0.07903 41 THR A OG1 
309 C CG2 . THR A 40 ? 0.45944 0.27067 0.28303 -0.02326 0.03404  -0.07340 41 THR A CG2 
310 N N   A PHE A 41 ? 0.33625 0.26236 0.26042 0.00426  0.05917  -0.05359 42 PHE A N   
311 N N   B PHE A 41 ? 0.33702 0.26368 0.26059 0.00541  0.06060  -0.05317 42 PHE A N   
312 C CA  A PHE A 41 ? 0.31951 0.28052 0.27031 -0.00832 0.04812  -0.04584 42 PHE A CA  
313 C CA  B PHE A 41 ? 0.32299 0.28027 0.26758 -0.00954 0.04778  -0.04632 42 PHE A CA  
314 C C   A PHE A 41 ? 0.30633 0.29337 0.27909 0.00471  0.06146  -0.03684 42 PHE A C   
315 C C   B PHE A 41 ? 0.32441 0.30027 0.27437 -0.00251 0.05801  -0.03868 42 PHE A C   
316 O O   A PHE A 41 ? 0.25641 0.27376 0.27277 0.00915  0.06126  -0.02881 42 PHE A O   
317 O O   B PHE A 41 ? 0.26953 0.25614 0.21667 -0.01549 0.04910  -0.03363 42 PHE A O   
318 C CB  A PHE A 41 ? 0.27674 0.26428 0.26791 -0.01475 0.03647  -0.04179 42 PHE A CB  
319 C CB  B PHE A 41 ? 0.27510 0.26546 0.26825 -0.01237 0.03908  -0.04105 42 PHE A CB  
320 C CG  A PHE A 41 ? 0.29771 0.27041 0.27646 -0.02711 0.02383  -0.04322 42 PHE A CG  
321 C CG  B PHE A 41 ? 0.29794 0.28043 0.28828 -0.02327 0.02656  -0.04211 42 PHE A CG  
322 C CD1 A PHE A 41 ? 0.32254 0.27498 0.29307 -0.02198 0.02562  -0.04946 42 PHE A CD1 
323 C CD1 B PHE A 41 ? 0.28573 0.27327 0.27093 -0.04051 0.01298  -0.03355 42 PHE A CD1 
324 C CD2 A PHE A 41 ? 0.29198 0.27666 0.27370 -0.04405 0.00981  -0.03256 42 PHE A CD2 
325 C CD2 B PHE A 41 ? 0.28336 0.25817 0.27971 -0.01689 0.02796  -0.04627 42 PHE A CD2 
326 C CE1 A PHE A 41 ? 0.28172 0.22328 0.24472 -0.03513 0.01219  -0.04679 42 PHE A CE1 
327 C CE1 B PHE A 41 ? 0.28205 0.27017 0.27161 -0.05071 0.00142  -0.02668 42 PHE A CE1 
328 C CE2 A PHE A 41 ? 0.28093 0.25989 0.25880 -0.05721 -0.00353 -0.02589 42 PHE A CE2 
329 C CE2 B PHE A 41 ? 0.29923 0.27057 0.29558 -0.02645 0.01702  -0.04343 42 PHE A CE2 
330 C CZ  A PHE A 41 ? 0.27940 0.23586 0.24727 -0.05337 -0.00295 -0.03383 42 PHE A CZ  
331 C CZ  B PHE A 41 ? 0.26820 0.24738 0.26253 -0.04303 0.00406  -0.03254 42 PHE A CZ  
332 N N   A GLU A 42 ? 0.33708 0.30946 0.27538 0.00865  0.07110  -0.03616 43 GLU A N   
333 N N   B GLU A 42 ? 0.31557 0.30016 0.27699 0.01754  0.07651  -0.03266 43 GLU A N   
334 C CA  A GLU A 42 ? 0.31667 0.31589 0.27453 0.02255  0.08605  -0.02281 43 GLU A CA  
335 C CA  B GLU A 42 ? 0.31098 0.31481 0.27682 0.02644  0.08885  -0.02068 43 GLU A CA  
336 C C   A GLU A 42 ? 0.28872 0.32789 0.28885 0.01016  0.07351  -0.01219 43 GLU A C   
337 C C   B GLU A 42 ? 0.29403 0.33323 0.29495 0.01158  0.07465  -0.01195 43 GLU A C   
338 O O   A GLU A 42 ? 0.29464 0.34114 0.28384 0.00580  0.07419  -0.00614 43 GLU A O   
339 O O   B GLU A 42 ? 0.29704 0.34034 0.28280 0.00675  0.07512  -0.00718 43 GLU A O   
340 C CB  A GLU A 42 ? 0.37866 0.34481 0.27678 0.03191  0.10194  -0.02519 43 GLU A CB  
341 C CB  B GLU A 42 ? 0.37716 0.33911 0.27494 0.03185  0.10104  -0.02727 43 GLU A CB  
342 C CG  A GLU A 42 ? 0.44317 0.34438 0.27081 0.02815  0.10065  -0.04314 43 GLU A CG  
343 C CG  B GLU A 42 ? 0.44142 0.34189 0.27652 0.02724  0.09797  -0.04504 43 GLU A CG  
344 C CD  A GLU A 42 ? 0.51126 0.36439 0.25973 0.02661  0.10656  -0.04943 43 GLU A CD  
345 C CD  B GLU A 42 ? 0.50073 0.34796 0.25365 0.02419  0.10228  -0.05311 43 GLU A CD  
346 O OE1 A GLU A 42 ? 0.49525 0.35296 0.23098 0.04858  0.13089  -0.04042 43 GLU A OE1 
347 O OE1 B GLU A 42 ? 0.52432 0.38106 0.26611 0.03806  0.11947  -0.04438 43 GLU A OE1 
348 O OE2 A GLU A 42 ? 0.52160 0.32936 0.21609 0.00271  0.08623  -0.06108 43 GLU A OE2 
349 O OE2 B GLU A 42 ? 0.55233 0.34696 0.24931 0.00541  0.08605  -0.06624 43 GLU A OE2 
350 N N   . MET A 43 ? 0.21098 0.27016 0.25333 0.00515  0.06274  -0.00949 44 MET A N   
351 C CA  . MET A 43 ? 0.21774 0.29969 0.29032 -0.00483 0.05207  -0.00125 44 MET A CA  
352 C C   . MET A 43 ? 0.20379 0.29147 0.30744 -0.00597 0.04379  0.00039  44 MET A C   
353 O O   . MET A 43 ? 0.19903 0.27750 0.30169 -0.00223 0.04347  -0.00511 44 MET A O   
354 C CB  . MET A 43 ? 0.18951 0.26639 0.24922 -0.01794 0.04188  -0.00380 44 MET A CB  
355 C CG  . MET A 43 ? 0.19111 0.25592 0.25016 -0.02140 0.03440  -0.01125 44 MET A CG  
356 S SD  . MET A 43 ? 0.24211 0.30646 0.28607 -0.03735 0.02293  -0.00476 44 MET A SD  
357 C CE  . MET A 43 ? 0.27744 0.31307 0.26477 -0.04777 0.02030  -0.01061 44 MET A CE  
358 N N   . ASN A 44 ? 0.16212 0.25861 0.28711 -0.01225 0.03597  0.00807  45 ASN A N   
359 C CA  . ASN A 44 ? 0.17195 0.25814 0.31007 -0.01618 0.02534  0.00801  45 ASN A CA  
360 C C   . ASN A 44 ? 0.19540 0.25977 0.31816 -0.01621 0.02255  -0.00261 45 ASN A C   
361 O O   . ASN A 44 ? 0.17369 0.24038 0.28613 -0.01493 0.02706  -0.00512 45 ASN A O   
362 C CB  . ASN A 44 ? 0.17762 0.27098 0.33807 -0.02336 0.01711  0.02260  45 ASN A CB  
363 C CG  . ASN A 44 ? 0.15676 0.24922 0.31874 -0.02521 0.01810  0.02641  45 ASN A CG  
364 O OD1 . ASN A 44 ? 0.17540 0.26169 0.32491 -0.02191 0.02290  0.02045  45 ASN A OD1 
365 N ND2 . ASN A 44 ? 0.16828 0.27048 0.35093 -0.03132 0.01249  0.04170  45 ASN A ND2 
366 N N   . GLY A 45 ? 0.15545 0.23171 0.38063 -0.04810 0.04956  0.02795  46 GLY A N   
367 C CA  . GLY A 45 ? 0.14108 0.19553 0.34086 -0.04301 0.03256  0.01283  46 GLY A CA  
368 C C   . GLY A 45 ? 0.17135 0.18982 0.34353 -0.03696 0.03607  0.01687  46 GLY A C   
369 O O   . GLY A 45 ? 0.19418 0.20507 0.34250 -0.02411 0.02984  0.01101  46 GLY A O   
370 N N   . LYS A 46 ? 0.19011 0.18821 0.36867 -0.04544 0.04660  0.02928  47 LYS A N   
371 C CA  . LYS A 46 ? 0.23682 0.19956 0.39025 -0.03591 0.04961  0.03691  47 LYS A CA  
372 C C   . LYS A 46 ? 0.24121 0.21221 0.36567 -0.01749 0.05135  0.04452  47 LYS A C   
373 O O   . LYS A 46 ? 0.24671 0.20625 0.35420 -0.00472 0.04378  0.04348  47 LYS A O   
374 C CB  . LYS A 46 ? 0.28526 0.22108 0.44632 -0.04692 0.06338  0.05440  47 LYS A CB  
375 C CG  . LYS A 46 ? 0.37849 0.29979 0.57093 -0.07131 0.06046  0.04799  47 LYS A CG  
376 C CD  . LYS A 46 ? 0.44518 0.35050 0.64197 -0.08335 0.07434  0.06645  47 LYS A CD  
377 C CE  . LYS A 46 ? 0.46982 0.33294 0.63533 -0.06969 0.08319  0.08283  47 LYS A CE  
378 N NZ  . LYS A 46 ? 0.50829 0.33760 0.67742 -0.08664 0.08571  0.08804  47 LYS A NZ  
379 N N   . ALA A 47 ? 0.18652 0.17753 0.30576 -0.01563 0.06106  0.05182  48 ALA A N   
380 C CA  . ALA A 47 ? 0.22494 0.21826 0.30916 -0.00046 0.05955  0.05520  48 ALA A CA  
381 C C   . ALA A 47 ? 0.21023 0.21713 0.29113 0.00499  0.04393  0.03878  48 ALA A C   
382 O O   . ALA A 47 ? 0.21574 0.21915 0.27673 0.01361  0.03339  0.03805  48 ALA A O   
383 C CB  . ALA A 47 ? 0.21585 0.22061 0.28978 0.00167  0.07724  0.06386  48 ALA A CB  
384 N N   . LEU A 48 ? 0.17738 0.20147 0.27934 -0.00070 0.04162  0.02749  49 LEU A N   
385 C CA  . LEU A 48 ? 0.17324 0.20612 0.27034 0.00362  0.02990  0.01511  49 LEU A CA  
386 C C   . LEU A 48 ? 0.17970 0.20405 0.27472 0.00638  0.02032  0.01139  49 LEU A C   
387 O O   . LEU A 48 ? 0.20976 0.23895 0.29552 0.01111  0.01293  0.00862  49 LEU A O   
388 C CB  . LEU A 48 ? 0.18453 0.23394 0.30380 -0.00171 0.02757  0.00683  49 LEU A CB  
389 C CG  . LEU A 48 ? 0.24997 0.30669 0.36112 0.00409  0.02006  -0.00144 49 LEU A CG  
390 C CD1 . LEU A 48 ? 0.23807 0.29437 0.33238 0.01255  0.02677  0.00101  49 LEU A CD1 
391 C CD2 . LEU A 48 ? 0.22450 0.29685 0.35660 0.00018  0.01375  -0.00712 49 LEU A CD2 
392 N N   . LEU A 49 ? 0.19914 0.20929 0.30437 0.00364  0.02178  0.01202  50 LEU A N   
393 C CA  . LEU A 49 ? 0.19327 0.19434 0.29825 0.01101  0.01761  0.00865  50 LEU A CA  
394 C C   . LEU A 49 ? 0.23387 0.23329 0.33111 0.02222  0.01503  0.02055  50 LEU A C   
395 O O   . LEU A 49 ? 0.25051 0.25402 0.35481 0.03161  0.01186  0.01986  50 LEU A O   
396 C CB  . LEU A 49 ? 0.23315 0.20969 0.34510 0.00651  0.02066  0.00349  50 LEU A CB  
397 C CG  . LEU A 49 ? 0.26391 0.24455 0.38108 -0.00414 0.01556  -0.01170 50 LEU A CG  
398 C CD1 . LEU A 49 ? 0.29327 0.24465 0.41559 -0.01493 0.01505  -0.01800 50 LEU A CD1 
399 C CD2 . LEU A 49 ? 0.25945 0.24671 0.36548 0.00458  0.01234  -0.02181 50 LEU A CD2 
400 N N   . LEU A 50 ? 0.20475 0.20150 0.28710 0.02300  0.01608  0.03217  51 LEU A N   
401 C CA  . LEU A 50 ? 0.19829 0.19633 0.26758 0.03385  0.00729  0.04360  51 LEU A CA  
402 C C   . LEU A 50 ? 0.21674 0.23490 0.27683 0.03291  -0.00567 0.03848  51 LEU A C   
403 O O   . LEU A 50 ? 0.24891 0.27640 0.30706 0.03964  -0.01954 0.04511  51 LEU A O   
404 C CB  . LEU A 50 ? 0.21257 0.19145 0.25854 0.03645  0.01364  0.05993  51 LEU A CB  
405 C CG  . LEU A 50 ? 0.24108 0.19206 0.29550 0.03588  0.02552  0.06949  51 LEU A CG  
406 C CD1 . LEU A 50 ? 0.27778 0.20850 0.30408 0.04107  0.03211  0.09135  51 LEU A CD1 
407 C CD2 . LEU A 50 ? 0.29823 0.24142 0.36948 0.04627  0.02067  0.06721  51 LEU A CD2 
408 N N   . LEU A 51 ? 0.18932 0.21315 0.24601 0.02468  -0.00323 0.02738  52 LEU A N   
409 C CA  . LEU A 51 ? 0.17152 0.20394 0.21738 0.02125  -0.01500 0.02086  52 LEU A CA  
410 C C   . LEU A 51 ? 0.21878 0.27024 0.29136 0.01892  -0.02328 0.01741  52 LEU A C   
411 O O   . LEU A 51 ? 0.20039 0.25689 0.29356 0.01986  -0.01493 0.01442  52 LEU A O   
412 C CB  . LEU A 51 ? 0.19863 0.22560 0.23378 0.01661  -0.00745 0.01143  52 LEU A CB  
413 C CG  . LEU A 51 ? 0.28145 0.29641 0.29453 0.02025  0.00584  0.01517  52 LEU A CG  
414 C CD1 . LEU A 51 ? 0.21965 0.23333 0.22829 0.02063  0.01317  0.00600  52 LEU A CD1 
415 C CD2 . LEU A 51 ? 0.23327 0.23428 0.20807 0.02602  0.00113  0.02288  52 LEU A CD2 
416 N N   . THR A 52 ? 0.18525 0.24682 0.25587 0.01468  -0.03940 0.01744  53 THR A N   
417 C CA  . THR A 52 ? 0.16061 0.24621 0.26387 0.00931  -0.04510 0.01693  53 THR A CA  
418 C C   . THR A 52 ? 0.17117 0.24902 0.26866 -0.00282 -0.04264 0.00718  53 THR A C   
419 O O   . THR A 52 ? 0.20102 0.25598 0.26917 -0.00454 -0.04019 0.00033  53 THR A O   
420 C CB  . THR A 52 ? 0.17622 0.28258 0.29113 0.00716  -0.06730 0.02363  53 THR A CB  
421 O OG1 . THR A 52 ? 0.25127 0.34061 0.33221 -0.00357 -0.08268 0.01596  53 THR A OG1 
422 C CG2 . THR A 52 ? 0.18260 0.29175 0.29574 0.02271  -0.07243 0.03628  53 THR A CG2 
423 N N   . LYS A 53 ? 0.15621 0.25246 0.28241 -0.00958 -0.04120 0.00859  54 LYS A N   
424 C CA  . LYS A 53 ? 0.15462 0.23802 0.27392 -0.02109 -0.03811 0.00286  54 LYS A CA  
425 C C   . LYS A 53 ? 0.20846 0.27204 0.30392 -0.03257 -0.05496 -0.00382 54 LYS A C   
426 O O   . LYS A 53 ? 0.22809 0.26219 0.29731 -0.03490 -0.05109 -0.01136 54 LYS A O   
427 C CB  . LYS A 53 ? 0.13910 0.24634 0.29389 -0.02811 -0.03140 0.00958  54 LYS A CB  
428 C CG  . LYS A 53 ? 0.18823 0.27467 0.33146 -0.03939 -0.02525 0.00732  54 LYS A CG  
429 C CD  . LYS A 53 ? 0.24571 0.35476 0.42323 -0.04978 -0.01664 0.01746  54 LYS A CD  
430 C CE  . LYS A 53 ? 0.23206 0.36127 0.42280 -0.03439 0.00337  0.02309  54 LYS A CE  
431 N NZ  . LYS A 53 ? 0.23482 0.39167 0.46097 -0.04307 0.01535  0.03513  54 LYS A NZ  
432 N N   . GLU A 54 ? 0.18166 0.25816 0.28255 -0.03799 -0.07498 -0.00180 55 GLU A N   
433 C CA  . GLU A 54 ? 0.24613 0.29727 0.31424 -0.04947 -0.09476 -0.01163 55 GLU A CA  
434 C C   . GLU A 54 ? 0.30113 0.31579 0.31621 -0.03663 -0.08644 -0.01963 55 GLU A C   
435 O O   . GLU A 54 ? 0.32448 0.30341 0.30566 -0.04033 -0.08663 -0.03106 55 GLU A O   
436 C CB  . GLU A 54 ? 0.28491 0.36007 0.36506 -0.05577 -0.12261 -0.00746 55 GLU A CB  
437 C CG  . GLU A 54 ? 0.35211 0.46733 0.48826 -0.06734 -0.12511 0.00044  55 GLU A CG  
438 N N   . ASP A 55 ? 0.22105 0.24291 0.23012 -0.02092 -0.07674 -0.01266 56 ASP A N   
439 C CA  . ASP A 55 ? 0.24423 0.23929 0.21259 -0.00892 -0.06269 -0.01645 56 ASP A CA  
440 C C   . ASP A 55 ? 0.26380 0.24480 0.23257 -0.00625 -0.04461 -0.02247 56 ASP A C   
441 O O   . ASP A 55 ? 0.25612 0.21028 0.19099 0.00089  -0.03633 -0.02974 56 ASP A O   
442 C CB  . ASP A 55 ? 0.22072 0.22858 0.19622 0.00345  -0.05130 -0.00433 56 ASP A CB  
443 C CG  . ASP A 55 ? 0.24179 0.25880 0.21049 0.00672  -0.06831 0.00524  56 ASP A CG  
444 O OD1 . ASP A 55 ? 0.29266 0.30338 0.23650 0.00127  -0.09102 0.00122  56 ASP A OD1 
445 O OD2 . ASP A 55 ? 0.23288 0.26080 0.21937 0.01560  -0.06039 0.01736  56 ASP A OD2 
446 N N   . PHE A 56 ? 0.21968 0.21902 0.22447 -0.00812 -0.03676 -0.01831 57 PHE A N   
447 C CA  . PHE A 56 ? 0.24946 0.23780 0.25414 -0.00406 -0.02408 -0.02161 57 PHE A CA  
448 C C   . PHE A 56 ? 0.26294 0.22008 0.24604 -0.01048 -0.02989 -0.02995 57 PHE A C   
449 O O   . PHE A 56 ? 0.28170 0.21483 0.24358 -0.00047 -0.02062 -0.03496 57 PHE A O   
450 C CB  . PHE A 56 ? 0.20435 0.21348 0.24097 -0.00558 -0.01833 -0.01603 57 PHE A CB  
451 C CG  . PHE A 56 ? 0.19129 0.21456 0.23981 0.00303  -0.00863 -0.01294 57 PHE A CG  
452 C CD1 . PHE A 56 ? 0.19671 0.22988 0.25211 0.00512  -0.00864 -0.00860 57 PHE A CD1 
453 C CD2 . PHE A 56 ? 0.21290 0.23759 0.26618 0.00783  -0.00214 -0.01371 57 PHE A CD2 
454 C CE1 . PHE A 56 ? 0.19334 0.23264 0.26056 0.00878  -0.00075 -0.00668 57 PHE A CE1 
455 C CE2 . PHE A 56 ? 0.21619 0.25383 0.28327 0.01093  0.00207  -0.01276 57 PHE A CE2 
456 C CZ  . PHE A 56 ? 0.20296 0.24539 0.27717 0.00969  0.00336  -0.01010 57 PHE A CZ  
457 N N   . ARG A 57 ? 0.27010 0.22668 0.26173 -0.02713 -0.04482 -0.03088 58 ARG A N   
458 C CA  . ARG A 57 ? 0.28749 0.20628 0.25844 -0.03782 -0.05195 -0.03951 58 ARG A CA  
459 C C   . ARG A 57 ? 0.33199 0.21178 0.25157 -0.03214 -0.05755 -0.05331 58 ARG A C   
460 O O   . ARG A 57 ? 0.40682 0.24172 0.29648 -0.03078 -0.05515 -0.06321 58 ARG A O   
461 C CB  . ARG A 57 ? 0.33113 0.26269 0.32943 -0.06167 -0.06871 -0.03669 58 ARG A CB  
462 C CG  . ARG A 57 ? 0.30041 0.25798 0.33976 -0.06706 -0.05755 -0.02382 58 ARG A CG  
463 C CD  . ARG A 57 ? 0.40117 0.35787 0.46338 -0.09382 -0.07053 -0.02173 58 ARG A CD  
464 N NE  . ARG A 57 ? 0.36472 0.35191 0.46925 -0.10019 -0.05651 -0.00624 58 ARG A NE  
465 C CZ  . ARG A 57 ? 0.38827 0.42608 0.53757 -0.10321 -0.05633 0.00391  58 ARG A CZ  
466 N NH1 . ARG A 57 ? 0.32429 0.38876 0.48433 -0.10100 -0.07293 0.00142  58 ARG A NH1 
467 N NH2 . ARG A 57 ? 0.29322 0.35382 0.47242 -0.10431 -0.03663 0.01783  58 ARG A NH2 
468 N N   . TYR A 58 ? 0.34461 0.23549 0.24775 -0.02725 -0.06425 -0.05385 59 TYR A N   
469 C CA  . TYR A 58 ? 0.37239 0.22390 0.21588 -0.01925 -0.06696 -0.06675 59 TYR A CA  
470 C C   . TYR A 58 ? 0.41220 0.24855 0.23623 0.00462  -0.03890 -0.06754 59 TYR A C   
471 O O   . TYR A 58 ? 0.45749 0.24830 0.23740 0.01387  -0.03248 -0.08049 59 TYR A O   
472 C CB  . TYR A 58 ? 0.40839 0.27632 0.23528 -0.01833 -0.08068 -0.06294 59 TYR A CB  
473 C CG  . TYR A 58 ? 0.53001 0.35372 0.28347 -0.01159 -0.08712 -0.07692 59 TYR A CG  
474 C CD1 . TYR A 58 ? 0.53186 0.34060 0.24651 0.01167  -0.06136 -0.07591 59 TYR A CD1 
475 C CD2 . TYR A 58 ? 0.51218 0.31554 0.24264 -0.02826 -0.11469 -0.08865 59 TYR A CD2 
476 C CE1 . TYR A 58 ? 0.61614 0.38622 0.26318 0.02047  -0.06135 -0.08672 59 TYR A CE1 
477 C CE2 . TYR A 58 ? 0.58873 0.35986 0.26172 -0.02044 -0.11516 -0.09846 59 TYR A CE2 
478 C CZ  . TYR A 58 ? 0.66363 0.41679 0.29312 0.00436  -0.08836 -0.09744 59 TYR A CZ  
479 O OH  . TYR A 58 ? 0.74469 0.46553 0.31607 0.01260  -0.08722 -0.10649 59 TYR A OH  
480 N N   . ARG A 59 ? 0.37307 0.24722 0.23223 0.01480  -0.02220 -0.05407 60 ARG A N   
481 C CA  . ARG A 59 ? 0.37748 0.25202 0.23578 0.03533  0.00320  -0.05144 60 ARG A CA  
482 C C   . ARG A 59 ? 0.35946 0.21671 0.22674 0.04105  0.00930  -0.05467 60 ARG A C   
483 O O   . ARG A 59 ? 0.38788 0.22546 0.23674 0.06062  0.02620  -0.05843 60 ARG A O   
484 C CB  . ARG A 59 ? 0.31452 0.23430 0.21532 0.03807  0.01362  -0.03683 60 ARG A CB  
485 C CG  . ARG A 59 ? 0.36454 0.29576 0.25436 0.03775  0.01414  -0.02930 60 ARG A CG  
486 C CD  . ARG A 59 ? 0.39941 0.33561 0.28205 0.05320  0.03999  -0.02268 60 ARG A CD  
487 N NE  . ARG A 59 ? 0.37173 0.31291 0.23943 0.05331  0.04407  -0.01173 60 ARG A NE  
488 C CZ  . ARG A 59 ? 0.45783 0.39824 0.30833 0.06510  0.06850  -0.00331 60 ARG A CZ  
489 N NH1 . ARG A 59 ? 0.41899 0.36189 0.27385 0.07894  0.09209  -0.00470 60 ARG A NH1 
490 N NH2 . ARG A 59 ? 0.38385 0.32153 0.21293 0.06478  0.07113  0.00901  60 ARG A NH2 
491 N N   . SER A 60 ? 0.35060 0.21532 0.24610 0.02698  -0.00177 -0.05094 61 SER A N   
492 C CA  . SER A 60 ? 0.33427 0.17811 0.23410 0.03230  0.00281  -0.05022 61 SER A CA  
493 C C   . SER A 60 ? 0.32837 0.14993 0.22830 0.01007  -0.01262 -0.05215 61 SER A C   
494 O O   . SER A 60 ? 0.33056 0.17896 0.26343 -0.00198 -0.01647 -0.04199 61 SER A O   
495 C CB  . SER A 60 ? 0.32564 0.20752 0.26456 0.04128  0.01102  -0.03746 61 SER A CB  
496 O OG  . SER A 60 ? 0.33501 0.19501 0.27303 0.04875  0.01326  -0.03383 61 SER A OG  
497 N N   . PRO A 61 ? 0.40401 0.17386 0.26666 0.00356  -0.02029 -0.06521 62 PRO A N   
498 C CA  . PRO A 61 ? 0.42086 0.16830 0.29037 -0.02234 -0.03479 -0.06560 62 PRO A CA  
499 C C   . PRO A 61 ? 0.46347 0.20589 0.35416 -0.02116 -0.02507 -0.05189 62 PRO A C   
500 O O   . PRO A 61 ? 0.46965 0.22092 0.38564 -0.04331 -0.03103 -0.04305 62 PRO A O   
501 C CB  . PRO A 61 ? 0.53020 0.22150 0.35347 -0.02527 -0.04192 -0.08296 62 PRO A CB  
502 C CG  . PRO A 61 ? 0.52574 0.22136 0.31673 -0.00781 -0.03764 -0.09192 62 PRO A CG  
503 C CD  . PRO A 61 ? 0.51003 0.23851 0.32033 0.01655  -0.01689 -0.08114 62 PRO A CD  
504 N N   . HIS A 62 ? 0.42800 0.15898 0.31005 0.00511  -0.00978 -0.04773 63 HIS A N   
505 C CA  . HIS A 62 ? 0.42846 0.14815 0.32089 0.00941  -0.00299 -0.03305 63 HIS A CA  
506 C C   . HIS A 62 ? 0.35881 0.13471 0.28595 0.01102  0.00026  -0.01745 63 HIS A C   
507 O O   . HIS A 62 ? 0.42004 0.18966 0.35271 0.00689  0.00326  -0.00371 63 HIS A O   
508 C CB  . HIS A 62 ? 0.48277 0.16739 0.35286 0.04058  0.00914  -0.03296 63 HIS A CB  
509 C CG  . HIS A 62 ? 0.50561 0.14465 0.34715 0.03969  0.00876  -0.04539 63 HIS A CG  
510 N ND1 . HIS A 62 ? 0.60108 0.23416 0.41898 0.04483  0.00924  -0.06181 63 HIS A ND1 
511 C CD2 . HIS A 62 ? 0.55503 0.15039 0.38512 0.03499  0.00863  -0.04331 63 HIS A CD2 
512 C CE1 . HIS A 62 ? 0.58890 0.17500 0.38003 0.04378  0.00864  -0.07094 63 HIS A CE1 
513 N NE2 . HIS A 62 ? 0.60871 0.17070 0.40884 0.03740  0.00798  -0.06055 63 HIS A NE2 
514 N N   . SER A 63 ? 0.33553 0.16011 0.28078 0.01704  0.00054  -0.01906 64 SER A N   
515 C CA  . SER A 63 ? 0.30049 0.16817 0.27061 0.01954  0.00248  -0.00799 64 SER A CA  
516 C C   . SER A 63 ? 0.28978 0.19972 0.28119 0.01039  -0.00083 -0.01075 64 SER A C   
517 O O   . SER A 63 ? 0.25441 0.19441 0.26131 0.01321  0.00076  -0.00529 64 SER A O   
518 C CB  . SER A 63 ? 0.36718 0.24698 0.34008 0.04444  0.00692  -0.00323 64 SER A CB  
519 O OG  . SER A 63 ? 0.37640 0.27492 0.35605 0.05536  0.01053  -0.01069 64 SER A OG  
520 N N   . GLY A 64 ? 0.28961 0.19832 0.27813 0.00009  -0.00683 -0.01896 65 GLY A N   
521 C CA  . GLY A 64 ? 0.23509 0.17959 0.24175 -0.00380 -0.00964 -0.01916 65 GLY A CA  
522 C C   . GLY A 64 ? 0.20757 0.17815 0.23950 -0.01390 -0.00954 -0.01137 65 GLY A C   
523 O O   . GLY A 64 ? 0.20306 0.19991 0.24926 -0.00918 -0.00668 -0.00962 65 GLY A O   
524 N N   . ASP A 65 ? 0.24576 0.20734 0.28382 -0.02800 -0.01065 -0.00641 66 ASP A N   
525 C CA  . ASP A 65 ? 0.20087 0.18995 0.26428 -0.03472 -0.00432 0.00304  66 ASP A CA  
526 C C   . ASP A 65 ? 0.20235 0.19744 0.25787 -0.02102 0.00666  0.00768  66 ASP A C   
527 O O   . ASP A 65 ? 0.19889 0.21750 0.26450 -0.01565 0.01135  0.00774  66 ASP A O   
528 C CB  . ASP A 65 ? 0.24492 0.22527 0.32130 -0.05453 -0.00385 0.01083  66 ASP A CB  
529 C CG  . ASP A 65 ? 0.28672 0.22295 0.33798 -0.05581 0.00019  0.01441  66 ASP A CG  
530 O OD1 . ASP A 65 ? 0.32884 0.24254 0.35352 -0.03892 0.00080  0.01012  66 ASP A OD1 
531 O OD2 . ASP A 65 ? 0.31503 0.23936 0.37694 -0.07394 0.00352  0.02356  66 ASP A OD2 
532 N N   . GLU A 66 ? 0.20956 0.17998 0.24341 -0.01391 0.00902  0.01101  67 GLU A N   
533 C CA  . GLU A 66 ? 0.19349 0.16921 0.21418 -0.00022 0.01288  0.01455  67 GLU A CA  
534 C C   . GLU A 66 ? 0.20533 0.20205 0.23229 0.00892  0.00733  0.00522  67 GLU A C   
535 O O   . GLU A 66 ? 0.20788 0.21807 0.23288 0.01247  0.00890  0.00372  67 GLU A O   
536 C CB  . GLU A 66 ? 0.22509 0.17236 0.22326 0.00995  0.01154  0.02071  67 GLU A CB  
537 C CG  . GLU A 66 ? 0.27939 0.23627 0.26260 0.02441  0.00892  0.02438  67 GLU A CG  
538 C CD  . GLU A 66 ? 0.35626 0.31497 0.32341 0.02204  0.01803  0.03288  67 GLU A CD  
539 O OE1 . GLU A 66 ? 0.34823 0.30077 0.32045 0.00962  0.03054  0.04099  67 GLU A OE1 
540 O OE2 . GLU A 66 ? 0.38941 0.35808 0.33955 0.03192  0.01281  0.03049  67 GLU A OE2 
541 N N   . LEU A 67 ? 0.19247 0.18824 0.22394 0.01261  0.00224  -0.00109 68 LEU A N   
542 C CA  . LEU A 67 ? 0.18071 0.19629 0.22315 0.01821  -0.00076 -0.00672 68 LEU A CA  
543 C C   . LEU A 67 ? 0.20904 0.23891 0.26319 0.01182  0.00080  -0.00977 68 LEU A C   
544 O O   . LEU A 67 ? 0.18575 0.22503 0.24371 0.01380  -0.00081 -0.01355 68 LEU A O   
545 C CB  . LEU A 67 ? 0.19131 0.20463 0.23678 0.02359  -0.00019 -0.00988 68 LEU A CB  
546 C CG  . LEU A 67 ? 0.21368 0.21636 0.25242 0.03732  0.00043  -0.00696 68 LEU A CG  
547 C CD1 . LEU A 67 ? 0.24624 0.24299 0.28323 0.04543  0.00731  -0.01068 68 LEU A CD1 
548 C CD2 . LEU A 67 ? 0.21014 0.23633 0.26232 0.04500  -0.00587 -0.00400 68 LEU A CD2 
549 N N   . TYR A 68 ? 0.15953 0.18972 0.22023 0.00435  0.00223  -0.00821 69 TYR A N   
550 C CA  . TYR A 68 ? 0.15215 0.19680 0.22731 0.00280  0.00436  -0.00833 69 TYR A CA  
551 C C   . TYR A 68 ? 0.17356 0.22228 0.24607 0.00639  0.01225  -0.00776 69 TYR A C   
552 O O   . TYR A 68 ? 0.17167 0.22220 0.24488 0.01138  0.01438  -0.01272 69 TYR A O   
553 C CB  . TYR A 68 ? 0.15334 0.20476 0.24163 -0.00514 0.00080  -0.00436 69 TYR A CB  
554 C CG  . TYR A 68 ? 0.17171 0.24142 0.27952 -0.00162 0.00237  -0.00175 69 TYR A CG  
555 C CD1 . TYR A 68 ? 0.15916 0.22827 0.26675 0.00309  -0.00234 -0.00248 69 TYR A CD1 
556 C CD2 . TYR A 68 ? 0.18198 0.26808 0.30787 -0.00048 0.01151  0.00355  69 TYR A CD2 
557 C CE1 . TYR A 68 ? 0.17163 0.25230 0.29582 0.01002  -0.00085 0.00189  69 TYR A CE1 
558 C CE2 . TYR A 68 ? 0.19855 0.30082 0.34442 0.00807  0.01498  0.00663  69 TYR A CE2 
559 C CZ  . TYR A 68 ? 0.17981 0.27715 0.32408 0.01376  0.00729  0.00565  69 TYR A CZ  
560 O OH  . TYR A 68 ? 0.19268 0.30101 0.35556 0.02550  0.01050  0.01069  69 TYR A OH  
561 N N   . GLU A 69 ? 0.17485 0.21985 0.23995 0.00412  0.01843  -0.00156 70 GLU A N   
562 C CA  . GLU A 69 ? 0.20223 0.24806 0.25498 0.00996  0.02994  -0.00011 70 GLU A CA  
563 C C   . GLU A 69 ? 0.19913 0.23341 0.22484 0.01761  0.02371  -0.00808 70 GLU A C   
564 O O   . GLU A 69 ? 0.22416 0.25419 0.23393 0.02394  0.02886  -0.01444 70 GLU A O   
565 C CB  . GLU A 69 ? 0.19406 0.23669 0.24221 0.00494  0.04094  0.01217  70 GLU A CB  
566 C CG  . GLU A 69 ? 0.20549 0.26194 0.28760 -0.00897 0.04235  0.02023  70 GLU A CG  
567 C CD  . GLU A 69 ? 0.26028 0.34689 0.37614 -0.00774 0.04966  0.02244  70 GLU A CD  
568 O OE1 . GLU A 69 ? 0.22368 0.31476 0.33596 0.00533  0.05431  0.01611  70 GLU A OE1 
569 O OE2 . GLU A 69 ? 0.22232 0.32880 0.37201 -0.02002 0.05027  0.03136  70 GLU A OE2 
570 N N   . LEU A 70 ? 0.18534 0.21420 0.20538 0.01794  0.01194  -0.00833 71 LEU A N   
571 C CA  . LEU A 70 ? 0.17241 0.19964 0.17782 0.02296  0.00010  -0.01540 71 LEU A CA  
572 C C   . LEU A 70 ? 0.22180 0.25357 0.24014 0.01982  -0.00435 -0.02675 71 LEU A C   
573 O O   . LEU A 70 ? 0.22682 0.25075 0.22752 0.02093  -0.00991 -0.03637 71 LEU A O   
574 C CB  . LEU A 70 ? 0.16032 0.19023 0.17184 0.02616  -0.01046 -0.01126 71 LEU A CB  
575 C CG  . LEU A 70 ? 0.14958 0.18919 0.15906 0.03001  -0.02703 -0.01642 71 LEU A CG  
576 C CD1 . LEU A 70 ? 0.24368 0.27197 0.21432 0.03506  -0.03234 -0.01719 71 LEU A CD1 
577 C CD2 . LEU A 70 ? 0.21699 0.26590 0.24211 0.03783  -0.03364 -0.00918 71 LEU A CD2 
578 N N   . LEU A 71 ? 0.17592 0.21468 0.21999 0.01545  -0.00240 -0.02580 72 LEU A N   
579 C CA  . LEU A 71 ? 0.19428 0.23121 0.25009 0.01200  -0.00390 -0.03274 72 LEU A CA  
580 C C   . LEU A 71 ? 0.24930 0.27343 0.29271 0.01646  0.00447  -0.03843 72 LEU A C   
581 O O   . LEU A 71 ? 0.21577 0.22482 0.25015 0.01532  0.00058  -0.04917 72 LEU A O   
582 C CB  . LEU A 71 ? 0.17496 0.21808 0.25151 0.00927  -0.00077 -0.02674 72 LEU A CB  
583 C CG  . LEU A 71 ? 0.20990 0.24649 0.29783 0.00563  -0.00009 -0.02912 72 LEU A CG  
584 C CD1 . LEU A 71 ? 0.21160 0.25031 0.30825 -0.00229 -0.00866 -0.03461 72 LEU A CD1 
585 C CD2 . LEU A 71 ? 0.25380 0.29385 0.35135 0.00579  0.00412  -0.01997 72 LEU A CD2 
586 N N   . GLN A 72 ? 0.22670 0.25583 0.27100 0.02164  0.01684  -0.03163 73 GLN A N   
587 C CA  . GLN A 72 ? 0.22848 0.24935 0.26286 0.03101  0.03014  -0.03545 73 GLN A CA  
588 C C   . GLN A 72 ? 0.28399 0.28558 0.27814 0.03574  0.03031  -0.04597 73 GLN A C   
589 O O   . GLN A 72 ? 0.32488 0.30477 0.29962 0.04245  0.03472  -0.05810 73 GLN A O   
590 C CB  . GLN A 72 ? 0.25908 0.29923 0.31012 0.03441  0.04452  -0.02304 73 GLN A CB  
591 C CG  . GLN A 72 ? 0.19601 0.25463 0.28088 0.02874  0.03900  -0.01415 73 GLN A CG  
592 C CD  . GLN A 72 ? 0.21172 0.26324 0.30613 0.03151  0.03280  -0.01746 73 GLN A CD  
593 O OE1 . GLN A 72 ? 0.26208 0.30430 0.35761 0.04241  0.04069  -0.02070 73 GLN A OE1 
594 N NE2 . GLN A 72 ? 0.24550 0.29740 0.34434 0.02362  0.02131  -0.01545 73 GLN A NE2 
595 N N   . HIS A 73 ? 0.24779 0.25200 0.22310 0.03404  0.02545  -0.04145 74 HIS A N   
596 C CA  . HIS A 73 ? 0.30921 0.29469 0.23760 0.03961  0.02207  -0.04969 74 HIS A CA  
597 C C   . HIS A 73 ? 0.34071 0.31149 0.25880 0.03368  0.00087  -0.06691 74 HIS A C   
598 O O   . HIS A 73 ? 0.38196 0.32658 0.26024 0.03797  -0.00140 -0.08209 74 HIS A O   
599 C CB  . HIS A 73 ? 0.38398 0.37538 0.29862 0.03935  0.01708  -0.03723 74 HIS A CB  
600 C CG  . HIS A 73 ? 0.48733 0.46010 0.34614 0.04721  0.01237  -0.04080 74 HIS A CG  
601 N ND1 . HIS A 73 ? 0.54224 0.50099 0.36198 0.05767  0.03441  -0.03743 74 HIS A ND1 
602 C CD2 . HIS A 73 ? 0.51058 0.47884 0.34480 0.04729  -0.01242 -0.04516 74 HIS A CD2 
603 C CE1 . HIS A 73 ? 0.60203 0.54216 0.36576 0.06420  0.02329  -0.04063 74 HIS A CE1 
604 N NE2 . HIS A 73 ? 0.60483 0.55164 0.37783 0.05773  -0.00796 -0.04569 74 HIS A NE2 
605 N N   . ILE A 74 ? 0.31371 0.29993 0.26686 0.02285  -0.01418 -0.06504 75 ILE A N   
606 C CA  . ILE A 74 ? 0.30339 0.28247 0.26071 0.01205  -0.03430 -0.07853 75 ILE A CA  
607 C C   . ILE A 74 ? 0.34680 0.29805 0.30110 0.01052  -0.02718 -0.09100 75 ILE A C   
608 O O   . ILE A 74 ? 0.37608 0.30124 0.30827 0.00396  -0.04046 -0.10855 75 ILE A O   
609 C CB  . ILE A 74 ? 0.28459 0.29201 0.28754 0.00252  -0.04405 -0.06938 75 ILE A CB  
610 C CG1 . ILE A 74 ? 0.27558 0.30188 0.27374 0.00817  -0.05365 -0.06007 75 ILE A CG1 
611 C CG2 . ILE A 74 ? 0.31182 0.31777 0.33542 -0.01309 -0.06015 -0.07954 75 ILE A CG2 
612 C CD1 . ILE A 74 ? 0.29994 0.35389 0.33928 0.00548  -0.05777 -0.05016 75 ILE A CD1 
613 N N   . LEU A 75 ? 0.34100 0.29430 0.31617 0.01691  -0.00810 -0.08234 76 LEU A N   
614 C CA  . LEU A 75 ? 0.36499 0.28867 0.33762 0.02070  0.00076  -0.09100 76 LEU A CA  
615 C C   . LEU A 75 ? 0.43690 0.32813 0.36201 0.03467  0.01106  -0.10567 76 LEU A C   
616 O O   . LEU A 75 ? 0.50582 0.35925 0.41691 0.03802  0.01452  -0.11909 76 LEU A O   
617 C CB  . LEU A 75 ? 0.29665 0.23497 0.30185 0.02844  0.01635  -0.07544 76 LEU A CB  
618 C CG  . LEU A 75 ? 0.28470 0.24111 0.32507 0.01652  0.00867  -0.06393 76 LEU A CG  
619 C CD1 . LEU A 75 ? 0.35619 0.33299 0.41917 0.02498  0.01899  -0.04750 76 LEU A CD1 
620 C CD2 . LEU A 75 ? 0.38212 0.31344 0.43080 0.00520  0.00226  -0.06962 76 LEU A CD2 
621 N N   . LYS A 76 ? 0.40918 0.30865 0.30471 0.04421  0.01843  -0.10313 77 LYS A N   
622 C CA  . LYS A 76 ? 0.47907 0.34437 0.31888 0.05918  0.03072  -0.11785 77 LYS A CA  
623 C C   . LYS A 76 ? 0.57226 0.40304 0.36363 0.04993  0.00570  -0.14079 77 LYS A C   
624 O O   . LYS A 76 ? 0.53383 0.33951 0.28387 0.05700  0.01372  -0.15124 77 LYS A O   
625 C CB  . LYS A 76 ? 0.50278 0.38489 0.32003 0.07224  0.05013  -0.10543 77 LYS A CB  
626 C CG  . LYS A 76 ? 0.48308 0.40043 0.34627 0.07970  0.07462  -0.08386 77 LYS A CG  
627 C CD  . LYS A 76 ? 0.48647 0.42144 0.33301 0.08509  0.09151  -0.06838 77 LYS A CD  
628 C CE  . LYS A 76 ? 0.52674 0.50282 0.43231 0.08389  0.10833  -0.04630 77 LYS A CE  
629 N NZ  . LYS A 76 ? 0.57515 0.56686 0.47206 0.08522  0.12789  -0.02859 77 LYS A NZ  
630 N N   . GLN A 77 ? 0.54373 0.39025 0.35798 0.02942  -0.02379 -0.14126 78 GLN A N   
631 C CA  . GLN A 77 ? 0.57266 0.40259 0.35384 0.01646  -0.05181 -0.15745 78 GLN A CA  
632 C C   . GLN A 77 ? 0.73188 0.52695 0.51372 0.00333  -0.05631 -0.17421 78 GLN A C   
633 O O   . GLN A 77 ? 0.81402 0.58241 0.55282 0.00275  -0.06080 -0.18973 78 GLN A O   
634 C CB  . GLN A 77 ? 0.60582 0.47443 0.42050 0.00163  -0.08112 -0.14947 78 GLN A CB  
635 C CG  . GLN A 77 ? 0.54119 0.44449 0.35723 0.01373  -0.07399 -0.12768 78 GLN A CG  
636 N N   . ARG A 78 ? 0.79636 0.58829 0.62397 -0.00676 -0.05449 -0.17122 79 ARG A N   
637 C CA  . ARG A 78 ? 0.93500 0.69295 0.76640 -0.02332 -0.06031 -0.18464 79 ARG A CA  
638 C C   . ARG A 78 ? 0.90816 0.63262 0.74290 -0.00792 -0.03298 -0.18550 79 ARG A C   
639 O O   . ARG A 78 ? 0.83670 0.57479 0.69390 0.00843  -0.01425 -0.17011 79 ARG A O   
640 C CB  . ARG A 78 ? 0.97678 0.75748 0.86086 -0.05096 -0.08033 -0.17659 79 ARG A CB  
641 N N   . GLU A 79 ? 0.95212 0.63494 0.76692 -0.01152 -0.03280 -0.20359 80 GLU A N   
642 C CA  . GLU A 79 ? 0.95323 0.60138 0.77256 0.00569  -0.01124 -0.20594 80 GLU A CA  
643 C C   . GLU A 79 ? 0.96177 0.60177 0.83031 -0.00771 -0.01139 -0.19454 80 GLU A C   
644 O O   . GLU A 79 ? 0.95967 0.62646 0.85776 -0.02609 -0.01965 -0.17950 80 GLU A O   
645 C CB  . GLU A 79 ? 1.10727 0.70870 0.88289 0.00763  -0.01347 -0.23100 80 GLU A CB  
# 
loop_
_pdbx_poly_seq_scheme.asym_id 
_pdbx_poly_seq_scheme.entity_id 
_pdbx_poly_seq_scheme.seq_id 
_pdbx_poly_seq_scheme.mon_id 
_pdbx_poly_seq_scheme.ndb_seq_num 
_pdbx_poly_seq_scheme.pdb_seq_num 
_pdbx_poly_seq_scheme.auth_seq_num 
_pdbx_poly_seq_scheme.pdb_mon_id 
_pdbx_poly_seq_scheme.auth_mon_id 
_pdbx_poly_seq_scheme.pdb_strand_id 
_pdbx_poly_seq_scheme.pdb_ins_code 
_pdbx_poly_seq_scheme.hetero 
A 1 1   SER 1   2   ?  ?   ?   A . n 
A 1 2   ILE 2   3   ?  ?   ?   A . n 
A 1 3   ARG 3   4   4  ARG ARG A . n 
A 1 4   LEU 4   5   5  LEU LEU A . n 
A 1 5   PRO 5   6   6  PRO PRO A . n 
A 1 6   ALA 6   7   7  ALA ALA A . n 
A 1 7   HIS 7   8   8  HIS HIS A . n 
A 1 8   LEU 8   9   9  LEU LEU A . n 
A 1 9   ARG 9   10  10 ARG ARG A . n 
A 1 10  LEU 10  11  11 LEU LEU A . n 
A 1 11  GLN 11  12  12 GLN GLN A . n 
A 1 12  PRO 12  13  13 PRO PRO A . n 
A 1 13  ILE 13  14  14 ILE ILE A . n 
A 1 14  TYR 14  15  15 TYR TYR A . n 
A 1 15  TRP 15  16  16 TRP TRP A . n 
A 1 16  SER 16  17  17 SER SER A . n 
A 1 17  ARG 17  18  18 ARG ARG A . n 
A 1 18  ASP 18  19  19 ASP ASP A . n 
A 1 19  ASP 19  20  20 ASP ASP A . n 
A 1 20  VAL 20  21  21 VAL VAL A . n 
A 1 21  ALA 21  22  22 ALA ALA A . n 
A 1 22  GLN 22  23  23 GLN GLN A . n 
A 1 23  TRP 23  24  24 TRP TRP A . n 
A 1 24  LEU 24  25  25 LEU LEU A . n 
A 1 25  LYS 25  26  26 LYS LYS A . n 
A 1 26  TRP 26  27  27 TRP TRP A . n 
A 1 27  ALA 27  28  28 ALA ALA A . n 
A 1 28  GLU 28  29  29 GLU GLU A . n 
A 1 29  ASN 29  30  30 ASN ASN A . n 
A 1 30  GLU 30  31  31 GLU GLU A . n 
A 1 31  PHE 31  32  32 PHE PHE A . n 
A 1 32  SER 32  33  33 SER SER A . n 
A 1 33  LEU 33  34  34 LEU LEU A . n 
A 1 34  SER 34  35  35 SER SER A . n 
A 1 35  PRO 35  36  36 PRO PRO A . n 
A 1 36  ILE 36  37  37 ILE ILE A . n 
A 1 37  ASP 37  38  38 ASP ASP A . n 
A 1 38  SER 38  39  39 SER SER A . n 
A 1 39  ASN 39  40  40 ASN ASN A . n 
A 1 40  THR 40  41  41 THR THR A . n 
A 1 41  PHE 41  42  42 PHE PHE A . n 
A 1 42  GLU 42  43  43 GLU GLU A . n 
A 1 43  MET 43  44  44 MET MET A . n 
A 1 44  ASN 44  45  45 ASN ASN A . n 
A 1 45  GLY 45  46  46 GLY GLY A . n 
A 1 46  LYS 46  47  47 LYS LYS A . n 
A 1 47  ALA 47  48  48 ALA ALA A . n 
A 1 48  LEU 48  49  49 LEU LEU A . n 
A 1 49  LEU 49  50  50 LEU LEU A . n 
A 1 50  LEU 50  51  51 LEU LEU A . n 
A 1 51  LEU 51  52  52 LEU LEU A . n 
A 1 52  THR 52  53  53 THR THR A . n 
A 1 53  LYS 53  54  54 LYS LYS A . n 
A 1 54  GLU 54  55  55 GLU GLU A . n 
A 1 55  ASP 55  56  56 ASP ASP A . n 
A 1 56  PHE 56  57  57 PHE PHE A . n 
A 1 57  ARG 57  58  58 ARG ARG A . n 
A 1 58  TYR 58  59  59 TYR TYR A . n 
A 1 59  ARG 59  60  60 ARG ARG A . n 
A 1 60  SER 60  61  61 SER SER A . n 
A 1 61  PRO 61  62  62 PRO PRO A . n 
A 1 62  HIS 62  63  63 HIS HIS A . n 
A 1 63  SER 63  64  64 SER SER A . n 
A 1 64  GLY 64  65  65 GLY GLY A . n 
A 1 65  ASP 65  66  66 ASP ASP A . n 
A 1 66  GLU 66  67  67 GLU GLU A . n 
A 1 67  LEU 67  68  68 LEU LEU A . n 
A 1 68  TYR 68  69  69 TYR TYR A . n 
A 1 69  GLU 69  70  70 GLU GLU A . n 
A 1 70  LEU 70  71  71 LEU LEU A . n 
A 1 71  LEU 71  72  72 LEU LEU A . n 
A 1 72  GLN 72  73  73 GLN GLN A . n 
A 1 73  HIS 73  74  74 HIS HIS A . n 
A 1 74  ILE 74  75  75 ILE ILE A . n 
A 1 75  LEU 75  76  76 LEU LEU A . n 
A 1 76  LYS 76  77  77 LYS LYS A . n 
A 1 77  GLN 77  78  78 GLN GLN A . n 
A 1 78  ARG 78  79  79 ARG ARG A . n 
A 1 79  GLU 79  80  80 GLU GLU A . n 
A 1 80  ALA 80  81  ?  ?   ?   A . n 
A 1 81  GLY 81  82  ?  ?   ?   A . n 
A 1 82  ARG 82  83  ?  ?   ?   A . n 
A 1 83  PRO 83  84  ?  ?   ?   A . n 
A 1 84  ALA 84  85  ?  ?   ?   A . n 
A 1 85  ASP 85  86  ?  ?   ?   A . n 
A 1 86  LYS 86  87  ?  ?   ?   A . n 
A 1 87  ILE 87  88  ?  ?   ?   A . n 
A 1 88  GLN 88  89  ?  ?   ?   A . n 
A 1 89  MET 89  90  ?  ?   ?   A . n 
A 1 90  ALA 90  91  ?  ?   ?   A . n 
A 1 91  MET 91  92  ?  ?   ?   A . n 
A 1 92  VAL 92  93  ?  ?   ?   A . n 
A 1 93  HIS 93  94  ?  ?   ?   A . n 
A 1 94  GLY 94  95  ?  ?   ?   A . n 
A 1 95  VAL 95  96  ?  ?   ?   A . n 
A 1 96  THR 96  97  ?  ?   ?   A . n 
A 1 97  THR 97  98  ?  ?   ?   A . n 
A 1 98  GLU 98  99  ?  ?   ?   A . n 
A 1 99  GLU 99  100 ?  ?   ?   A . n 
A 1 100 CYS 100 101 ?  ?   ?   A . n 
A 1 101 GLN 101 102 ?  ?   ?   A . n 
A 1 102 ALA 102 103 ?  ?   ?   A . n 
A 1 103 ALA 103 104 ?  ?   ?   A . n 
A 1 104 LEU 104 105 ?  ?   ?   A . n 
A 1 105 GLN 105 106 ?  ?   ?   A . n 
A 1 106 CYS 106 107 ?  ?   ?   A . n 
A 1 107 HIS 107 108 ?  ?   ?   A . n 
A 1 108 GLY 108 109 ?  ?   ?   A . n 
A 1 109 TRP 109 110 ?  ?   ?   A . n 
A 1 110 SER 110 111 ?  ?   ?   A . n 
A 1 111 VAL 111 112 ?  ?   ?   A . n 
A 1 112 GLN 112 113 ?  ?   ?   A . n 
A 1 113 ARG 113 114 ?  ?   ?   A . n 
A 1 114 ALA 114 115 ?  ?   ?   A . n 
A 1 115 ALA 115 116 ?  ?   ?   A . n 
A 1 116 GLN 116 117 ?  ?   ?   A . n 
A 1 117 TYR 117 118 ?  ?   ?   A . n 
A 1 118 LEU 118 119 ?  ?   ?   A . n 
A 1 119 LYS 119 120 ?  ?   ?   A . n 
A 1 120 VAL 120 121 ?  ?   ?   A . n 
A 1 121 GLU 121 122 ?  ?   ?   A . n 
A 1 122 GLN 122 123 ?  ?   ?   A . n 
A 1 123 LEU 123 124 ?  ?   ?   A . n 
A 1 124 PHE 124 125 ?  ?   ?   A . n 
A 1 125 GLY 125 126 ?  ?   ?   A . n 
A 1 126 LEU 126 127 ?  ?   ?   A . n 
A 1 127 GLY 127 128 ?  ?   ?   A . n 
A 1 128 LEU 128 129 ?  ?   ?   A . n 
A 1 129 ARG 129 130 ?  ?   ?   A . n 
A 1 130 PRO 130 131 ?  ?   ?   A . n 
A 1 131 ARG 131 132 ?  ?   ?   A . n 
A 1 132 GLY 132 133 ?  ?   ?   A . n 
A 1 133 GLU 133 134 ?  ?   ?   A . n 
A 1 134 CYS 134 135 ?  ?   ?   A . n 
A 1 135 HIS 135 136 ?  ?   ?   A . n 
A 1 136 LYS 136 137 ?  ?   ?   A . n 
A 1 137 VAL 137 138 ?  ?   ?   A . n 
A 1 138 LEU 138 139 ?  ?   ?   A . n 
A 1 139 GLU 139 140 ?  ?   ?   A . n 
A 1 140 MET 140 141 ?  ?   ?   A . n 
A 1 141 PHE 141 142 ?  ?   ?   A . n 
A 1 142 ASP 142 143 ?  ?   ?   A . n 
A 1 143 TRP 143 144 ?  ?   ?   A . n 
A 1 144 ASN 144 145 ?  ?   ?   A . n 
A 1 145 LEU 145 146 ?  ?   ?   A . n 
A 1 146 GLU 146 147 ?  ?   ?   A . n 
A 1 147 GLN 147 148 ?  ?   ?   A . n 
A 1 148 ALA 148 149 ?  ?   ?   A . n 
A 1 149 GLY 149 150 ?  ?   ?   A . n 
A 1 150 CYS 150 151 ?  ?   ?   A . n 
A 1 151 HIS 151 152 ?  ?   ?   A . n 
A 1 152 LEU 152 153 ?  ?   ?   A . n 
A 1 153 LEU 153 154 ?  ?   ?   A . n 
A 1 154 GLY 154 155 ?  ?   ?   A . n 
A 1 155 SER 155 156 ?  ?   ?   A . n 
A 1 156 TRP 156 157 ?  ?   ?   A . n 
A 1 157 GLY 157 158 ?  ?   ?   A . n 
A 1 158 PRO 158 159 ?  ?   ?   A . n 
A 1 159 ALA 159 160 ?  ?   ?   A . n 
A 1 160 HIS 160 161 ?  ?   ?   A . n 
A 1 161 HIS 161 162 ?  ?   ?   A . n 
A 1 162 LYS 162 163 ?  ?   ?   A . n 
A 1 163 ARG 163 164 ?  ?   ?   A . n 
# 
_pdbx_contact_author.id                 3 
_pdbx_contact_author.email              jdmoody@chem.byu.edu 
_pdbx_contact_author.name_first         James 
_pdbx_contact_author.name_last          Moody 
_pdbx_contact_author.name_mi            D 
_pdbx_contact_author.role               'principal investigator/group leader' 
_pdbx_contact_author.identifier_ORCID   0000-0003-2266-5348 
# 
loop_
_pdbx_nonpoly_scheme.asym_id 
_pdbx_nonpoly_scheme.entity_id 
_pdbx_nonpoly_scheme.mon_id 
_pdbx_nonpoly_scheme.ndb_seq_num 
_pdbx_nonpoly_scheme.pdb_seq_num 
_pdbx_nonpoly_scheme.auth_seq_num 
_pdbx_nonpoly_scheme.pdb_mon_id 
_pdbx_nonpoly_scheme.auth_mon_id 
_pdbx_nonpoly_scheme.pdb_strand_id 
_pdbx_nonpoly_scheme.pdb_ins_code 
B 2 HOH 1  201 36 HOH HOH A . 
B 2 HOH 2  202 30 HOH HOH A . 
B 2 HOH 3  203 26 HOH HOH A . 
B 2 HOH 4  204 50 HOH HOH A . 
B 2 HOH 5  205 21 HOH HOH A . 
B 2 HOH 6  206 44 HOH HOH A . 
B 2 HOH 7  207 20 HOH HOH A . 
B 2 HOH 8  208 57 HOH HOH A . 
B 2 HOH 9  209 28 HOH HOH A . 
B 2 HOH 10 210 46 HOH HOH A . 
B 2 HOH 11 211 4  HOH HOH A . 
B 2 HOH 12 212 67 HOH HOH A . 
B 2 HOH 13 213 5  HOH HOH A . 
B 2 HOH 14 214 22 HOH HOH A . 
B 2 HOH 15 215 34 HOH HOH A . 
B 2 HOH 16 216 45 HOH HOH A . 
B 2 HOH 17 217 19 HOH HOH A . 
B 2 HOH 18 218 8  HOH HOH A . 
B 2 HOH 19 219 23 HOH HOH A . 
B 2 HOH 20 220 6  HOH HOH A . 
B 2 HOH 21 221 9  HOH HOH A . 
B 2 HOH 22 222 38 HOH HOH A . 
B 2 HOH 23 223 31 HOH HOH A . 
B 2 HOH 24 224 16 HOH HOH A . 
B 2 HOH 25 225 3  HOH HOH A . 
B 2 HOH 26 226 17 HOH HOH A . 
B 2 HOH 27 227 13 HOH HOH A . 
B 2 HOH 28 228 32 HOH HOH A . 
B 2 HOH 29 229 15 HOH HOH A . 
B 2 HOH 30 230 61 HOH HOH A . 
B 2 HOH 31 231 1  HOH HOH A . 
B 2 HOH 32 232 48 HOH HOH A . 
B 2 HOH 33 233 41 HOH HOH A . 
B 2 HOH 34 234 33 HOH HOH A . 
B 2 HOH 35 235 11 HOH HOH A . 
B 2 HOH 36 236 27 HOH HOH A . 
B 2 HOH 37 237 53 HOH HOH A . 
B 2 HOH 38 238 14 HOH HOH A . 
B 2 HOH 39 239 47 HOH HOH A . 
B 2 HOH 40 240 43 HOH HOH A . 
B 2 HOH 41 241 7  HOH HOH A . 
B 2 HOH 42 242 54 HOH HOH A . 
B 2 HOH 43 243 29 HOH HOH A . 
B 2 HOH 44 244 2  HOH HOH A . 
B 2 HOH 45 245 10 HOH HOH A . 
B 2 HOH 46 246 56 HOH HOH A . 
B 2 HOH 47 247 12 HOH HOH A . 
B 2 HOH 48 248 74 HOH HOH A . 
B 2 HOH 49 249 35 HOH HOH A . 
B 2 HOH 50 250 18 HOH HOH A . 
B 2 HOH 51 251 64 HOH HOH A . 
B 2 HOH 52 252 42 HOH HOH A . 
B 2 HOH 53 253 66 HOH HOH A . 
B 2 HOH 54 254 58 HOH HOH A . 
B 2 HOH 55 255 25 HOH HOH A . 
B 2 HOH 56 256 55 HOH HOH A . 
B 2 HOH 57 257 72 HOH HOH A . 
B 2 HOH 58 258 75 HOH HOH A . 
B 2 HOH 59 259 39 HOH HOH A . 
B 2 HOH 60 260 52 HOH HOH A . 
B 2 HOH 61 261 76 HOH HOH A . 
B 2 HOH 62 262 24 HOH HOH A . 
B 2 HOH 63 263 62 HOH HOH A . 
B 2 HOH 64 264 40 HOH HOH A . 
B 2 HOH 65 265 60 HOH HOH A . 
# 
_pdbx_struct_assembly.id                   1 
_pdbx_struct_assembly.details              author_defined_assembly 
_pdbx_struct_assembly.method_details       ? 
_pdbx_struct_assembly.oligomeric_details   monomeric 
_pdbx_struct_assembly.oligomeric_count     1 
# 
_pdbx_struct_assembly_gen.assembly_id       1 
_pdbx_struct_assembly_gen.oper_expression   1 
_pdbx_struct_assembly_gen.asym_id_list      A,B 
# 
_pdbx_struct_oper_list.id                   1 
_pdbx_struct_oper_list.type                 'identity operation' 
_pdbx_struct_oper_list.name                 1_555 
_pdbx_struct_oper_list.symmetry_operation   x,y,z 
_pdbx_struct_oper_list.matrix[1][1]         1.0000000000 
_pdbx_struct_oper_list.matrix[1][2]         0.0000000000 
_pdbx_struct_oper_list.matrix[1][3]         0.0000000000 
_pdbx_struct_oper_list.vector[1]            0.0000000000 
_pdbx_struct_oper_list.matrix[2][1]         0.0000000000 
_pdbx_struct_oper_list.matrix[2][2]         1.0000000000 
_pdbx_struct_oper_list.matrix[2][3]         0.0000000000 
_pdbx_struct_oper_list.vector[2]            0.0000000000 
_pdbx_struct_oper_list.matrix[3][1]         0.0000000000 
_pdbx_struct_oper_list.matrix[3][2]         0.0000000000 
_pdbx_struct_oper_list.matrix[3][3]         1.0000000000 
_pdbx_struct_oper_list.vector[3]            0.0000000000 
# 
_pdbx_audit_revision_history.ordinal             1 
_pdbx_audit_revision_history.data_content_type   'Structure model' 
_pdbx_audit_revision_history.major_revision      1 
_pdbx_audit_revision_history.minor_revision      0 
_pdbx_audit_revision_history.revision_date       2023-08-23 
# 
_pdbx_audit_revision_details.ordinal             1 
_pdbx_audit_revision_details.revision_ordinal    1 
_pdbx_audit_revision_details.data_content_type   'Structure model' 
_pdbx_audit_revision_details.provider            repository 
_pdbx_audit_revision_details.type                'Initial release' 
_pdbx_audit_revision_details.description         ? 
_pdbx_audit_revision_details.details             ? 
# 
loop_
_space_group_symop.id 
_space_group_symop.operation_xyz 
1 x,y,z         
2 x-y,x,z+2/3   
3 y,-x+y,z+1/3  
4 -y,x-y,z+1/3  
5 -x+y,-x,z+2/3 
6 -x,-y,z       
# 
loop_
_pdbx_refine_tls.id 
_pdbx_refine_tls.pdbx_refine_id 
_pdbx_refine_tls.details 
_pdbx_refine_tls.method 
_pdbx_refine_tls.origin_x 
_pdbx_refine_tls.origin_y 
_pdbx_refine_tls.origin_z 
_pdbx_refine_tls.T[1][1] 
_pdbx_refine_tls.T[1][1]_esd 
_pdbx_refine_tls.T[1][2] 
_pdbx_refine_tls.T[1][2]_esd 
_pdbx_refine_tls.T[1][3] 
_pdbx_refine_tls.T[1][3]_esd 
_pdbx_refine_tls.T[2][2] 
_pdbx_refine_tls.T[2][2]_esd 
_pdbx_refine_tls.T[2][3] 
_pdbx_refine_tls.T[2][3]_esd 
_pdbx_refine_tls.T[3][3] 
_pdbx_refine_tls.T[3][3]_esd 
_pdbx_refine_tls.L[1][1] 
_pdbx_refine_tls.L[1][1]_esd 
_pdbx_refine_tls.L[1][2] 
_pdbx_refine_tls.L[1][2]_esd 
_pdbx_refine_tls.L[1][3] 
_pdbx_refine_tls.L[1][3]_esd 
_pdbx_refine_tls.L[2][2] 
_pdbx_refine_tls.L[2][2]_esd 
_pdbx_refine_tls.L[2][3] 
_pdbx_refine_tls.L[2][3]_esd 
_pdbx_refine_tls.L[3][3] 
_pdbx_refine_tls.L[3][3]_esd 
_pdbx_refine_tls.S[1][1] 
_pdbx_refine_tls.S[1][1]_esd 
_pdbx_refine_tls.S[1][2] 
_pdbx_refine_tls.S[1][2]_esd 
_pdbx_refine_tls.S[1][3] 
_pdbx_refine_tls.S[1][3]_esd 
_pdbx_refine_tls.S[2][1] 
_pdbx_refine_tls.S[2][1]_esd 
_pdbx_refine_tls.S[2][2] 
_pdbx_refine_tls.S[2][2]_esd 
_pdbx_refine_tls.S[2][3] 
_pdbx_refine_tls.S[2][3]_esd 
_pdbx_refine_tls.S[3][1] 
_pdbx_refine_tls.S[3][1]_esd 
_pdbx_refine_tls.S[3][2] 
_pdbx_refine_tls.S[3][2]_esd 
_pdbx_refine_tls.S[3][3] 
_pdbx_refine_tls.S[3][3]_esd 
1 'X-RAY DIFFRACTION' ? refined 7.6165993491   4.0063868841  7.31964024171  0.670656341736 ? -0.268674457486 ? -0.233664429554 ? 0.608572811779 ? -0.064169228431 ? 0.521591481799 ? 10.39810631266 ? -1.21177018053 ? 2.79603809642   ? 2.7067802606  ? 1.550500656547  ? 2.12407916950 ? 0.308659897763  ? -1.177020948230 ? -0.38038715367 ? 1.198586222878  ? -0.403836322949 ? -0.95387485886  ? -0.340461212016 ? -0.286945269971 ? 0.095345985565  ? 
2 'X-RAY DIFFRACTION' ? refined 3.808999880    -0.5020461940 -0.57231926663 0.121289908142 ? 0.005736368605  ? 0.026779461251  ? 0.150785682810 ? -0.030185478351 ? 0.212025584629 ? 2.43455506180  ? 0.08565257362  ? 0.11145238611   ? 4.9205412955  ? -5.04870557600  ? 5.25528591251 ? -0.059311062276 ? 0.100373007937  ? 0.004034796810 ? -0.073165342001 ? -0.214083727492 ? -0.406382884786 ? 0.168010170790  ? 0.27358560773   ? 0.233191830059  ? 
3 'X-RAY DIFFRACTION' ? refined -5.99347065181 -0.0301876479 -0.94741489522 0.072863934048 ? 0.006120782527  ? 0.000488398033  ? 0.119218935612 ? -0.011530130400 ? 0.152221733206 ? 3.77582914508  ? -0.90296197266 ? -0.313125133751 ? 6.02225499991 ? -1.178726195613 ? 5.20609241343 ? 0.017483601350  ? -0.013943245808 ? 0.059738562199 ? -0.037811192601 ? 0.054447865554  ? 0.122446515090  ? 0.123273702548  ? -0.085314987121 ? -0.058079057503 ? 
# 
loop_
_pdbx_refine_tls_group.id 
_pdbx_refine_tls_group.pdbx_refine_id 
_pdbx_refine_tls_group.refine_tls_id 
_pdbx_refine_tls_group.beg_label_asym_id 
_pdbx_refine_tls_group.beg_label_seq_id 
_pdbx_refine_tls_group.beg_auth_asym_id 
_pdbx_refine_tls_group.beg_auth_seq_id 
_pdbx_refine_tls_group.beg_PDB_ins_code 
_pdbx_refine_tls_group.end_label_asym_id 
_pdbx_refine_tls_group.end_label_seq_id 
_pdbx_refine_tls_group.end_auth_asym_id 
_pdbx_refine_tls_group.end_auth_seq_id 
_pdbx_refine_tls_group.end_PDB_ins_code 
_pdbx_refine_tls_group.selection 
_pdbx_refine_tls_group.selection_details 
1 'X-RAY DIFFRACTION' 1 A 1  A 4  ? A 6  A 9  ? ? 
;chain 'A' and (resid 4 through 9 )
;
2 'X-RAY DIFFRACTION' 2 A 7  A 10 ? A 42 A 45 ? ? 
;chain 'A' and (resid 10 through 45 )
;
3 'X-RAY DIFFRACTION' 3 A 43 A 46 ? A 77 A 80 ? ? 
;chain 'A' and (resid 46 through 80 )
;
# 
loop_
_software.citation_id 
_software.classification 
_software.compiler_name 
_software.compiler_version 
_software.contact_author 
_software.contact_author_email 
_software.date 
_software.description 
_software.dependencies 
_software.hardware 
_software.language 
_software.location 
_software.mods 
_software.name 
_software.os 
_software.os_version 
_software.type 
_software.version 
_software.pdbx_ordinal 
? refinement       ? ? ? ? ? ? ? ? ? ? ? PHENIX   ? ? ? 1.20.1_4487 1 
? 'model building' ? ? ? ? ? ? ? ? ? ? ? Coot     ? ? ? 0.9.8.1     2 
? 'data reduction' ? ? ? ? ? ? ? ? ? ? ? autoPROC ? ? ? .           3 
? 'data scaling'   ? ? ? ? ? ? ? ? ? ? ? autoPROC ? ? ? .           4 
? phasing          ? ? ? ? ? ? ? ? ? ? ? PHASER   ? ? ? .           5 
# 
loop_
_pdbx_unobs_or_zero_occ_atoms.id 
_pdbx_unobs_or_zero_occ_atoms.PDB_model_num 
_pdbx_unobs_or_zero_occ_atoms.polymer_flag 
_pdbx_unobs_or_zero_occ_atoms.occupancy_flag 
_pdbx_unobs_or_zero_occ_atoms.auth_asym_id 
_pdbx_unobs_or_zero_occ_atoms.auth_comp_id 
_pdbx_unobs_or_zero_occ_atoms.auth_seq_id 
_pdbx_unobs_or_zero_occ_atoms.PDB_ins_code 
_pdbx_unobs_or_zero_occ_atoms.auth_atom_id 
_pdbx_unobs_or_zero_occ_atoms.label_alt_id 
_pdbx_unobs_or_zero_occ_atoms.label_asym_id 
_pdbx_unobs_or_zero_occ_atoms.label_comp_id 
_pdbx_unobs_or_zero_occ_atoms.label_seq_id 
_pdbx_unobs_or_zero_occ_atoms.label_atom_id 
1  1 Y 1 A ARG 4  ? CG  ? A ARG 3  CG  
2  1 Y 1 A ARG 4  ? CD  ? A ARG 3  CD  
3  1 Y 1 A ARG 4  ? NE  ? A ARG 3  NE  
4  1 Y 1 A ARG 4  ? CZ  ? A ARG 3  CZ  
5  1 Y 1 A ARG 4  ? NH1 ? A ARG 3  NH1 
6  1 Y 1 A ARG 4  ? NH2 ? A ARG 3  NH2 
7  1 Y 1 A GLN 12 ? OE1 ? A GLN 11 OE1 
8  1 Y 1 A GLN 12 ? NE2 ? A GLN 11 NE2 
9  1 Y 1 A GLN 23 ? CD  ? A GLN 22 CD  
10 1 Y 1 A GLN 23 ? OE1 ? A GLN 22 OE1 
11 1 Y 1 A GLN 23 ? NE2 ? A GLN 22 NE2 
12 1 Y 1 A ILE 37 ? CG1 ? A ILE 36 CG1 
13 1 Y 1 A ILE 37 ? CG2 ? A ILE 36 CG2 
14 1 Y 1 A ILE 37 ? CD1 ? A ILE 36 CD1 
15 1 Y 1 A GLU 55 ? CD  ? A GLU 54 CD  
16 1 Y 1 A GLU 55 ? OE1 ? A GLU 54 OE1 
17 1 Y 1 A GLU 55 ? OE2 ? A GLU 54 OE2 
18 1 Y 1 A GLN 78 ? CD  ? A GLN 77 CD  
19 1 Y 1 A GLN 78 ? OE1 ? A GLN 77 OE1 
20 1 Y 1 A GLN 78 ? NE2 ? A GLN 77 NE2 
21 1 Y 1 A ARG 79 ? CG  ? A ARG 78 CG  
22 1 Y 1 A ARG 79 ? CD  ? A ARG 78 CD  
23 1 Y 1 A ARG 79 ? NE  ? A ARG 78 NE  
24 1 Y 1 A ARG 79 ? CZ  ? A ARG 78 CZ  
25 1 Y 1 A ARG 79 ? NH1 ? A ARG 78 NH1 
26 1 Y 1 A ARG 79 ? NH2 ? A ARG 78 NH2 
27 1 Y 1 A GLU 80 ? CG  ? A GLU 79 CG  
28 1 Y 1 A GLU 80 ? CD  ? A GLU 79 CD  
29 1 Y 1 A GLU 80 ? OE1 ? A GLU 79 OE1 
30 1 Y 1 A GLU 80 ? OE2 ? A GLU 79 OE2 
# 
loop_
_pdbx_unobs_or_zero_occ_residues.id 
_pdbx_unobs_or_zero_occ_residues.PDB_model_num 
_pdbx_unobs_or_zero_occ_residues.polymer_flag 
_pdbx_unobs_or_zero_occ_residues.occupancy_flag 
_pdbx_unobs_or_zero_occ_residues.auth_asym_id 
_pdbx_unobs_or_zero_occ_residues.auth_comp_id 
_pdbx_unobs_or_zero_occ_residues.auth_seq_id 
_pdbx_unobs_or_zero_occ_residues.PDB_ins_code 
_pdbx_unobs_or_zero_occ_residues.label_asym_id 
_pdbx_unobs_or_zero_occ_residues.label_comp_id 
_pdbx_unobs_or_zero_occ_residues.label_seq_id 
1  1 Y 1 A SER 2   ? A SER 1   
2  1 Y 1 A ILE 3   ? A ILE 2   
3  1 Y 1 A ALA 81  ? A ALA 80  
4  1 Y 1 A GLY 82  ? A GLY 81  
5  1 Y 1 A ARG 83  ? A ARG 82  
6  1 Y 1 A PRO 84  ? A PRO 83  
7  1 Y 1 A ALA 85  ? A ALA 84  
8  1 Y 1 A ASP 86  ? A ASP 85  
9  1 Y 1 A LYS 87  ? A LYS 86  
10 1 Y 1 A ILE 88  ? A ILE 87  
11 1 Y 1 A GLN 89  ? A GLN 88  
12 1 Y 1 A MET 90  ? A MET 89  
13 1 Y 1 A ALA 91  ? A ALA 90  
14 1 Y 1 A MET 92  ? A MET 91  
15 1 Y 1 A VAL 93  ? A VAL 92  
16 1 Y 1 A HIS 94  ? A HIS 93  
17 1 Y 1 A GLY 95  ? A GLY 94  
18 1 Y 1 A VAL 96  ? A VAL 95  
19 1 Y 1 A THR 97  ? A THR 96  
20 1 Y 1 A THR 98  ? A THR 97  
21 1 Y 1 A GLU 99  ? A GLU 98  
22 1 Y 1 A GLU 100 ? A GLU 99  
23 1 Y 1 A CYS 101 ? A CYS 100 
24 1 Y 1 A GLN 102 ? A GLN 101 
25 1 Y 1 A ALA 103 ? A ALA 102 
26 1 Y 1 A ALA 104 ? A ALA 103 
27 1 Y 1 A LEU 105 ? A LEU 104 
28 1 Y 1 A GLN 106 ? A GLN 105 
29 1 Y 1 A CYS 107 ? A CYS 106 
30 1 Y 1 A HIS 108 ? A HIS 107 
31 1 Y 1 A GLY 109 ? A GLY 108 
32 1 Y 1 A TRP 110 ? A TRP 109 
33 1 Y 1 A SER 111 ? A SER 110 
34 1 Y 1 A VAL 112 ? A VAL 111 
35 1 Y 1 A GLN 113 ? A GLN 112 
36 1 Y 1 A ARG 114 ? A ARG 113 
37 1 Y 1 A ALA 115 ? A ALA 114 
38 1 Y 1 A ALA 116 ? A ALA 115 
39 1 Y 1 A GLN 117 ? A GLN 116 
40 1 Y 1 A TYR 118 ? A TYR 117 
41 1 Y 1 A LEU 119 ? A LEU 118 
42 1 Y 1 A LYS 120 ? A LYS 119 
43 1 Y 1 A VAL 121 ? A VAL 120 
44 1 Y 1 A GLU 122 ? A GLU 121 
45 1 Y 1 A GLN 123 ? A GLN 122 
46 1 Y 1 A LEU 124 ? A LEU 123 
47 1 Y 1 A PHE 125 ? A PHE 124 
48 1 Y 1 A GLY 126 ? A GLY 125 
49 1 Y 1 A LEU 127 ? A LEU 126 
50 1 Y 1 A GLY 128 ? A GLY 127 
51 1 Y 1 A LEU 129 ? A LEU 128 
52 1 Y 1 A ARG 130 ? A ARG 129 
53 1 Y 1 A PRO 131 ? A PRO 130 
54 1 Y 1 A ARG 132 ? A ARG 131 
55 1 Y 1 A GLY 133 ? A GLY 132 
56 1 Y 1 A GLU 134 ? A GLU 133 
57 1 Y 1 A CYS 135 ? A CYS 134 
58 1 Y 1 A HIS 136 ? A HIS 135 
59 1 Y 1 A LYS 137 ? A LYS 136 
60 1 Y 1 A VAL 138 ? A VAL 137 
61 1 Y 1 A LEU 139 ? A LEU 138 
62 1 Y 1 A GLU 140 ? A GLU 139 
63 1 Y 1 A MET 141 ? A MET 140 
64 1 Y 1 A PHE 142 ? A PHE 141 
65 1 Y 1 A ASP 143 ? A ASP 142 
66 1 Y 1 A TRP 144 ? A TRP 143 
67 1 Y 1 A ASN 145 ? A ASN 144 
68 1 Y 1 A LEU 146 ? A LEU 145 
69 1 Y 1 A GLU 147 ? A GLU 146 
70 1 Y 1 A GLN 148 ? A GLN 147 
71 1 Y 1 A ALA 149 ? A ALA 148 
72 1 Y 1 A GLY 150 ? A GLY 149 
73 1 Y 1 A CYS 151 ? A CYS 150 
74 1 Y 1 A HIS 152 ? A HIS 151 
75 1 Y 1 A LEU 153 ? A LEU 152 
76 1 Y 1 A LEU 154 ? A LEU 153 
77 1 Y 1 A GLY 155 ? A GLY 154 
78 1 Y 1 A SER 156 ? A SER 155 
79 1 Y 1 A TRP 157 ? A TRP 156 
80 1 Y 1 A GLY 158 ? A GLY 157 
81 1 Y 1 A PRO 159 ? A PRO 158 
82 1 Y 1 A ALA 160 ? A ALA 159 
83 1 Y 1 A HIS 161 ? A HIS 160 
84 1 Y 1 A HIS 162 ? A HIS 161 
85 1 Y 1 A LYS 163 ? A LYS 162 
86 1 Y 1 A ARG 164 ? A ARG 163 
# 
loop_
_chem_comp_atom.comp_id 
_chem_comp_atom.atom_id 
_chem_comp_atom.type_symbol 
_chem_comp_atom.pdbx_aromatic_flag 
_chem_comp_atom.pdbx_stereo_config 
_chem_comp_atom.pdbx_ordinal 
ALA N    N N N 1   
ALA CA   C N S 2   
ALA C    C N N 3   
ALA O    O N N 4   
ALA CB   C N N 5   
ALA OXT  O N N 6   
ALA H    H N N 7   
ALA H2   H N N 8   
ALA HA   H N N 9   
ALA HB1  H N N 10  
ALA HB2  H N N 11  
ALA HB3  H N N 12  
ALA HXT  H N N 13  
ARG N    N N N 14  
ARG CA   C N S 15  
ARG C    C N N 16  
ARG O    O N N 17  
ARG CB   C N N 18  
ARG CG   C N N 19  
ARG CD   C N N 20  
ARG NE   N N N 21  
ARG CZ   C N N 22  
ARG NH1  N N N 23  
ARG NH2  N N N 24  
ARG OXT  O N N 25  
ARG H    H N N 26  
ARG H2   H N N 27  
ARG HA   H N N 28  
ARG HB2  H N N 29  
ARG HB3  H N N 30  
ARG HG2  H N N 31  
ARG HG3  H N N 32  
ARG HD2  H N N 33  
ARG HD3  H N N 34  
ARG HE   H N N 35  
ARG HH11 H N N 36  
ARG HH12 H N N 37  
ARG HH21 H N N 38  
ARG HH22 H N N 39  
ARG HXT  H N N 40  
ASN N    N N N 41  
ASN CA   C N S 42  
ASN C    C N N 43  
ASN O    O N N 44  
ASN CB   C N N 45  
ASN CG   C N N 46  
ASN OD1  O N N 47  
ASN ND2  N N N 48  
ASN OXT  O N N 49  
ASN H    H N N 50  
ASN H2   H N N 51  
ASN HA   H N N 52  
ASN HB2  H N N 53  
ASN HB3  H N N 54  
ASN HD21 H N N 55  
ASN HD22 H N N 56  
ASN HXT  H N N 57  
ASP N    N N N 58  
ASP CA   C N S 59  
ASP C    C N N 60  
ASP O    O N N 61  
ASP CB   C N N 62  
ASP CG   C N N 63  
ASP OD1  O N N 64  
ASP OD2  O N N 65  
ASP OXT  O N N 66  
ASP H    H N N 67  
ASP H2   H N N 68  
ASP HA   H N N 69  
ASP HB2  H N N 70  
ASP HB3  H N N 71  
ASP HD2  H N N 72  
ASP HXT  H N N 73  
CYS N    N N N 74  
CYS CA   C N R 75  
CYS C    C N N 76  
CYS O    O N N 77  
CYS CB   C N N 78  
CYS SG   S N N 79  
CYS OXT  O N N 80  
CYS H    H N N 81  
CYS H2   H N N 82  
CYS HA   H N N 83  
CYS HB2  H N N 84  
CYS HB3  H N N 85  
CYS HG   H N N 86  
CYS HXT  H N N 87  
GLN N    N N N 88  
GLN CA   C N S 89  
GLN C    C N N 90  
GLN O    O N N 91  
GLN CB   C N N 92  
GLN CG   C N N 93  
GLN CD   C N N 94  
GLN OE1  O N N 95  
GLN NE2  N N N 96  
GLN OXT  O N N 97  
GLN H    H N N 98  
GLN H2   H N N 99  
GLN HA   H N N 100 
GLN HB2  H N N 101 
GLN HB3  H N N 102 
GLN HG2  H N N 103 
GLN HG3  H N N 104 
GLN HE21 H N N 105 
GLN HE22 H N N 106 
GLN HXT  H N N 107 
GLU N    N N N 108 
GLU CA   C N S 109 
GLU C    C N N 110 
GLU O    O N N 111 
GLU CB   C N N 112 
GLU CG   C N N 113 
GLU CD   C N N 114 
GLU OE1  O N N 115 
GLU OE2  O N N 116 
GLU OXT  O N N 117 
GLU H    H N N 118 
GLU H2   H N N 119 
GLU HA   H N N 120 
GLU HB2  H N N 121 
GLU HB3  H N N 122 
GLU HG2  H N N 123 
GLU HG3  H N N 124 
GLU HE2  H N N 125 
GLU HXT  H N N 126 
GLY N    N N N 127 
GLY CA   C N N 128 
GLY C    C N N 129 
GLY O    O N N 130 
GLY OXT  O N N 131 
GLY H    H N N 132 
GLY H2   H N N 133 
GLY HA2  H N N 134 
GLY HA3  H N N 135 
GLY HXT  H N N 136 
HIS N    N N N 137 
HIS CA   C N S 138 
HIS C    C N N 139 
HIS O    O N N 140 
HIS CB   C N N 141 
HIS CG   C Y N 142 
HIS ND1  N Y N 143 
HIS CD2  C Y N 144 
HIS CE1  C Y N 145 
HIS NE2  N Y N 146 
HIS OXT  O N N 147 
HIS H    H N N 148 
HIS H2   H N N 149 
HIS HA   H N N 150 
HIS HB2  H N N 151 
HIS HB3  H N N 152 
HIS HD1  H N N 153 
HIS HD2  H N N 154 
HIS HE1  H N N 155 
HIS HE2  H N N 156 
HIS HXT  H N N 157 
HOH O    O N N 158 
HOH H1   H N N 159 
HOH H2   H N N 160 
ILE N    N N N 161 
ILE CA   C N S 162 
ILE C    C N N 163 
ILE O    O N N 164 
ILE CB   C N S 165 
ILE CG1  C N N 166 
ILE CG2  C N N 167 
ILE CD1  C N N 168 
ILE OXT  O N N 169 
ILE H    H N N 170 
ILE H2   H N N 171 
ILE HA   H N N 172 
ILE HB   H N N 173 
ILE HG12 H N N 174 
ILE HG13 H N N 175 
ILE HG21 H N N 176 
ILE HG22 H N N 177 
ILE HG23 H N N 178 
ILE HD11 H N N 179 
ILE HD12 H N N 180 
ILE HD13 H N N 181 
ILE HXT  H N N 182 
LEU N    N N N 183 
LEU CA   C N S 184 
LEU C    C N N 185 
LEU O    O N N 186 
LEU CB   C N N 187 
LEU CG   C N N 188 
LEU CD1  C N N 189 
LEU CD2  C N N 190 
LEU OXT  O N N 191 
LEU H    H N N 192 
LEU H2   H N N 193 
LEU HA   H N N 194 
LEU HB2  H N N 195 
LEU HB3  H N N 196 
LEU HG   H N N 197 
LEU HD11 H N N 198 
LEU HD12 H N N 199 
LEU HD13 H N N 200 
LEU HD21 H N N 201 
LEU HD22 H N N 202 
LEU HD23 H N N 203 
LEU HXT  H N N 204 
LYS N    N N N 205 
LYS CA   C N S 206 
LYS C    C N N 207 
LYS O    O N N 208 
LYS CB   C N N 209 
LYS CG   C N N 210 
LYS CD   C N N 211 
LYS CE   C N N 212 
LYS NZ   N N N 213 
LYS OXT  O N N 214 
LYS H    H N N 215 
LYS H2   H N N 216 
LYS HA   H N N 217 
LYS HB2  H N N 218 
LYS HB3  H N N 219 
LYS HG2  H N N 220 
LYS HG3  H N N 221 
LYS HD2  H N N 222 
LYS HD3  H N N 223 
LYS HE2  H N N 224 
LYS HE3  H N N 225 
LYS HZ1  H N N 226 
LYS HZ2  H N N 227 
LYS HZ3  H N N 228 
LYS HXT  H N N 229 
MET N    N N N 230 
MET CA   C N S 231 
MET C    C N N 232 
MET O    O N N 233 
MET CB   C N N 234 
MET CG   C N N 235 
MET SD   S N N 236 
MET CE   C N N 237 
MET OXT  O N N 238 
MET H    H N N 239 
MET H2   H N N 240 
MET HA   H N N 241 
MET HB2  H N N 242 
MET HB3  H N N 243 
MET HG2  H N N 244 
MET HG3  H N N 245 
MET HE1  H N N 246 
MET HE2  H N N 247 
MET HE3  H N N 248 
MET HXT  H N N 249 
PHE N    N N N 250 
PHE CA   C N S 251 
PHE C    C N N 252 
PHE O    O N N 253 
PHE CB   C N N 254 
PHE CG   C Y N 255 
PHE CD1  C Y N 256 
PHE CD2  C Y N 257 
PHE CE1  C Y N 258 
PHE CE2  C Y N 259 
PHE CZ   C Y N 260 
PHE OXT  O N N 261 
PHE H    H N N 262 
PHE H2   H N N 263 
PHE HA   H N N 264 
PHE HB2  H N N 265 
PHE HB3  H N N 266 
PHE HD1  H N N 267 
PHE HD2  H N N 268 
PHE HE1  H N N 269 
PHE HE2  H N N 270 
PHE HZ   H N N 271 
PHE HXT  H N N 272 
PRO N    N N N 273 
PRO CA   C N S 274 
PRO C    C N N 275 
PRO O    O N N 276 
PRO CB   C N N 277 
PRO CG   C N N 278 
PRO CD   C N N 279 
PRO OXT  O N N 280 
PRO H    H N N 281 
PRO HA   H N N 282 
PRO HB2  H N N 283 
PRO HB3  H N N 284 
PRO HG2  H N N 285 
PRO HG3  H N N 286 
PRO HD2  H N N 287 
PRO HD3  H N N 288 
PRO HXT  H N N 289 
SER N    N N N 290 
SER CA   C N S 291 
SER C    C N N 292 
SER O    O N N 293 
SER CB   C N N 294 
SER OG   O N N 295 
SER OXT  O N N 296 
SER H    H N N 297 
SER H2   H N N 298 
SER HA   H N N 299 
SER HB2  H N N 300 
SER HB3  H N N 301 
SER HG   H N N 302 
SER HXT  H N N 303 
THR N    N N N 304 
THR CA   C N S 305 
THR C    C N N 306 
THR O    O N N 307 
THR CB   C N R 308 
THR OG1  O N N 309 
THR CG2  C N N 310 
THR OXT  O N N 311 
THR H    H N N 312 
THR H2   H N N 313 
THR HA   H N N 314 
THR HB   H N N 315 
THR HG1  H N N 316 
THR HG21 H N N 317 
THR HG22 H N N 318 
THR HG23 H N N 319 
THR HXT  H N N 320 
TRP N    N N N 321 
TRP CA   C N S 322 
TRP C    C N N 323 
TRP O    O N N 324 
TRP CB   C N N 325 
TRP CG   C Y N 326 
TRP CD1  C Y N 327 
TRP CD2  C Y N 328 
TRP NE1  N Y N 329 
TRP CE2  C Y N 330 
TRP CE3  C Y N 331 
TRP CZ2  C Y N 332 
TRP CZ3  C Y N 333 
TRP CH2  C Y N 334 
TRP OXT  O N N 335 
TRP H    H N N 336 
TRP H2   H N N 337 
TRP HA   H N N 338 
TRP HB2  H N N 339 
TRP HB3  H N N 340 
TRP HD1  H N N 341 
TRP HE1  H N N 342 
TRP HE3  H N N 343 
TRP HZ2  H N N 344 
TRP HZ3  H N N 345 
TRP HH2  H N N 346 
TRP HXT  H N N 347 
TYR N    N N N 348 
TYR CA   C N S 349 
TYR C    C N N 350 
TYR O    O N N 351 
TYR CB   C N N 352 
TYR CG   C Y N 353 
TYR CD1  C Y N 354 
TYR CD2  C Y N 355 
TYR CE1  C Y N 356 
TYR CE2  C Y N 357 
TYR CZ   C Y N 358 
TYR OH   O N N 359 
TYR OXT  O N N 360 
TYR H    H N N 361 
TYR H2   H N N 362 
TYR HA   H N N 363 
TYR HB2  H N N 364 
TYR HB3  H N N 365 
TYR HD1  H N N 366 
TYR HD2  H N N 367 
TYR HE1  H N N 368 
TYR HE2  H N N 369 
TYR HH   H N N 370 
TYR HXT  H N N 371 
VAL N    N N N 372 
VAL CA   C N S 373 
VAL C    C N N 374 
VAL O    O N N 375 
VAL CB   C N N 376 
VAL CG1  C N N 377 
VAL CG2  C N N 378 
VAL OXT  O N N 379 
VAL H    H N N 380 
VAL H2   H N N 381 
VAL HA   H N N 382 
VAL HB   H N N 383 
VAL HG11 H N N 384 
VAL HG12 H N N 385 
VAL HG13 H N N 386 
VAL HG21 H N N 387 
VAL HG22 H N N 388 
VAL HG23 H N N 389 
VAL HXT  H N N 390 
# 
loop_
_chem_comp_bond.comp_id 
_chem_comp_bond.atom_id_1 
_chem_comp_bond.atom_id_2 
_chem_comp_bond.value_order 
_chem_comp_bond.pdbx_aromatic_flag 
_chem_comp_bond.pdbx_stereo_config 
_chem_comp_bond.pdbx_ordinal 
ALA N   CA   sing N N 1   
ALA N   H    sing N N 2   
ALA N   H2   sing N N 3   
ALA CA  C    sing N N 4   
ALA CA  CB   sing N N 5   
ALA CA  HA   sing N N 6   
ALA C   O    doub N N 7   
ALA C   OXT  sing N N 8   
ALA CB  HB1  sing N N 9   
ALA CB  HB2  sing N N 10  
ALA CB  HB3  sing N N 11  
ALA OXT HXT  sing N N 12  
ARG N   CA   sing N N 13  
ARG N   H    sing N N 14  
ARG N   H2   sing N N 15  
ARG CA  C    sing N N 16  
ARG CA  CB   sing N N 17  
ARG CA  HA   sing N N 18  
ARG C   O    doub N N 19  
ARG C   OXT  sing N N 20  
ARG CB  CG   sing N N 21  
ARG CB  HB2  sing N N 22  
ARG CB  HB3  sing N N 23  
ARG CG  CD   sing N N 24  
ARG CG  HG2  sing N N 25  
ARG CG  HG3  sing N N 26  
ARG CD  NE   sing N N 27  
ARG CD  HD2  sing N N 28  
ARG CD  HD3  sing N N 29  
ARG NE  CZ   sing N N 30  
ARG NE  HE   sing N N 31  
ARG CZ  NH1  sing N N 32  
ARG CZ  NH2  doub N N 33  
ARG NH1 HH11 sing N N 34  
ARG NH1 HH12 sing N N 35  
ARG NH2 HH21 sing N N 36  
ARG NH2 HH22 sing N N 37  
ARG OXT HXT  sing N N 38  
ASN N   CA   sing N N 39  
ASN N   H    sing N N 40  
ASN N   H2   sing N N 41  
ASN CA  C    sing N N 42  
ASN CA  CB   sing N N 43  
ASN CA  HA   sing N N 44  
ASN C   O    doub N N 45  
ASN C   OXT  sing N N 46  
ASN CB  CG   sing N N 47  
ASN CB  HB2  sing N N 48  
ASN CB  HB3  sing N N 49  
ASN CG  OD1  doub N N 50  
ASN CG  ND2  sing N N 51  
ASN ND2 HD21 sing N N 52  
ASN ND2 HD22 sing N N 53  
ASN OXT HXT  sing N N 54  
ASP N   CA   sing N N 55  
ASP N   H    sing N N 56  
ASP N   H2   sing N N 57  
ASP CA  C    sing N N 58  
ASP CA  CB   sing N N 59  
ASP CA  HA   sing N N 60  
ASP C   O    doub N N 61  
ASP C   OXT  sing N N 62  
ASP CB  CG   sing N N 63  
ASP CB  HB2  sing N N 64  
ASP CB  HB3  sing N N 65  
ASP CG  OD1  doub N N 66  
ASP CG  OD2  sing N N 67  
ASP OD2 HD2  sing N N 68  
ASP OXT HXT  sing N N 69  
CYS N   CA   sing N N 70  
CYS N   H    sing N N 71  
CYS N   H2   sing N N 72  
CYS CA  C    sing N N 73  
CYS CA  CB   sing N N 74  
CYS CA  HA   sing N N 75  
CYS C   O    doub N N 76  
CYS C   OXT  sing N N 77  
CYS CB  SG   sing N N 78  
CYS CB  HB2  sing N N 79  
CYS CB  HB3  sing N N 80  
CYS SG  HG   sing N N 81  
CYS OXT HXT  sing N N 82  
GLN N   CA   sing N N 83  
GLN N   H    sing N N 84  
GLN N   H2   sing N N 85  
GLN CA  C    sing N N 86  
GLN CA  CB   sing N N 87  
GLN CA  HA   sing N N 88  
GLN C   O    doub N N 89  
GLN C   OXT  sing N N 90  
GLN CB  CG   sing N N 91  
GLN CB  HB2  sing N N 92  
GLN CB  HB3  sing N N 93  
GLN CG  CD   sing N N 94  
GLN CG  HG2  sing N N 95  
GLN CG  HG3  sing N N 96  
GLN CD  OE1  doub N N 97  
GLN CD  NE2  sing N N 98  
GLN NE2 HE21 sing N N 99  
GLN NE2 HE22 sing N N 100 
GLN OXT HXT  sing N N 101 
GLU N   CA   sing N N 102 
GLU N   H    sing N N 103 
GLU N   H2   sing N N 104 
GLU CA  C    sing N N 105 
GLU CA  CB   sing N N 106 
GLU CA  HA   sing N N 107 
GLU C   O    doub N N 108 
GLU C   OXT  sing N N 109 
GLU CB  CG   sing N N 110 
GLU CB  HB2  sing N N 111 
GLU CB  HB3  sing N N 112 
GLU CG  CD   sing N N 113 
GLU CG  HG2  sing N N 114 
GLU CG  HG3  sing N N 115 
GLU CD  OE1  doub N N 116 
GLU CD  OE2  sing N N 117 
GLU OE2 HE2  sing N N 118 
GLU OXT HXT  sing N N 119 
GLY N   CA   sing N N 120 
GLY N   H    sing N N 121 
GLY N   H2   sing N N 122 
GLY CA  C    sing N N 123 
GLY CA  HA2  sing N N 124 
GLY CA  HA3  sing N N 125 
GLY C   O    doub N N 126 
GLY C   OXT  sing N N 127 
GLY OXT HXT  sing N N 128 
HIS N   CA   sing N N 129 
HIS N   H    sing N N 130 
HIS N   H2   sing N N 131 
HIS CA  C    sing N N 132 
HIS CA  CB   sing N N 133 
HIS CA  HA   sing N N 134 
HIS C   O    doub N N 135 
HIS C   OXT  sing N N 136 
HIS CB  CG   sing N N 137 
HIS CB  HB2  sing N N 138 
HIS CB  HB3  sing N N 139 
HIS CG  ND1  sing Y N 140 
HIS CG  CD2  doub Y N 141 
HIS ND1 CE1  doub Y N 142 
HIS ND1 HD1  sing N N 143 
HIS CD2 NE2  sing Y N 144 
HIS CD2 HD2  sing N N 145 
HIS CE1 NE2  sing Y N 146 
HIS CE1 HE1  sing N N 147 
HIS NE2 HE2  sing N N 148 
HIS OXT HXT  sing N N 149 
HOH O   H1   sing N N 150 
HOH O   H2   sing N N 151 
ILE N   CA   sing N N 152 
ILE N   H    sing N N 153 
ILE N   H2   sing N N 154 
ILE CA  C    sing N N 155 
ILE CA  CB   sing N N 156 
ILE CA  HA   sing N N 157 
ILE C   O    doub N N 158 
ILE C   OXT  sing N N 159 
ILE CB  CG1  sing N N 160 
ILE CB  CG2  sing N N 161 
ILE CB  HB   sing N N 162 
ILE CG1 CD1  sing N N 163 
ILE CG1 HG12 sing N N 164 
ILE CG1 HG13 sing N N 165 
ILE CG2 HG21 sing N N 166 
ILE CG2 HG22 sing N N 167 
ILE CG2 HG23 sing N N 168 
ILE CD1 HD11 sing N N 169 
ILE CD1 HD12 sing N N 170 
ILE CD1 HD13 sing N N 171 
ILE OXT HXT  sing N N 172 
LEU N   CA   sing N N 173 
LEU N   H    sing N N 174 
LEU N   H2   sing N N 175 
LEU CA  C    sing N N 176 
LEU CA  CB   sing N N 177 
LEU CA  HA   sing N N 178 
LEU C   O    doub N N 179 
LEU C   OXT  sing N N 180 
LEU CB  CG   sing N N 181 
LEU CB  HB2  sing N N 182 
LEU CB  HB3  sing N N 183 
LEU CG  CD1  sing N N 184 
LEU CG  CD2  sing N N 185 
LEU CG  HG   sing N N 186 
LEU CD1 HD11 sing N N 187 
LEU CD1 HD12 sing N N 188 
LEU CD1 HD13 sing N N 189 
LEU CD2 HD21 sing N N 190 
LEU CD2 HD22 sing N N 191 
LEU CD2 HD23 sing N N 192 
LEU OXT HXT  sing N N 193 
LYS N   CA   sing N N 194 
LYS N   H    sing N N 195 
LYS N   H2   sing N N 196 
LYS CA  C    sing N N 197 
LYS CA  CB   sing N N 198 
LYS CA  HA   sing N N 199 
LYS C   O    doub N N 200 
LYS C   OXT  sing N N 201 
LYS CB  CG   sing N N 202 
LYS CB  HB2  sing N N 203 
LYS CB  HB3  sing N N 204 
LYS CG  CD   sing N N 205 
LYS CG  HG2  sing N N 206 
LYS CG  HG3  sing N N 207 
LYS CD  CE   sing N N 208 
LYS CD  HD2  sing N N 209 
LYS CD  HD3  sing N N 210 
LYS CE  NZ   sing N N 211 
LYS CE  HE2  sing N N 212 
LYS CE  HE3  sing N N 213 
LYS NZ  HZ1  sing N N 214 
LYS NZ  HZ2  sing N N 215 
LYS NZ  HZ3  sing N N 216 
LYS OXT HXT  sing N N 217 
MET N   CA   sing N N 218 
MET N   H    sing N N 219 
MET N   H2   sing N N 220 
MET CA  C    sing N N 221 
MET CA  CB   sing N N 222 
MET CA  HA   sing N N 223 
MET C   O    doub N N 224 
MET C   OXT  sing N N 225 
MET CB  CG   sing N N 226 
MET CB  HB2  sing N N 227 
MET CB  HB3  sing N N 228 
MET CG  SD   sing N N 229 
MET CG  HG2  sing N N 230 
MET CG  HG3  sing N N 231 
MET SD  CE   sing N N 232 
MET CE  HE1  sing N N 233 
MET CE  HE2  sing N N 234 
MET CE  HE3  sing N N 235 
MET OXT HXT  sing N N 236 
PHE N   CA   sing N N 237 
PHE N   H    sing N N 238 
PHE N   H2   sing N N 239 
PHE CA  C    sing N N 240 
PHE CA  CB   sing N N 241 
PHE CA  HA   sing N N 242 
PHE C   O    doub N N 243 
PHE C   OXT  sing N N 244 
PHE CB  CG   sing N N 245 
PHE CB  HB2  sing N N 246 
PHE CB  HB3  sing N N 247 
PHE CG  CD1  doub Y N 248 
PHE CG  CD2  sing Y N 249 
PHE CD1 CE1  sing Y N 250 
PHE CD1 HD1  sing N N 251 
PHE CD2 CE2  doub Y N 252 
PHE CD2 HD2  sing N N 253 
PHE CE1 CZ   doub Y N 254 
PHE CE1 HE1  sing N N 255 
PHE CE2 CZ   sing Y N 256 
PHE CE2 HE2  sing N N 257 
PHE CZ  HZ   sing N N 258 
PHE OXT HXT  sing N N 259 
PRO N   CA   sing N N 260 
PRO N   CD   sing N N 261 
PRO N   H    sing N N 262 
PRO CA  C    sing N N 263 
PRO CA  CB   sing N N 264 
PRO CA  HA   sing N N 265 
PRO C   O    doub N N 266 
PRO C   OXT  sing N N 267 
PRO CB  CG   sing N N 268 
PRO CB  HB2  sing N N 269 
PRO CB  HB3  sing N N 270 
PRO CG  CD   sing N N 271 
PRO CG  HG2  sing N N 272 
PRO CG  HG3  sing N N 273 
PRO CD  HD2  sing N N 274 
PRO CD  HD3  sing N N 275 
PRO OXT HXT  sing N N 276 
SER N   CA   sing N N 277 
SER N   H    sing N N 278 
SER N   H2   sing N N 279 
SER CA  C    sing N N 280 
SER CA  CB   sing N N 281 
SER CA  HA   sing N N 282 
SER C   O    doub N N 283 
SER C   OXT  sing N N 284 
SER CB  OG   sing N N 285 
SER CB  HB2  sing N N 286 
SER CB  HB3  sing N N 287 
SER OG  HG   sing N N 288 
SER OXT HXT  sing N N 289 
THR N   CA   sing N N 290 
THR N   H    sing N N 291 
THR N   H2   sing N N 292 
THR CA  C    sing N N 293 
THR CA  CB   sing N N 294 
THR CA  HA   sing N N 295 
THR C   O    doub N N 296 
THR C   OXT  sing N N 297 
THR CB  OG1  sing N N 298 
THR CB  CG2  sing N N 299 
THR CB  HB   sing N N 300 
THR OG1 HG1  sing N N 301 
THR CG2 HG21 sing N N 302 
THR CG2 HG22 sing N N 303 
THR CG2 HG23 sing N N 304 
THR OXT HXT  sing N N 305 
TRP N   CA   sing N N 306 
TRP N   H    sing N N 307 
TRP N   H2   sing N N 308 
TRP CA  C    sing N N 309 
TRP CA  CB   sing N N 310 
TRP CA  HA   sing N N 311 
TRP C   O    doub N N 312 
TRP C   OXT  sing N N 313 
TRP CB  CG   sing N N 314 
TRP CB  HB2  sing N N 315 
TRP CB  HB3  sing N N 316 
TRP CG  CD1  doub Y N 317 
TRP CG  CD2  sing Y N 318 
TRP CD1 NE1  sing Y N 319 
TRP CD1 HD1  sing N N 320 
TRP CD2 CE2  doub Y N 321 
TRP CD2 CE3  sing Y N 322 
TRP NE1 CE2  sing Y N 323 
TRP NE1 HE1  sing N N 324 
TRP CE2 CZ2  sing Y N 325 
TRP CE3 CZ3  doub Y N 326 
TRP CE3 HE3  sing N N 327 
TRP CZ2 CH2  doub Y N 328 
TRP CZ2 HZ2  sing N N 329 
TRP CZ3 CH2  sing Y N 330 
TRP CZ3 HZ3  sing N N 331 
TRP CH2 HH2  sing N N 332 
TRP OXT HXT  sing N N 333 
TYR N   CA   sing N N 334 
TYR N   H    sing N N 335 
TYR N   H2   sing N N 336 
TYR CA  C    sing N N 337 
TYR CA  CB   sing N N 338 
TYR CA  HA   sing N N 339 
TYR C   O    doub N N 340 
TYR C   OXT  sing N N 341 
TYR CB  CG   sing N N 342 
TYR CB  HB2  sing N N 343 
TYR CB  HB3  sing N N 344 
TYR CG  CD1  doub Y N 345 
TYR CG  CD2  sing Y N 346 
TYR CD1 CE1  sing Y N 347 
TYR CD1 HD1  sing N N 348 
TYR CD2 CE2  doub Y N 349 
TYR CD2 HD2  sing N N 350 
TYR CE1 CZ   doub Y N 351 
TYR CE1 HE1  sing N N 352 
TYR CE2 CZ   sing Y N 353 
TYR CE2 HE2  sing N N 354 
TYR CZ  OH   sing N N 355 
TYR OH  HH   sing N N 356 
TYR OXT HXT  sing N N 357 
VAL N   CA   sing N N 358 
VAL N   H    sing N N 359 
VAL N   H2   sing N N 360 
VAL CA  C    sing N N 361 
VAL CA  CB   sing N N 362 
VAL CA  HA   sing N N 363 
VAL C   O    doub N N 364 
VAL C   OXT  sing N N 365 
VAL CB  CG1  sing N N 366 
VAL CB  CG2  sing N N 367 
VAL CB  HB   sing N N 368 
VAL CG1 HG11 sing N N 369 
VAL CG1 HG12 sing N N 370 
VAL CG1 HG13 sing N N 371 
VAL CG2 HG21 sing N N 372 
VAL CG2 HG22 sing N N 373 
VAL CG2 HG23 sing N N 374 
VAL OXT HXT  sing N N 375 
# 
_pdbx_audit_support.funding_organization   
'National Institutes of Health/National Institute of General Medical Sciences (NIH/NIGMS)' 
_pdbx_audit_support.country                'United States' 
_pdbx_audit_support.grant_number           146209 
_pdbx_audit_support.ordinal                1 
# 
_pdbx_entity_nonpoly.entity_id   2 
_pdbx_entity_nonpoly.name        water 
_pdbx_entity_nonpoly.comp_id     HOH 
# 
_pdbx_initial_refinement_model.id               1 
_pdbx_initial_refinement_model.entity_id_list   ? 
_pdbx_initial_refinement_model.type             'experimental model' 
_pdbx_initial_refinement_model.source_name      PDB 
_pdbx_initial_refinement_model.accession_code   1JI7 
_pdbx_initial_refinement_model.details          ? 
# 
_space_group.name_H-M_alt     'P 64' 
_space_group.name_Hall        'P 64' 
_space_group.IT_number        172 
_space_group.crystal_system   hexagonal 
_space_group.id               1 
# 
